data_1IXD
#
_entry.id   1IXD
#
_entity_poly.entity_id   1
_entity_poly.type   'polypeptide(L)'
_entity_poly.pdbx_seq_one_letter_code
;GSSGSSGLAMPPGNSHGLEVGSLAEVKENPPFYGVIRWIGQPPGLNEVLAGLELEDECAGCTDGTFRGTRYFTCALKKAL
FVKLKSCRPDSRFASLQPSGPSSG
;
_entity_poly.pdbx_strand_id   A
#
# COMPACT_ATOMS: atom_id res chain seq x y z
N GLY A 1 20.83 -2.04 -15.89
CA GLY A 1 19.93 -3.08 -15.30
C GLY A 1 20.59 -3.82 -14.15
N SER A 2 19.84 -3.97 -13.05
CA SER A 2 20.36 -4.68 -11.88
C SER A 2 20.61 -6.15 -12.19
N SER A 3 21.63 -6.71 -11.57
CA SER A 3 21.99 -8.11 -11.78
C SER A 3 21.21 -9.01 -10.82
N GLY A 4 20.11 -9.58 -11.32
CA GLY A 4 19.30 -10.45 -10.49
C GLY A 4 18.47 -11.43 -11.32
N SER A 5 17.40 -11.93 -10.73
CA SER A 5 16.53 -12.88 -11.42
C SER A 5 15.13 -12.30 -11.61
N SER A 6 14.65 -11.59 -10.59
CA SER A 6 13.33 -10.98 -10.65
C SER A 6 13.42 -9.53 -11.13
N GLY A 7 12.66 -9.21 -12.17
CA GLY A 7 12.66 -7.85 -12.71
C GLY A 7 11.43 -7.07 -12.32
N LEU A 8 10.93 -6.25 -13.25
CA LEU A 8 9.75 -5.43 -13.00
C LEU A 8 10.02 -4.40 -11.91
N ALA A 9 11.23 -3.83 -11.94
CA ALA A 9 11.61 -2.82 -10.96
C ALA A 9 11.64 -1.43 -11.58
N MET A 10 10.96 -0.49 -10.94
CA MET A 10 10.90 0.89 -11.43
C MET A 10 11.07 1.88 -10.28
N PRO A 11 12.28 1.95 -9.71
CA PRO A 11 12.58 2.87 -8.60
C PRO A 11 12.24 4.32 -8.94
N PRO A 12 12.62 4.79 -10.13
CA PRO A 12 12.35 6.17 -10.57
C PRO A 12 10.85 6.47 -10.60
N GLY A 13 10.05 5.41 -10.64
CA GLY A 13 8.61 5.58 -10.68
C GLY A 13 8.04 5.97 -9.33
N ASN A 14 7.62 4.97 -8.55
CA ASN A 14 7.05 5.22 -7.24
C ASN A 14 8.03 4.84 -6.14
N SER A 15 8.53 3.61 -6.20
CA SER A 15 9.49 3.12 -5.21
C SER A 15 9.95 1.71 -5.55
N HIS A 16 9.00 0.87 -5.96
CA HIS A 16 9.31 -0.51 -6.32
C HIS A 16 8.15 -1.16 -7.06
N GLY A 17 6.99 -1.18 -6.42
CA GLY A 17 5.81 -1.77 -7.04
C GLY A 17 4.59 -1.72 -6.14
N LEU A 18 4.14 -0.49 -5.85
CA LEU A 18 2.97 -0.30 -5.00
C LEU A 18 1.77 0.17 -5.81
N GLU A 19 0.78 -0.69 -5.95
CA GLU A 19 -0.43 -0.35 -6.70
C GLU A 19 -1.67 -0.93 -6.03
N VAL A 20 -2.84 -0.59 -6.57
CA VAL A 20 -4.10 -1.07 -6.01
C VAL A 20 -4.19 -2.59 -6.10
N GLY A 21 -4.60 -3.22 -5.00
CA GLY A 21 -4.72 -4.67 -4.97
C GLY A 21 -3.53 -5.33 -4.31
N SER A 22 -2.36 -4.70 -4.41
CA SER A 22 -1.14 -5.24 -3.82
C SER A 22 -1.00 -4.82 -2.37
N LEU A 23 -0.36 -5.66 -1.57
CA LEU A 23 -0.16 -5.36 -0.16
C LEU A 23 1.04 -4.45 0.05
N ALA A 24 0.94 -3.56 1.02
CA ALA A 24 2.02 -2.63 1.32
C ALA A 24 2.13 -2.37 2.82
N GLU A 25 3.21 -1.72 3.23
CA GLU A 25 3.44 -1.40 4.64
C GLU A 25 3.84 0.06 4.81
N VAL A 26 3.41 0.65 5.92
CA VAL A 26 3.73 2.04 6.20
C VAL A 26 4.71 2.15 7.37
N LYS A 27 5.68 3.06 7.25
CA LYS A 27 6.68 3.26 8.29
C LYS A 27 6.18 4.26 9.33
N GLU A 28 5.59 3.77 10.40
CA GLU A 28 5.07 4.61 11.46
C GLU A 28 5.30 3.99 12.83
N ASN A 29 4.83 4.65 13.88
CA ASN A 29 4.99 4.16 15.24
C ASN A 29 4.28 2.81 15.40
N PRO A 30 2.97 2.77 15.17
CA PRO A 30 2.18 1.54 15.30
C PRO A 30 2.37 0.61 14.10
N PRO A 31 3.06 -0.53 14.30
CA PRO A 31 3.30 -1.50 13.23
C PRO A 31 2.04 -2.23 12.81
N PHE A 32 1.50 -1.85 11.65
CA PHE A 32 0.28 -2.46 11.12
C PHE A 32 0.47 -2.92 9.69
N TYR A 33 -0.48 -3.68 9.17
CA TYR A 33 -0.42 -4.18 7.81
C TYR A 33 -1.74 -3.96 7.08
N GLY A 34 -1.65 -3.53 5.82
CA GLY A 34 -2.85 -3.29 5.04
C GLY A 34 -2.59 -3.34 3.55
N VAL A 35 -3.65 -3.54 2.77
CA VAL A 35 -3.53 -3.61 1.32
C VAL A 35 -3.98 -2.31 0.67
N ILE A 36 -3.35 -1.98 -0.46
CA ILE A 36 -3.68 -0.75 -1.18
C ILE A 36 -5.10 -0.82 -1.76
N ARG A 37 -5.76 0.33 -1.79
CA ARG A 37 -7.12 0.41 -2.32
C ARG A 37 -7.24 1.51 -3.36
N TRP A 38 -7.04 2.75 -2.93
CA TRP A 38 -7.12 3.90 -3.84
C TRP A 38 -5.83 4.70 -3.83
N ILE A 39 -5.37 5.06 -5.02
CA ILE A 39 -4.14 5.84 -5.15
C ILE A 39 -4.39 7.09 -6.00
N GLY A 40 -4.43 8.25 -5.34
CA GLY A 40 -4.68 9.48 -6.05
C GLY A 40 -4.35 10.71 -5.22
N GLN A 41 -4.71 11.88 -5.74
CA GLN A 41 -4.46 13.14 -5.05
C GLN A 41 -5.74 13.94 -4.92
N PRO A 42 -6.23 14.16 -3.68
CA PRO A 42 -7.46 14.92 -3.43
C PRO A 42 -7.40 16.32 -4.01
N PRO A 43 -8.57 16.96 -4.22
CA PRO A 43 -8.64 18.32 -4.77
C PRO A 43 -8.19 19.37 -3.77
N GLY A 44 -6.89 19.64 -3.76
CA GLY A 44 -6.35 20.63 -2.84
C GLY A 44 -4.87 20.43 -2.57
N LEU A 45 -4.51 19.21 -2.20
CA LEU A 45 -3.12 18.89 -1.91
C LEU A 45 -2.61 17.78 -2.82
N ASN A 46 -1.68 18.12 -3.70
CA ASN A 46 -1.12 17.14 -4.62
C ASN A 46 -0.18 16.19 -3.89
N GLU A 47 -0.63 14.95 -3.72
CA GLU A 47 0.16 13.94 -3.03
C GLU A 47 -0.43 12.55 -3.23
N VAL A 48 0.35 11.65 -3.82
CA VAL A 48 -0.10 10.30 -4.06
C VAL A 48 -0.38 9.57 -2.75
N LEU A 49 -1.65 9.48 -2.39
CA LEU A 49 -2.05 8.82 -1.14
C LEU A 49 -2.69 7.47 -1.43
N ALA A 50 -2.02 6.41 -1.01
CA ALA A 50 -2.52 5.06 -1.22
C ALA A 50 -3.36 4.60 -0.04
N GLY A 51 -4.65 4.38 -0.28
CA GLY A 51 -5.54 3.94 0.77
C GLY A 51 -5.25 2.51 1.22
N LEU A 52 -4.80 2.36 2.46
CA LEU A 52 -4.48 1.05 3.00
C LEU A 52 -5.55 0.59 3.97
N GLU A 53 -6.03 -0.65 3.78
CA GLU A 53 -7.07 -1.20 4.64
C GLU A 53 -6.46 -2.11 5.70
N LEU A 54 -6.47 -1.65 6.96
CA LEU A 54 -5.92 -2.41 8.06
C LEU A 54 -6.76 -3.67 8.33
N GLU A 55 -6.08 -4.79 8.49
CA GLU A 55 -6.77 -6.06 8.76
C GLU A 55 -7.41 -6.05 10.14
N ASP A 56 -6.76 -5.38 11.09
CA ASP A 56 -7.26 -5.30 12.46
C ASP A 56 -8.11 -4.06 12.64
N GLU A 57 -9.25 -4.21 13.33
CA GLU A 57 -10.15 -3.10 13.57
C GLU A 57 -9.61 -2.20 14.67
N CYS A 58 -9.02 -1.07 14.27
CA CYS A 58 -8.47 -0.12 15.22
C CYS A 58 -9.35 1.11 15.34
N ALA A 59 -9.58 1.55 16.58
CA ALA A 59 -10.41 2.72 16.83
C ALA A 59 -9.68 4.01 16.44
N GLY A 60 -10.26 4.74 15.49
CA GLY A 60 -9.66 5.98 15.05
C GLY A 60 -9.63 6.10 13.54
N CYS A 61 -9.58 4.97 12.85
CA CYS A 61 -9.55 4.96 11.39
C CYS A 61 -10.95 5.18 10.82
N THR A 62 -11.03 5.28 9.50
CA THR A 62 -12.31 5.50 8.82
C THR A 62 -12.73 4.24 8.05
N ASP A 63 -13.86 4.34 7.35
CA ASP A 63 -14.36 3.22 6.57
C ASP A 63 -14.00 3.38 5.09
N GLY A 64 -12.86 4.01 4.84
CA GLY A 64 -12.42 4.21 3.47
C GLY A 64 -12.87 5.55 2.91
N THR A 65 -12.80 6.59 3.73
CA THR A 65 -13.21 7.93 3.31
C THR A 65 -12.14 8.96 3.66
N PHE A 66 -11.61 9.61 2.64
CA PHE A 66 -10.57 10.62 2.85
C PHE A 66 -11.11 12.02 2.52
N ARG A 67 -11.07 12.91 3.50
CA ARG A 67 -11.55 14.26 3.33
C ARG A 67 -13.02 14.28 2.93
N GLY A 68 -13.76 13.29 3.41
CA GLY A 68 -15.18 13.20 3.09
C GLY A 68 -15.43 12.76 1.67
N THR A 69 -14.49 12.01 1.10
CA THR A 69 -14.62 11.52 -0.26
C THR A 69 -14.26 10.03 -0.35
N ARG A 70 -15.28 9.18 -0.26
CA ARG A 70 -15.07 7.73 -0.33
C ARG A 70 -14.51 7.33 -1.69
N TYR A 71 -13.38 6.63 -1.67
CA TYR A 71 -12.74 6.18 -2.91
C TYR A 71 -13.06 4.71 -3.17
N PHE A 72 -13.14 3.92 -2.10
CA PHE A 72 -13.44 2.50 -2.23
C PHE A 72 -14.39 2.05 -1.13
N THR A 73 -14.77 0.78 -1.17
CA THR A 73 -15.68 0.22 -0.18
C THR A 73 -14.97 -0.80 0.71
N CYS A 74 -14.84 -0.46 1.99
CA CYS A 74 -14.17 -1.35 2.94
C CYS A 74 -14.93 -1.38 4.27
N ALA A 75 -14.43 -2.18 5.20
CA ALA A 75 -15.05 -2.30 6.52
C ALA A 75 -14.89 -1.03 7.33
N LEU A 76 -15.54 -0.99 8.49
CA LEU A 76 -15.45 0.18 9.37
C LEU A 76 -14.21 0.11 10.26
N LYS A 77 -13.56 1.25 10.42
CA LYS A 77 -12.35 1.32 11.25
C LYS A 77 -11.26 0.41 10.70
N LYS A 78 -11.13 0.38 9.38
CA LYS A 78 -10.13 -0.46 8.73
C LYS A 78 -9.64 0.17 7.43
N ALA A 79 -9.52 1.50 7.43
CA ALA A 79 -9.07 2.22 6.25
C ALA A 79 -8.22 3.42 6.63
N LEU A 80 -6.91 3.29 6.43
CA LEU A 80 -5.97 4.37 6.76
C LEU A 80 -5.23 4.83 5.52
N PHE A 81 -5.39 6.10 5.17
CA PHE A 81 -4.73 6.67 4.00
C PHE A 81 -3.33 7.15 4.35
N VAL A 82 -2.38 6.91 3.45
CA VAL A 82 -0.99 7.31 3.67
C VAL A 82 -0.31 7.66 2.35
N LYS A 83 0.84 8.33 2.44
CA LYS A 83 1.59 8.71 1.26
C LYS A 83 2.18 7.50 0.57
N LEU A 84 1.80 7.29 -0.70
CA LEU A 84 2.29 6.17 -1.48
C LEU A 84 3.81 6.20 -1.57
N LYS A 85 4.37 7.40 -1.64
CA LYS A 85 5.82 7.57 -1.74
C LYS A 85 6.52 7.04 -0.50
N SER A 86 5.80 7.03 0.62
CA SER A 86 6.35 6.56 1.88
C SER A 86 5.83 5.16 2.21
N CYS A 87 5.56 4.38 1.18
CA CYS A 87 5.06 3.03 1.36
C CYS A 87 6.13 2.00 1.00
N ARG A 88 5.96 0.78 1.49
CA ARG A 88 6.91 -0.30 1.24
C ARG A 88 6.18 -1.58 0.80
N PRO A 89 6.68 -2.25 -0.25
CA PRO A 89 6.06 -3.49 -0.74
C PRO A 89 5.91 -4.54 0.35
N ASP A 90 4.72 -5.10 0.46
CA ASP A 90 4.44 -6.13 1.47
C ASP A 90 4.42 -7.51 0.84
N SER A 91 5.46 -8.30 1.11
CA SER A 91 5.56 -9.65 0.58
C SER A 91 5.12 -10.68 1.61
N ARG A 92 4.18 -10.28 2.47
CA ARG A 92 3.67 -11.17 3.50
C ARG A 92 2.89 -12.33 2.89
N PHE A 93 2.27 -12.08 1.75
CA PHE A 93 1.49 -13.10 1.05
C PHE A 93 1.99 -13.30 -0.36
N ALA A 94 3.28 -13.08 -0.57
CA ALA A 94 3.88 -13.24 -1.90
C ALA A 94 4.52 -14.62 -2.05
N SER A 95 4.07 -15.35 -3.07
CA SER A 95 4.58 -16.69 -3.33
C SER A 95 5.41 -16.72 -4.61
N LEU A 96 6.37 -17.64 -4.67
CA LEU A 96 7.23 -17.77 -5.84
C LEU A 96 7.47 -19.24 -6.17
N GLN A 97 6.76 -19.74 -7.18
CA GLN A 97 6.90 -21.12 -7.60
C GLN A 97 6.53 -22.08 -6.47
N PRO A 98 5.24 -22.42 -6.35
CA PRO A 98 4.75 -23.33 -5.30
C PRO A 98 5.55 -24.63 -5.25
N SER A 99 6.08 -25.04 -6.40
CA SER A 99 6.86 -26.26 -6.49
C SER A 99 8.15 -26.04 -7.29
N GLY A 100 9.17 -26.84 -7.00
CA GLY A 100 10.43 -26.71 -7.70
C GLY A 100 10.35 -27.18 -9.14
N PRO A 101 10.04 -28.48 -9.36
CA PRO A 101 9.94 -29.03 -10.70
C PRO A 101 8.71 -28.51 -11.46
N SER A 102 8.94 -27.66 -12.44
CA SER A 102 7.86 -27.09 -13.23
C SER A 102 7.49 -28.00 -14.40
N SER A 103 8.50 -28.66 -14.95
CA SER A 103 8.29 -29.58 -16.07
C SER A 103 7.39 -30.74 -15.67
N GLY A 104 6.14 -30.70 -16.14
CA GLY A 104 5.20 -31.75 -15.82
C GLY A 104 5.54 -33.06 -16.50
N GLY A 1 32.44 -12.16 -18.54
CA GLY A 1 31.85 -11.92 -17.21
C GLY A 1 30.43 -12.44 -17.10
N SER A 2 29.75 -12.08 -16.01
CA SER A 2 28.38 -12.52 -15.79
C SER A 2 27.41 -11.74 -16.67
N SER A 3 26.22 -12.29 -16.85
CA SER A 3 25.20 -11.65 -17.67
C SER A 3 24.57 -10.46 -16.94
N GLY A 4 24.28 -10.66 -15.66
CA GLY A 4 23.68 -9.59 -14.87
C GLY A 4 22.16 -9.70 -14.81
N SER A 5 21.60 -9.31 -13.68
CA SER A 5 20.15 -9.37 -13.50
C SER A 5 19.73 -8.62 -12.23
N SER A 6 19.47 -7.33 -12.36
CA SER A 6 19.06 -6.51 -11.22
C SER A 6 17.54 -6.46 -11.11
N GLY A 7 16.98 -7.36 -10.29
CA GLY A 7 15.55 -7.40 -10.11
C GLY A 7 15.14 -7.07 -8.69
N LEU A 8 15.88 -6.17 -8.04
CA LEU A 8 15.59 -5.77 -6.68
C LEU A 8 14.93 -4.39 -6.64
N ALA A 9 15.31 -3.53 -7.58
CA ALA A 9 14.76 -2.19 -7.66
C ALA A 9 13.94 -2.00 -8.93
N MET A 10 12.84 -1.27 -8.82
CA MET A 10 11.97 -1.01 -9.95
C MET A 10 11.42 0.42 -9.91
N PRO A 11 12.12 1.36 -10.56
CA PRO A 11 11.69 2.77 -10.59
C PRO A 11 10.29 2.94 -11.18
N PRO A 12 10.00 2.29 -12.33
CA PRO A 12 8.69 2.37 -12.97
C PRO A 12 7.56 1.97 -12.03
N GLY A 13 7.91 1.21 -10.99
CA GLY A 13 6.91 0.77 -10.03
C GLY A 13 7.37 0.96 -8.60
N ASN A 14 7.83 2.17 -8.28
CA ASN A 14 8.31 2.48 -6.94
C ASN A 14 9.51 1.62 -6.57
N SER A 15 9.27 0.38 -6.18
CA SER A 15 10.35 -0.54 -5.81
C SER A 15 10.06 -1.95 -6.29
N HIS A 16 8.84 -2.41 -6.04
CA HIS A 16 8.43 -3.75 -6.44
C HIS A 16 7.12 -3.71 -7.22
N GLY A 17 6.15 -2.95 -6.71
CA GLY A 17 4.87 -2.84 -7.37
C GLY A 17 3.75 -2.52 -6.40
N LEU A 18 3.83 -1.35 -5.76
CA LEU A 18 2.82 -0.92 -4.80
C LEU A 18 1.59 -0.36 -5.52
N GLU A 19 0.57 -1.19 -5.70
CA GLU A 19 -0.65 -0.76 -6.37
C GLU A 19 -1.88 -1.30 -5.65
N VAL A 20 -3.06 -0.97 -6.17
CA VAL A 20 -4.31 -1.42 -5.57
C VAL A 20 -4.40 -2.94 -5.58
N GLY A 21 -4.83 -3.52 -4.46
CA GLY A 21 -4.96 -4.96 -4.36
C GLY A 21 -3.77 -5.59 -3.68
N SER A 22 -2.60 -4.99 -3.87
CA SER A 22 -1.37 -5.52 -3.27
C SER A 22 -1.19 -4.98 -1.85
N LEU A 23 -0.55 -5.78 -1.00
CA LEU A 23 -0.32 -5.38 0.38
C LEU A 23 0.94 -4.53 0.50
N ALA A 24 0.87 -3.47 1.30
CA ALA A 24 2.00 -2.58 1.50
C ALA A 24 2.11 -2.15 2.95
N GLU A 25 3.32 -1.81 3.38
CA GLU A 25 3.57 -1.38 4.75
C GLU A 25 4.11 0.04 4.79
N VAL A 26 3.70 0.80 5.80
CA VAL A 26 4.14 2.18 5.95
C VAL A 26 5.28 2.28 6.96
N LYS A 27 6.05 3.36 6.86
CA LYS A 27 7.18 3.57 7.75
C LYS A 27 6.78 4.45 8.93
N GLU A 28 5.66 4.12 9.56
CA GLU A 28 5.16 4.88 10.70
C GLU A 28 5.61 4.24 12.01
N ASN A 29 5.30 4.90 13.13
CA ASN A 29 5.67 4.40 14.44
C ASN A 29 5.06 3.02 14.70
N PRO A 30 3.72 2.92 14.63
CA PRO A 30 3.01 1.66 14.84
C PRO A 30 3.13 0.71 13.65
N PRO A 31 3.89 -0.40 13.80
CA PRO A 31 4.07 -1.38 12.73
C PRO A 31 2.79 -2.14 12.41
N PHE A 32 1.93 -1.53 11.59
CA PHE A 32 0.68 -2.15 11.21
C PHE A 32 0.77 -2.77 9.81
N TYR A 33 -0.27 -3.50 9.42
CA TYR A 33 -0.31 -4.14 8.11
C TYR A 33 -1.64 -3.90 7.41
N GLY A 34 -1.57 -3.42 6.18
CA GLY A 34 -2.80 -3.15 5.43
C GLY A 34 -2.62 -3.39 3.94
N VAL A 35 -3.71 -3.26 3.18
CA VAL A 35 -3.67 -3.48 1.74
C VAL A 35 -4.09 -2.21 0.99
N ILE A 36 -3.44 -1.95 -0.13
CA ILE A 36 -3.75 -0.79 -0.95
C ILE A 36 -5.16 -0.86 -1.49
N ARG A 37 -5.88 0.26 -1.44
CA ARG A 37 -7.25 0.32 -1.93
C ARG A 37 -7.38 1.37 -3.04
N TRP A 38 -7.15 2.63 -2.69
CA TRP A 38 -7.24 3.72 -3.64
C TRP A 38 -5.94 4.51 -3.70
N ILE A 39 -5.48 4.78 -4.93
CA ILE A 39 -4.26 5.54 -5.12
C ILE A 39 -4.51 6.75 -6.02
N GLY A 40 -4.55 7.93 -5.43
CA GLY A 40 -4.79 9.13 -6.19
C GLY A 40 -4.44 10.40 -5.43
N GLN A 41 -4.83 11.55 -5.99
CA GLN A 41 -4.55 12.83 -5.37
C GLN A 41 -5.83 13.66 -5.25
N PRO A 42 -6.27 13.94 -4.01
CA PRO A 42 -7.49 14.72 -3.77
C PRO A 42 -7.43 16.10 -4.43
N PRO A 43 -8.60 16.73 -4.65
CA PRO A 43 -8.67 18.06 -5.26
C PRO A 43 -8.18 19.16 -4.32
N GLY A 44 -6.88 19.41 -4.35
CA GLY A 44 -6.32 20.44 -3.49
C GLY A 44 -4.83 20.24 -3.24
N LEU A 45 -4.46 19.04 -2.83
CA LEU A 45 -3.07 18.73 -2.56
C LEU A 45 -2.58 17.57 -3.43
N ASN A 46 -1.67 17.87 -4.36
CA ASN A 46 -1.15 16.84 -5.24
C ASN A 46 -0.20 15.92 -4.49
N GLU A 47 -0.65 14.69 -4.24
CA GLU A 47 0.15 13.71 -3.53
C GLU A 47 -0.46 12.31 -3.67
N VAL A 48 0.31 11.38 -4.22
CA VAL A 48 -0.16 10.02 -4.39
C VAL A 48 -0.38 9.35 -3.04
N LEU A 49 -1.64 9.30 -2.61
CA LEU A 49 -1.98 8.70 -1.32
C LEU A 49 -2.68 7.36 -1.53
N ALA A 50 -2.02 6.29 -1.10
CA ALA A 50 -2.58 4.95 -1.24
C ALA A 50 -3.39 4.56 0.00
N GLY A 51 -4.69 4.38 -0.18
CA GLY A 51 -5.54 4.01 0.93
C GLY A 51 -5.30 2.60 1.41
N LEU A 52 -4.64 2.46 2.56
CA LEU A 52 -4.33 1.15 3.12
C LEU A 52 -5.40 0.72 4.12
N GLU A 53 -5.92 -0.49 3.94
CA GLU A 53 -6.96 -1.01 4.82
C GLU A 53 -6.35 -1.90 5.90
N LEU A 54 -6.40 -1.42 7.14
CA LEU A 54 -5.85 -2.17 8.27
C LEU A 54 -6.69 -3.40 8.58
N GLU A 55 -6.04 -4.51 8.87
CA GLU A 55 -6.73 -5.76 9.18
C GLU A 55 -7.38 -5.69 10.55
N ASP A 56 -6.75 -4.95 11.46
CA ASP A 56 -7.27 -4.79 12.82
C ASP A 56 -8.12 -3.53 12.94
N GLU A 57 -9.35 -3.70 13.44
CA GLU A 57 -10.25 -2.58 13.61
C GLU A 57 -9.78 -1.65 14.71
N CYS A 58 -9.16 -0.53 14.33
CA CYS A 58 -8.65 0.43 15.30
C CYS A 58 -9.54 1.67 15.33
N ALA A 59 -10.09 1.97 16.51
CA ALA A 59 -10.95 3.13 16.68
C ALA A 59 -10.21 4.42 16.37
N GLY A 60 -10.75 5.19 15.43
CA GLY A 60 -10.13 6.45 15.05
C GLY A 60 -10.08 6.65 13.55
N CYS A 61 -10.04 5.54 12.81
CA CYS A 61 -10.00 5.60 11.35
C CYS A 61 -11.41 5.58 10.77
N THR A 62 -11.50 5.73 9.46
CA THR A 62 -12.78 5.73 8.77
C THR A 62 -13.03 4.39 8.07
N ASP A 63 -14.07 4.34 7.24
CA ASP A 63 -14.40 3.13 6.52
C ASP A 63 -14.02 3.26 5.04
N GLY A 64 -12.97 4.02 4.78
CA GLY A 64 -12.51 4.20 3.42
C GLY A 64 -12.94 5.53 2.84
N THR A 65 -12.74 6.60 3.61
CA THR A 65 -13.12 7.94 3.17
C THR A 65 -12.02 8.95 3.50
N PHE A 66 -11.52 9.63 2.48
CA PHE A 66 -10.46 10.62 2.66
C PHE A 66 -11.00 12.03 2.43
N ARG A 67 -10.95 12.85 3.48
CA ARG A 67 -11.43 14.22 3.39
C ARG A 67 -12.91 14.26 3.04
N GLY A 68 -13.66 13.29 3.55
CA GLY A 68 -15.09 13.24 3.27
C GLY A 68 -15.39 12.79 1.85
N THR A 69 -14.49 11.98 1.29
CA THR A 69 -14.66 11.48 -0.07
C THR A 69 -14.39 9.98 -0.14
N ARG A 70 -15.45 9.20 -0.29
CA ARG A 70 -15.32 7.75 -0.37
C ARG A 70 -14.69 7.32 -1.70
N TYR A 71 -13.57 6.61 -1.62
CA TYR A 71 -12.88 6.15 -2.81
C TYR A 71 -13.14 4.66 -3.06
N PHE A 72 -13.13 3.88 -1.98
CA PHE A 72 -13.37 2.45 -2.07
C PHE A 72 -14.33 1.99 -0.99
N THR A 73 -14.75 0.73 -1.07
CA THR A 73 -15.67 0.15 -0.09
C THR A 73 -14.95 -0.85 0.81
N CYS A 74 -14.84 -0.52 2.09
CA CYS A 74 -14.18 -1.41 3.05
C CYS A 74 -14.93 -1.41 4.38
N ALA A 75 -14.38 -2.13 5.35
CA ALA A 75 -14.99 -2.22 6.68
C ALA A 75 -14.75 -0.94 7.47
N LEU A 76 -15.51 -0.78 8.56
CA LEU A 76 -15.38 0.40 9.42
C LEU A 76 -14.15 0.29 10.31
N LYS A 77 -13.48 1.41 10.52
CA LYS A 77 -12.29 1.44 11.36
C LYS A 77 -11.18 0.57 10.77
N LYS A 78 -11.05 0.60 9.44
CA LYS A 78 -10.04 -0.19 8.76
C LYS A 78 -9.58 0.49 7.47
N ALA A 79 -9.44 1.81 7.53
CA ALA A 79 -9.01 2.59 6.37
C ALA A 79 -8.07 3.71 6.78
N LEU A 80 -6.80 3.57 6.42
CA LEU A 80 -5.79 4.57 6.75
C LEU A 80 -5.09 5.06 5.49
N PHE A 81 -5.38 6.30 5.10
CA PHE A 81 -4.77 6.88 3.90
C PHE A 81 -3.38 7.42 4.22
N VAL A 82 -2.41 7.10 3.36
CA VAL A 82 -1.04 7.56 3.54
C VAL A 82 -0.33 7.77 2.21
N LYS A 83 0.81 8.43 2.24
CA LYS A 83 1.58 8.69 1.02
C LYS A 83 2.11 7.39 0.42
N LEU A 84 1.75 7.16 -0.83
CA LEU A 84 2.17 5.95 -1.53
C LEU A 84 3.69 5.86 -1.59
N LYS A 85 4.35 7.02 -1.72
CA LYS A 85 5.81 7.07 -1.78
C LYS A 85 6.43 6.58 -0.48
N SER A 86 5.67 6.69 0.61
CA SER A 86 6.16 6.27 1.92
C SER A 86 5.65 4.87 2.26
N CYS A 87 5.51 4.03 1.24
CA CYS A 87 5.03 2.66 1.43
C CYS A 87 6.12 1.65 1.07
N ARG A 88 5.97 0.43 1.57
CA ARG A 88 6.93 -0.63 1.29
C ARG A 88 6.22 -1.93 0.92
N PRO A 89 6.80 -2.71 -0.01
CA PRO A 89 6.22 -3.98 -0.46
C PRO A 89 5.93 -4.92 0.71
N ASP A 90 4.68 -5.33 0.85
CA ASP A 90 4.27 -6.23 1.92
C ASP A 90 4.09 -7.65 1.39
N SER A 91 5.07 -8.51 1.64
CA SER A 91 5.01 -9.89 1.19
C SER A 91 4.56 -10.81 2.32
N ARG A 92 3.73 -10.28 3.22
CA ARG A 92 3.23 -11.06 4.34
C ARG A 92 2.36 -12.22 3.86
N PHE A 93 1.68 -12.01 2.74
CA PHE A 93 0.81 -13.04 2.17
C PHE A 93 1.44 -13.65 0.92
N ALA A 94 2.76 -13.70 0.88
CA ALA A 94 3.48 -14.27 -0.25
C ALA A 94 3.08 -15.72 -0.48
N SER A 95 2.58 -16.00 -1.67
CA SER A 95 2.17 -17.36 -2.03
C SER A 95 3.16 -18.01 -2.99
N LEU A 96 3.21 -19.33 -2.97
CA LEU A 96 4.12 -20.08 -3.83
C LEU A 96 3.85 -21.57 -3.76
N GLN A 97 3.11 -22.08 -4.74
CA GLN A 97 2.77 -23.50 -4.79
C GLN A 97 1.97 -23.91 -3.56
N PRO A 98 1.29 -25.07 -3.62
CA PRO A 98 0.49 -25.57 -2.51
C PRO A 98 1.34 -26.02 -1.33
N SER A 99 1.05 -25.48 -0.15
CA SER A 99 1.80 -25.83 1.05
C SER A 99 0.86 -26.08 2.23
N GLY A 100 -0.01 -25.12 2.51
CA GLY A 100 -0.95 -25.25 3.60
C GLY A 100 -2.18 -26.07 3.21
N PRO A 101 -3.26 -25.98 3.99
CA PRO A 101 -4.50 -26.72 3.70
C PRO A 101 -5.22 -26.20 2.47
N SER A 102 -5.34 -24.87 2.37
CA SER A 102 -6.01 -24.24 1.24
C SER A 102 -5.36 -22.91 0.90
N SER A 103 -4.21 -22.97 0.24
CA SER A 103 -3.48 -21.78 -0.16
C SER A 103 -2.93 -21.04 1.06
N GLY A 104 -3.83 -20.43 1.83
CA GLY A 104 -3.40 -19.71 3.02
C GLY A 104 -3.45 -18.20 2.83
N GLY A 1 17.07 11.52 -26.86
CA GLY A 1 16.26 11.13 -25.67
C GLY A 1 16.50 12.03 -24.48
N SER A 2 16.20 13.31 -24.64
CA SER A 2 16.38 14.29 -23.57
C SER A 2 15.41 14.01 -22.42
N SER A 3 14.11 14.12 -22.71
CA SER A 3 13.08 13.88 -21.70
C SER A 3 13.16 12.44 -21.17
N GLY A 4 13.10 12.31 -19.85
CA GLY A 4 13.15 11.00 -19.24
C GLY A 4 14.09 10.95 -18.05
N SER A 5 13.58 10.49 -16.92
CA SER A 5 14.38 10.40 -15.70
C SER A 5 15.05 9.04 -15.59
N SER A 6 16.14 8.98 -14.83
CA SER A 6 16.88 7.73 -14.65
C SER A 6 16.16 6.81 -13.67
N GLY A 7 15.69 5.68 -14.18
CA GLY A 7 14.99 4.72 -13.33
C GLY A 7 15.78 3.45 -13.12
N LEU A 8 16.63 3.45 -12.09
CA LEU A 8 17.45 2.29 -11.78
C LEU A 8 16.58 1.08 -11.46
N ALA A 9 15.44 1.33 -10.82
CA ALA A 9 14.52 0.26 -10.46
C ALA A 9 13.17 0.82 -10.01
N MET A 10 12.78 1.94 -10.59
CA MET A 10 11.52 2.59 -10.24
C MET A 10 11.29 3.83 -11.11
N PRO A 11 10.97 3.64 -12.40
CA PRO A 11 10.73 4.74 -13.32
C PRO A 11 9.59 5.66 -12.85
N PRO A 12 8.45 5.10 -12.44
CA PRO A 12 7.31 5.88 -11.96
C PRO A 12 7.47 6.33 -10.52
N GLY A 13 8.04 5.45 -9.70
CA GLY A 13 8.25 5.78 -8.29
C GLY A 13 7.68 4.71 -7.37
N ASN A 14 7.89 3.46 -7.72
CA ASN A 14 7.41 2.35 -6.90
C ASN A 14 8.54 1.38 -6.57
N SER A 15 8.47 0.79 -5.38
CA SER A 15 9.48 -0.15 -4.92
C SER A 15 9.57 -1.36 -5.86
N HIS A 16 8.41 -1.86 -6.27
CA HIS A 16 8.35 -3.01 -7.17
C HIS A 16 7.01 -3.07 -7.88
N GLY A 17 5.92 -3.00 -7.12
CA GLY A 17 4.60 -3.05 -7.70
C GLY A 17 3.51 -2.73 -6.69
N LEU A 18 3.64 -1.58 -6.03
CA LEU A 18 2.66 -1.16 -5.04
C LEU A 18 1.40 -0.60 -5.71
N GLU A 19 0.38 -1.45 -5.83
CA GLU A 19 -0.87 -1.03 -6.47
C GLU A 19 -2.06 -1.57 -5.68
N VAL A 20 -3.26 -1.27 -6.16
CA VAL A 20 -4.49 -1.72 -5.51
C VAL A 20 -4.52 -3.24 -5.40
N GLY A 21 -4.84 -3.73 -4.20
CA GLY A 21 -4.89 -5.16 -3.98
C GLY A 21 -3.61 -5.72 -3.40
N SER A 22 -2.49 -5.09 -3.75
CA SER A 22 -1.19 -5.53 -3.26
C SER A 22 -0.93 -5.01 -1.85
N LEU A 23 -0.39 -5.87 -0.99
CA LEU A 23 -0.09 -5.49 0.39
C LEU A 23 1.10 -4.54 0.45
N ALA A 24 1.13 -3.69 1.47
CA ALA A 24 2.21 -2.73 1.64
C ALA A 24 2.33 -2.29 3.09
N GLU A 25 3.39 -1.55 3.40
CA GLU A 25 3.62 -1.06 4.75
C GLU A 25 3.97 0.41 4.75
N VAL A 26 3.74 1.07 5.89
CA VAL A 26 4.04 2.50 6.01
C VAL A 26 5.05 2.76 7.12
N LYS A 27 5.87 3.78 6.94
CA LYS A 27 6.89 4.14 7.93
C LYS A 27 6.34 5.13 8.94
N GLU A 28 5.66 4.63 9.95
CA GLU A 28 5.09 5.47 10.99
C GLU A 28 5.44 4.95 12.39
N ASN A 29 4.93 5.63 13.41
CA ASN A 29 5.20 5.22 14.79
C ASN A 29 4.60 3.85 15.08
N PRO A 30 3.28 3.70 14.90
CA PRO A 30 2.60 2.43 15.15
C PRO A 30 2.82 1.42 14.02
N PRO A 31 3.60 0.35 14.28
CA PRO A 31 3.87 -0.68 13.27
C PRO A 31 2.64 -1.51 12.93
N PHE A 32 1.90 -1.06 11.93
CA PHE A 32 0.69 -1.77 11.50
C PHE A 32 0.87 -2.36 10.11
N TYR A 33 -0.12 -3.14 9.68
CA TYR A 33 -0.07 -3.77 8.36
C TYR A 33 -1.40 -3.64 7.64
N GLY A 34 -1.35 -3.32 6.35
CA GLY A 34 -2.57 -3.17 5.57
C GLY A 34 -2.33 -3.36 4.08
N VAL A 35 -3.41 -3.39 3.31
CA VAL A 35 -3.31 -3.58 1.87
C VAL A 35 -3.81 -2.34 1.13
N ILE A 36 -3.21 -2.06 -0.03
CA ILE A 36 -3.59 -0.91 -0.83
C ILE A 36 -5.03 -1.04 -1.32
N ARG A 37 -5.71 0.10 -1.47
CA ARG A 37 -7.09 0.11 -1.92
C ARG A 37 -7.28 1.11 -3.05
N TRP A 38 -7.13 2.40 -2.73
CA TRP A 38 -7.28 3.45 -3.73
C TRP A 38 -6.01 4.28 -3.83
N ILE A 39 -5.55 4.48 -5.06
CA ILE A 39 -4.35 5.26 -5.31
C ILE A 39 -4.65 6.45 -6.22
N GLY A 40 -4.69 7.64 -5.65
CA GLY A 40 -4.98 8.83 -6.42
C GLY A 40 -4.64 10.11 -5.69
N GLN A 41 -5.02 11.24 -6.27
CA GLN A 41 -4.76 12.55 -5.68
C GLN A 41 -6.04 13.34 -5.54
N PRO A 42 -6.46 13.66 -4.29
CA PRO A 42 -7.69 14.41 -4.04
C PRO A 42 -7.67 15.78 -4.72
N PRO A 43 -8.86 16.38 -4.93
CA PRO A 43 -8.97 17.69 -5.57
C PRO A 43 -8.48 18.82 -4.68
N GLY A 44 -7.18 19.10 -4.75
CA GLY A 44 -6.61 20.17 -3.94
C GLY A 44 -5.12 19.99 -3.73
N LEU A 45 -4.72 18.80 -3.29
CA LEU A 45 -3.32 18.52 -3.05
C LEU A 45 -2.85 17.34 -3.89
N ASN A 46 -1.95 17.62 -4.84
CA ASN A 46 -1.43 16.56 -5.71
C ASN A 46 -0.45 15.68 -4.94
N GLU A 47 -0.88 14.46 -4.65
CA GLU A 47 -0.05 13.50 -3.91
C GLU A 47 -0.64 12.11 -4.00
N VAL A 48 0.14 11.17 -4.53
CA VAL A 48 -0.31 9.78 -4.66
C VAL A 48 -0.55 9.17 -3.28
N LEU A 49 -1.81 9.12 -2.88
CA LEU A 49 -2.18 8.56 -1.58
C LEU A 49 -2.83 7.19 -1.75
N ALA A 50 -2.17 6.16 -1.26
CA ALA A 50 -2.69 4.81 -1.36
C ALA A 50 -3.52 4.45 -0.12
N GLY A 51 -4.81 4.24 -0.32
CA GLY A 51 -5.69 3.90 0.78
C GLY A 51 -5.41 2.50 1.32
N LEU A 52 -4.77 2.43 2.49
CA LEU A 52 -4.45 1.16 3.11
C LEU A 52 -5.56 0.72 4.05
N GLU A 53 -5.78 -0.60 4.13
CA GLU A 53 -6.82 -1.15 5.00
C GLU A 53 -6.21 -1.97 6.12
N LEU A 54 -6.20 -1.41 7.32
CA LEU A 54 -5.64 -2.10 8.48
C LEU A 54 -6.48 -3.33 8.84
N GLU A 55 -5.80 -4.41 9.22
CA GLU A 55 -6.47 -5.65 9.57
C GLU A 55 -7.13 -5.54 10.96
N ASP A 56 -6.52 -4.74 11.83
CA ASP A 56 -7.04 -4.54 13.18
C ASP A 56 -7.93 -3.31 13.23
N GLU A 57 -9.16 -3.51 13.71
CA GLU A 57 -10.12 -2.42 13.82
C GLU A 57 -9.66 -1.39 14.84
N CYS A 58 -9.07 -0.30 14.35
CA CYS A 58 -8.59 0.77 15.21
C CYS A 58 -9.62 1.88 15.35
N ALA A 59 -9.98 2.20 16.59
CA ALA A 59 -10.95 3.25 16.85
C ALA A 59 -10.39 4.63 16.48
N GLY A 60 -10.97 5.23 15.45
CA GLY A 60 -10.51 6.54 15.02
C GLY A 60 -10.38 6.64 13.51
N CYS A 61 -10.10 5.51 12.87
CA CYS A 61 -9.95 5.47 11.42
C CYS A 61 -11.30 5.54 10.72
N THR A 62 -11.29 5.55 9.40
CA THR A 62 -12.51 5.61 8.61
C THR A 62 -12.78 4.28 7.91
N ASP A 63 -13.86 4.23 7.13
CA ASP A 63 -14.22 3.02 6.41
C ASP A 63 -13.94 3.17 4.92
N GLY A 64 -12.86 3.89 4.60
CA GLY A 64 -12.50 4.09 3.21
C GLY A 64 -12.92 5.46 2.69
N THR A 65 -12.68 6.49 3.50
CA THR A 65 -13.04 7.86 3.12
C THR A 65 -11.90 8.82 3.43
N PHE A 66 -11.53 9.62 2.44
CA PHE A 66 -10.45 10.59 2.61
C PHE A 66 -10.94 12.01 2.31
N ARG A 67 -10.81 12.90 3.29
CA ARG A 67 -11.24 14.28 3.14
C ARG A 67 -12.73 14.36 2.85
N GLY A 68 -13.49 13.40 3.39
CA GLY A 68 -14.92 13.37 3.19
C GLY A 68 -15.30 12.92 1.79
N THR A 69 -14.45 12.09 1.20
CA THR A 69 -14.69 11.58 -0.15
C THR A 69 -14.46 10.07 -0.22
N ARG A 70 -15.53 9.32 -0.42
CA ARG A 70 -15.43 7.86 -0.50
C ARG A 70 -14.62 7.43 -1.72
N TYR A 71 -13.57 6.65 -1.49
CA TYR A 71 -12.72 6.18 -2.58
C TYR A 71 -12.93 4.69 -2.82
N PHE A 72 -12.99 3.92 -1.74
CA PHE A 72 -13.20 2.48 -1.83
C PHE A 72 -14.07 1.97 -0.70
N THR A 73 -14.62 0.78 -0.86
CA THR A 73 -15.49 0.18 0.14
C THR A 73 -14.72 -0.83 0.99
N CYS A 74 -14.59 -0.54 2.28
CA CYS A 74 -13.88 -1.44 3.19
C CYS A 74 -14.59 -1.52 4.54
N ALA A 75 -14.04 -2.31 5.44
CA ALA A 75 -14.62 -2.48 6.78
C ALA A 75 -14.49 -1.20 7.59
N LEU A 76 -15.35 -1.05 8.59
CA LEU A 76 -15.33 0.14 9.45
C LEU A 76 -14.11 0.12 10.36
N LYS A 77 -13.49 1.29 10.54
CA LYS A 77 -12.32 1.41 11.39
C LYS A 77 -11.17 0.55 10.85
N LYS A 78 -11.02 0.51 9.54
CA LYS A 78 -9.97 -0.28 8.91
C LYS A 78 -9.52 0.37 7.61
N ALA A 79 -9.40 1.70 7.61
CA ALA A 79 -8.97 2.45 6.44
C ALA A 79 -8.04 3.59 6.82
N LEU A 80 -6.76 3.45 6.47
CA LEU A 80 -5.78 4.47 6.78
C LEU A 80 -5.06 4.94 5.53
N PHE A 81 -5.40 6.15 5.07
CA PHE A 81 -4.79 6.70 3.86
C PHE A 81 -3.38 7.22 4.16
N VAL A 82 -2.48 7.03 3.20
CA VAL A 82 -1.10 7.47 3.36
C VAL A 82 -0.43 7.69 2.01
N LYS A 83 0.72 8.35 2.03
CA LYS A 83 1.46 8.62 0.80
C LYS A 83 2.03 7.33 0.21
N LEU A 84 1.67 7.06 -1.05
CA LEU A 84 2.14 5.86 -1.73
C LEU A 84 3.66 5.84 -1.81
N LYS A 85 4.26 7.03 -1.93
CA LYS A 85 5.71 7.14 -2.01
C LYS A 85 6.37 6.66 -0.73
N SER A 86 5.65 6.75 0.38
CA SER A 86 6.16 6.31 1.67
C SER A 86 5.64 4.93 2.03
N CYS A 87 5.41 4.10 1.01
CA CYS A 87 4.91 2.75 1.22
C CYS A 87 5.93 1.71 0.76
N ARG A 88 6.13 0.68 1.58
CA ARG A 88 7.08 -0.38 1.26
C ARG A 88 6.36 -1.71 1.04
N PRO A 89 6.85 -2.55 0.12
CA PRO A 89 6.25 -3.85 -0.16
C PRO A 89 6.07 -4.69 1.09
N ASP A 90 4.90 -5.33 1.21
CA ASP A 90 4.61 -6.16 2.37
C ASP A 90 4.82 -7.64 2.04
N SER A 91 5.73 -8.27 2.79
CA SER A 91 6.03 -9.69 2.58
C SER A 91 5.28 -10.56 3.58
N ARG A 92 4.11 -10.10 4.00
CA ARG A 92 3.30 -10.84 4.96
C ARG A 92 2.79 -12.14 4.35
N PHE A 93 2.59 -12.14 3.04
CA PHE A 93 2.10 -13.33 2.34
C PHE A 93 3.06 -13.72 1.23
N ALA A 94 4.35 -13.44 1.41
CA ALA A 94 5.36 -13.77 0.43
C ALA A 94 6.05 -15.09 0.76
N SER A 95 6.11 -15.99 -0.22
CA SER A 95 6.74 -17.29 -0.02
C SER A 95 8.23 -17.22 -0.34
N LEU A 96 9.05 -17.40 0.69
CA LEU A 96 10.50 -17.37 0.53
C LEU A 96 11.15 -18.59 1.17
N GLN A 97 10.82 -19.77 0.64
CA GLN A 97 11.37 -21.02 1.15
C GLN A 97 12.83 -21.18 0.75
N PRO A 98 13.12 -21.20 -0.56
CA PRO A 98 14.50 -21.35 -1.07
C PRO A 98 15.32 -20.08 -0.87
N SER A 99 14.73 -18.94 -1.20
CA SER A 99 15.42 -17.65 -1.07
C SER A 99 16.69 -17.63 -1.91
N GLY A 100 17.51 -16.61 -1.70
CA GLY A 100 18.75 -16.49 -2.45
C GLY A 100 19.86 -17.35 -1.88
N PRO A 101 20.77 -17.86 -2.73
CA PRO A 101 21.88 -18.70 -2.29
C PRO A 101 22.94 -17.92 -1.53
N SER A 102 23.23 -18.34 -0.30
CA SER A 102 24.23 -17.67 0.52
C SER A 102 24.64 -18.55 1.70
N SER A 103 23.70 -18.78 2.61
CA SER A 103 23.96 -19.61 3.79
C SER A 103 23.89 -21.09 3.44
N GLY A 104 22.98 -21.44 2.54
CA GLY A 104 22.82 -22.83 2.14
C GLY A 104 21.44 -23.13 1.60
N GLY A 1 24.43 12.30 -20.19
CA GLY A 1 24.05 13.56 -19.50
C GLY A 1 22.93 13.35 -18.49
N SER A 2 21.75 12.98 -18.97
CA SER A 2 20.61 12.75 -18.10
C SER A 2 20.37 11.25 -17.92
N SER A 3 21.46 10.49 -17.84
CA SER A 3 21.37 9.05 -17.66
C SER A 3 22.25 8.59 -16.51
N GLY A 4 22.21 7.30 -16.20
CA GLY A 4 23.00 6.75 -15.12
C GLY A 4 23.61 5.41 -15.47
N SER A 5 22.75 4.40 -15.61
CA SER A 5 23.21 3.05 -15.94
C SER A 5 22.06 2.20 -16.45
N SER A 6 22.33 0.92 -16.68
CA SER A 6 21.31 0.00 -17.17
C SER A 6 20.57 -0.66 -16.02
N GLY A 7 19.32 -1.05 -16.26
CA GLY A 7 18.53 -1.68 -15.23
C GLY A 7 17.20 -0.97 -15.00
N LEU A 8 16.95 -0.58 -13.75
CA LEU A 8 15.73 0.11 -13.40
C LEU A 8 14.51 -0.75 -13.72
N ALA A 9 14.17 -1.66 -12.80
CA ALA A 9 13.02 -2.55 -13.00
C ALA A 9 11.74 -1.91 -12.47
N MET A 10 11.40 -0.75 -13.02
CA MET A 10 10.20 -0.03 -12.61
C MET A 10 9.90 1.13 -13.56
N PRO A 11 9.60 0.82 -14.84
CA PRO A 11 9.29 1.85 -15.84
C PRO A 11 8.11 2.72 -15.44
N PRO A 12 7.00 2.12 -14.98
CA PRO A 12 5.81 2.87 -14.57
C PRO A 12 6.13 3.89 -13.49
N GLY A 13 7.23 3.67 -12.77
CA GLY A 13 7.63 4.57 -11.71
C GLY A 13 7.53 3.94 -10.33
N ASN A 14 7.34 4.78 -9.32
CA ASN A 14 7.23 4.29 -7.94
C ASN A 14 8.49 3.54 -7.53
N SER A 15 8.48 3.01 -6.31
CA SER A 15 9.63 2.27 -5.79
C SER A 15 9.81 0.95 -6.53
N HIS A 16 8.80 0.09 -6.44
CA HIS A 16 8.84 -1.21 -7.11
C HIS A 16 7.57 -1.46 -7.91
N GLY A 17 6.47 -1.70 -7.20
CA GLY A 17 5.20 -1.96 -7.86
C GLY A 17 4.03 -1.93 -6.89
N LEU A 18 3.87 -0.80 -6.20
CA LEU A 18 2.78 -0.65 -5.25
C LEU A 18 1.55 -0.04 -5.91
N GLU A 19 0.52 -0.87 -6.11
CA GLU A 19 -0.71 -0.44 -6.73
C GLU A 19 -1.92 -0.97 -5.98
N VAL A 20 -3.11 -0.65 -6.48
CA VAL A 20 -4.35 -1.09 -5.86
C VAL A 20 -4.45 -2.62 -5.87
N GLY A 21 -4.81 -3.20 -4.73
CA GLY A 21 -4.94 -4.64 -4.63
C GLY A 21 -3.77 -5.28 -3.92
N SER A 22 -2.56 -4.78 -4.20
CA SER A 22 -1.35 -5.31 -3.59
C SER A 22 -1.18 -4.77 -2.17
N LEU A 23 -0.59 -5.59 -1.30
CA LEU A 23 -0.37 -5.20 0.08
C LEU A 23 0.90 -4.38 0.22
N ALA A 24 0.88 -3.40 1.13
CA ALA A 24 2.03 -2.55 1.36
C ALA A 24 2.16 -2.18 2.84
N GLU A 25 3.38 -2.22 3.35
CA GLU A 25 3.63 -1.89 4.75
C GLU A 25 4.27 -0.51 4.88
N VAL A 26 3.71 0.32 5.75
CA VAL A 26 4.22 1.66 5.97
C VAL A 26 5.16 1.71 7.16
N LYS A 27 6.21 2.53 7.05
CA LYS A 27 7.19 2.66 8.12
C LYS A 27 6.74 3.68 9.16
N GLU A 28 5.57 3.45 9.74
CA GLU A 28 5.02 4.34 10.74
C GLU A 28 5.28 3.81 12.15
N ASN A 29 4.77 4.52 13.16
CA ASN A 29 4.95 4.12 14.54
C ASN A 29 4.28 2.77 14.81
N PRO A 30 2.96 2.69 14.59
CA PRO A 30 2.19 1.46 14.79
C PRO A 30 2.40 0.44 13.67
N PRO A 31 3.11 -0.67 13.95
CA PRO A 31 3.37 -1.70 12.95
C PRO A 31 2.11 -2.47 12.56
N PHE A 32 1.43 -2.00 11.52
CA PHE A 32 0.20 -2.64 11.06
C PHE A 32 0.36 -3.16 9.64
N TYR A 33 -0.63 -3.90 9.16
CA TYR A 33 -0.59 -4.45 7.81
C TYR A 33 -1.90 -4.19 7.08
N GLY A 34 -1.82 -3.47 5.97
CA GLY A 34 -3.01 -3.16 5.20
C GLY A 34 -2.79 -3.34 3.70
N VAL A 35 -3.87 -3.29 2.94
CA VAL A 35 -3.80 -3.44 1.49
C VAL A 35 -4.16 -2.14 0.78
N ILE A 36 -3.49 -1.87 -0.33
CA ILE A 36 -3.74 -0.66 -1.10
C ILE A 36 -5.14 -0.68 -1.71
N ARG A 37 -5.86 0.43 -1.56
CA ARG A 37 -7.22 0.54 -2.09
C ARG A 37 -7.29 1.62 -3.16
N TRP A 38 -7.03 2.86 -2.77
CA TRP A 38 -7.08 3.98 -3.70
C TRP A 38 -5.76 4.75 -3.69
N ILE A 39 -5.24 5.05 -4.87
CA ILE A 39 -3.99 5.78 -5.01
C ILE A 39 -4.20 7.04 -5.85
N GLY A 40 -4.20 8.20 -5.21
CA GLY A 40 -4.40 9.44 -5.92
C GLY A 40 -4.06 10.66 -5.09
N GLN A 41 -4.44 11.83 -5.58
CA GLN A 41 -4.17 13.08 -4.88
C GLN A 41 -5.46 13.89 -4.72
N PRO A 42 -5.91 14.09 -3.47
CA PRO A 42 -7.14 14.86 -3.19
C PRO A 42 -7.08 16.27 -3.76
N PRO A 43 -8.25 16.91 -3.95
CA PRO A 43 -8.32 18.27 -4.49
C PRO A 43 -7.85 19.32 -3.48
N GLY A 44 -6.54 19.58 -3.49
CA GLY A 44 -5.99 20.56 -2.57
C GLY A 44 -4.50 20.34 -2.31
N LEU A 45 -4.14 19.12 -1.96
CA LEU A 45 -2.75 18.78 -1.70
C LEU A 45 -2.26 17.68 -2.62
N ASN A 46 -1.35 18.01 -3.53
CA ASN A 46 -0.82 17.04 -4.46
C ASN A 46 0.12 16.07 -3.76
N GLU A 47 -0.33 14.83 -3.58
CA GLU A 47 0.47 13.81 -2.92
C GLU A 47 -0.13 12.43 -3.13
N VAL A 48 0.63 11.53 -3.72
CA VAL A 48 0.16 10.18 -3.97
C VAL A 48 -0.09 9.45 -2.65
N LEU A 49 -1.35 9.43 -2.24
CA LEU A 49 -1.73 8.76 -0.99
C LEU A 49 -2.46 7.47 -1.28
N ALA A 50 -1.87 6.35 -0.88
CA ALA A 50 -2.47 5.04 -1.10
C ALA A 50 -3.32 4.63 0.09
N GLY A 51 -4.63 4.51 -0.13
CA GLY A 51 -5.53 4.12 0.94
C GLY A 51 -5.31 2.68 1.38
N LEU A 52 -4.74 2.51 2.56
CA LEU A 52 -4.48 1.18 3.10
C LEU A 52 -5.60 0.73 4.03
N GLU A 53 -6.08 -0.50 3.84
CA GLU A 53 -7.15 -1.04 4.65
C GLU A 53 -6.59 -1.99 5.71
N LEU A 54 -6.56 -1.53 6.96
CA LEU A 54 -6.05 -2.33 8.07
C LEU A 54 -6.95 -3.53 8.31
N GLU A 55 -6.34 -4.70 8.49
CA GLU A 55 -7.09 -5.93 8.74
C GLU A 55 -7.83 -5.85 10.06
N ASP A 56 -7.26 -5.12 11.01
CA ASP A 56 -7.89 -4.97 12.33
C ASP A 56 -8.63 -3.65 12.44
N GLU A 57 -9.68 -3.63 13.24
CA GLU A 57 -10.49 -2.42 13.43
C GLU A 57 -9.89 -1.54 14.53
N CYS A 58 -9.31 -0.42 14.14
CA CYS A 58 -8.70 0.50 15.08
C CYS A 58 -9.54 1.78 15.22
N ALA A 59 -9.64 2.29 16.44
CA ALA A 59 -10.40 3.49 16.70
C ALA A 59 -9.72 4.72 16.10
N GLY A 60 -10.34 5.32 15.10
CA GLY A 60 -9.78 6.49 14.46
C GLY A 60 -9.81 6.41 12.94
N CYS A 61 -9.77 5.19 12.43
CA CYS A 61 -9.80 4.97 10.98
C CYS A 61 -11.20 5.22 10.43
N THR A 62 -11.28 5.41 9.11
CA THR A 62 -12.56 5.65 8.46
C THR A 62 -13.06 4.40 7.75
N ASP A 63 -14.19 4.51 7.07
CA ASP A 63 -14.77 3.39 6.35
C ASP A 63 -14.51 3.49 4.85
N GLY A 64 -13.35 4.03 4.51
CA GLY A 64 -13.00 4.19 3.10
C GLY A 64 -13.27 5.58 2.58
N THR A 65 -12.95 6.59 3.39
CA THR A 65 -13.17 7.98 3.00
C THR A 65 -12.05 8.87 3.53
N PHE A 66 -11.35 9.54 2.62
CA PHE A 66 -10.27 10.43 2.99
C PHE A 66 -10.76 11.86 3.17
N ARG A 67 -11.01 12.25 4.41
CA ARG A 67 -11.48 13.60 4.71
C ARG A 67 -12.82 13.86 4.02
N GLY A 68 -13.60 12.80 3.82
CA GLY A 68 -14.89 12.94 3.17
C GLY A 68 -14.87 12.46 1.73
N THR A 69 -13.70 12.48 1.11
CA THR A 69 -13.55 12.04 -0.26
C THR A 69 -13.56 10.51 -0.37
N ARG A 70 -14.73 9.96 -0.62
CA ARG A 70 -14.87 8.51 -0.74
C ARG A 70 -14.19 7.99 -2.01
N TYR A 71 -13.34 6.99 -1.85
CA TYR A 71 -12.63 6.41 -2.99
C TYR A 71 -13.04 4.96 -3.20
N PHE A 72 -13.16 4.21 -2.11
CA PHE A 72 -13.56 2.81 -2.18
C PHE A 72 -14.54 2.46 -1.07
N THR A 73 -14.95 1.20 -1.03
CA THR A 73 -15.90 0.74 -0.02
C THR A 73 -15.28 -0.36 0.85
N CYS A 74 -14.91 0.01 2.08
CA CYS A 74 -14.30 -0.95 3.00
C CYS A 74 -15.05 -0.95 4.34
N ALA A 75 -14.68 -1.88 5.21
CA ALA A 75 -15.32 -1.99 6.52
C ALA A 75 -15.13 -0.72 7.32
N LEU A 76 -15.70 -0.69 8.53
CA LEU A 76 -15.61 0.48 9.39
C LEU A 76 -14.35 0.42 10.24
N LYS A 77 -13.68 1.56 10.38
CA LYS A 77 -12.45 1.63 11.17
C LYS A 77 -11.37 0.72 10.59
N LYS A 78 -11.28 0.68 9.27
CA LYS A 78 -10.29 -0.15 8.60
C LYS A 78 -9.83 0.51 7.30
N ALA A 79 -9.72 1.84 7.32
CA ALA A 79 -9.28 2.59 6.15
C ALA A 79 -8.32 3.70 6.54
N LEU A 80 -7.02 3.44 6.37
CA LEU A 80 -6.00 4.43 6.70
C LEU A 80 -5.29 4.92 5.46
N PHE A 81 -5.28 6.24 5.25
CA PHE A 81 -4.63 6.83 4.09
C PHE A 81 -3.23 7.32 4.44
N VAL A 82 -2.26 6.98 3.60
CA VAL A 82 -0.88 7.38 3.82
C VAL A 82 -0.16 7.63 2.50
N LYS A 83 1.01 8.25 2.58
CA LYS A 83 1.81 8.54 1.40
C LYS A 83 2.31 7.26 0.74
N LEU A 84 2.00 7.10 -0.54
CA LEU A 84 2.42 5.93 -1.29
C LEU A 84 3.93 5.81 -1.31
N LYS A 85 4.61 6.95 -1.26
CA LYS A 85 6.07 6.97 -1.29
C LYS A 85 6.64 6.30 -0.05
N SER A 86 5.87 6.30 1.04
CA SER A 86 6.31 5.69 2.29
C SER A 86 5.74 4.29 2.44
N CYS A 87 5.56 3.61 1.31
CA CYS A 87 5.03 2.26 1.32
C CYS A 87 6.06 1.26 0.77
N ARG A 88 5.96 0.02 1.23
CA ARG A 88 6.89 -1.02 0.78
C ARG A 88 6.13 -2.29 0.38
N PRO A 89 6.62 -3.01 -0.64
CA PRO A 89 5.99 -4.25 -1.11
C PRO A 89 5.76 -5.25 0.02
N ASP A 90 4.50 -5.56 0.29
CA ASP A 90 4.15 -6.50 1.35
C ASP A 90 3.77 -7.85 0.76
N SER A 91 4.61 -8.85 0.98
CA SER A 91 4.36 -10.20 0.47
C SER A 91 4.05 -11.16 1.62
N ARG A 92 3.52 -10.63 2.71
CA ARG A 92 3.18 -11.45 3.87
C ARG A 92 2.07 -12.43 3.53
N PHE A 93 1.20 -12.05 2.61
CA PHE A 93 0.09 -12.89 2.19
C PHE A 93 0.22 -13.28 0.72
N ALA A 94 1.45 -13.36 0.23
CA ALA A 94 1.70 -13.73 -1.16
C ALA A 94 1.08 -15.08 -1.48
N SER A 95 0.21 -15.09 -2.49
CA SER A 95 -0.46 -16.33 -2.91
C SER A 95 0.55 -17.30 -3.49
N LEU A 96 0.23 -18.59 -3.41
CA LEU A 96 1.11 -19.63 -3.95
C LEU A 96 2.46 -19.61 -3.24
N GLN A 97 2.63 -20.47 -2.25
CA GLN A 97 3.88 -20.55 -1.50
C GLN A 97 4.12 -21.97 -1.00
N PRO A 98 4.09 -22.96 -1.89
CA PRO A 98 4.31 -24.37 -1.52
C PRO A 98 5.76 -24.66 -1.17
N SER A 99 6.10 -25.94 -1.05
CA SER A 99 7.45 -26.34 -0.72
C SER A 99 7.68 -27.81 -1.02
N GLY A 100 8.82 -28.12 -1.63
CA GLY A 100 9.14 -29.50 -1.97
C GLY A 100 10.61 -29.72 -2.23
N PRO A 101 11.39 -30.04 -1.19
CA PRO A 101 12.84 -30.27 -1.32
C PRO A 101 13.15 -31.56 -2.08
N SER A 102 12.40 -32.62 -1.78
CA SER A 102 12.59 -33.91 -2.45
C SER A 102 14.00 -34.45 -2.18
N SER A 103 14.15 -35.76 -2.29
CA SER A 103 15.44 -36.39 -2.06
C SER A 103 16.04 -36.90 -3.37
N GLY A 104 17.25 -36.44 -3.68
CA GLY A 104 17.91 -36.86 -4.90
C GLY A 104 17.13 -36.45 -6.14
N GLY A 1 27.33 1.62 -5.42
CA GLY A 1 25.98 1.21 -5.89
C GLY A 1 25.22 2.33 -6.57
N SER A 2 25.83 2.92 -7.59
CA SER A 2 25.21 4.02 -8.32
C SER A 2 24.94 5.20 -7.41
N SER A 3 25.99 5.96 -7.10
CA SER A 3 25.87 7.12 -6.22
C SER A 3 25.37 6.72 -4.85
N GLY A 4 25.15 7.70 -3.98
CA GLY A 4 24.68 7.43 -2.65
C GLY A 4 23.17 7.32 -2.58
N SER A 5 22.64 7.21 -1.36
CA SER A 5 21.20 7.10 -1.17
C SER A 5 20.66 5.85 -1.86
N SER A 6 19.34 5.65 -1.79
CA SER A 6 18.70 4.50 -2.40
C SER A 6 18.72 4.61 -3.91
N GLY A 7 18.08 3.65 -4.58
CA GLY A 7 18.04 3.65 -6.03
C GLY A 7 16.74 3.10 -6.57
N LEU A 8 16.66 2.95 -7.89
CA LEU A 8 15.46 2.43 -8.54
C LEU A 8 15.81 1.30 -9.50
N ALA A 9 14.81 0.48 -9.82
CA ALA A 9 15.02 -0.64 -10.73
C ALA A 9 13.75 -0.95 -11.52
N MET A 10 12.93 0.07 -11.75
CA MET A 10 11.68 -0.09 -12.49
C MET A 10 11.14 1.26 -12.94
N PRO A 11 11.68 1.80 -14.06
CA PRO A 11 11.23 3.09 -14.60
C PRO A 11 9.72 3.13 -14.81
N PRO A 12 9.12 2.07 -15.40
CA PRO A 12 7.69 2.01 -15.65
C PRO A 12 6.89 2.06 -14.35
N GLY A 13 7.54 1.71 -13.25
CA GLY A 13 6.87 1.70 -11.95
C GLY A 13 7.28 2.88 -11.10
N ASN A 14 6.62 3.03 -9.95
CA ASN A 14 6.93 4.13 -9.03
C ASN A 14 8.21 3.85 -8.26
N SER A 15 8.26 2.71 -7.58
CA SER A 15 9.44 2.33 -6.81
C SER A 15 9.80 0.87 -7.04
N HIS A 16 8.80 0.00 -6.97
CA HIS A 16 9.02 -1.43 -7.17
C HIS A 16 7.73 -2.09 -7.68
N GLY A 17 6.61 -1.79 -7.04
CA GLY A 17 5.35 -2.37 -7.44
C GLY A 17 4.24 -2.12 -6.44
N LEU A 18 4.02 -0.84 -6.11
CA LEU A 18 2.99 -0.47 -5.16
C LEU A 18 1.80 0.17 -5.87
N GLU A 19 0.73 -0.59 -6.02
CA GLU A 19 -0.48 -0.10 -6.68
C GLU A 19 -1.73 -0.70 -6.03
N VAL A 20 -2.90 -0.30 -6.54
CA VAL A 20 -4.16 -0.79 -6.02
C VAL A 20 -4.24 -2.31 -6.10
N GLY A 21 -4.71 -2.93 -5.03
CA GLY A 21 -4.82 -4.38 -4.99
C GLY A 21 -3.62 -5.04 -4.35
N SER A 22 -2.43 -4.51 -4.64
CA SER A 22 -1.20 -5.06 -4.09
C SER A 22 -1.04 -4.68 -2.62
N LEU A 23 -0.34 -5.51 -1.86
CA LEU A 23 -0.12 -5.25 -0.44
C LEU A 23 1.09 -4.33 -0.25
N ALA A 24 1.06 -3.55 0.83
CA ALA A 24 2.15 -2.63 1.14
C ALA A 24 2.27 -2.41 2.64
N GLU A 25 3.40 -1.85 3.07
CA GLU A 25 3.63 -1.57 4.47
C GLU A 25 4.16 -0.15 4.68
N VAL A 26 3.73 0.49 5.76
CA VAL A 26 4.16 1.84 6.07
C VAL A 26 5.13 1.87 7.24
N LYS A 27 6.05 2.83 7.22
CA LYS A 27 7.05 2.96 8.28
C LYS A 27 6.54 3.88 9.39
N GLU A 28 5.69 3.33 10.26
CA GLU A 28 5.13 4.11 11.36
C GLU A 28 5.40 3.41 12.70
N ASN A 29 4.90 4.01 13.78
CA ASN A 29 5.09 3.45 15.11
C ASN A 29 4.42 2.08 15.22
N PRO A 30 3.10 2.01 14.99
CA PRO A 30 2.35 0.76 15.07
C PRO A 30 2.57 -0.12 13.84
N PRO A 31 3.29 -1.24 13.99
CA PRO A 31 3.56 -2.17 12.87
C PRO A 31 2.30 -2.90 12.41
N PHE A 32 1.56 -2.28 11.50
CA PHE A 32 0.34 -2.87 10.98
C PHE A 32 0.54 -3.35 9.54
N TYR A 33 -0.44 -4.09 9.03
CA TYR A 33 -0.37 -4.61 7.67
C TYR A 33 -1.66 -4.31 6.91
N GLY A 34 -1.53 -3.65 5.77
CA GLY A 34 -2.69 -3.32 4.96
C GLY A 34 -2.43 -3.41 3.48
N VAL A 35 -3.48 -3.29 2.67
CA VAL A 35 -3.35 -3.36 1.22
C VAL A 35 -3.78 -2.05 0.57
N ILE A 36 -3.12 -1.70 -0.53
CA ILE A 36 -3.45 -0.47 -1.25
C ILE A 36 -4.84 -0.54 -1.86
N ARG A 37 -5.61 0.54 -1.71
CA ARG A 37 -6.97 0.60 -2.25
C ARG A 37 -7.10 1.71 -3.27
N TRP A 38 -6.91 2.95 -2.82
CA TRP A 38 -7.01 4.11 -3.69
C TRP A 38 -5.73 4.93 -3.66
N ILE A 39 -5.24 5.29 -4.85
CA ILE A 39 -4.03 6.08 -4.98
C ILE A 39 -4.29 7.33 -5.80
N GLY A 40 -4.36 8.48 -5.13
CA GLY A 40 -4.61 9.73 -5.82
C GLY A 40 -4.29 10.95 -4.98
N GLN A 41 -4.69 12.11 -5.47
CA GLN A 41 -4.44 13.36 -4.76
C GLN A 41 -5.74 14.15 -4.60
N PRO A 42 -6.20 14.34 -3.35
CA PRO A 42 -7.45 15.07 -3.06
C PRO A 42 -7.41 16.49 -3.62
N PRO A 43 -8.60 17.11 -3.79
CA PRO A 43 -8.70 18.47 -4.33
C PRO A 43 -8.24 19.51 -3.31
N GLY A 44 -6.95 19.80 -3.32
CA GLY A 44 -6.41 20.78 -2.39
C GLY A 44 -4.93 20.60 -2.15
N LEU A 45 -4.53 19.38 -1.81
CA LEU A 45 -3.14 19.07 -1.55
C LEU A 45 -2.64 17.98 -2.48
N ASN A 46 -1.73 18.34 -3.38
CA ASN A 46 -1.17 17.39 -4.33
C ASN A 46 -0.21 16.44 -3.63
N GLU A 47 -0.63 15.19 -3.45
CA GLU A 47 0.19 14.19 -2.80
C GLU A 47 -0.39 12.79 -3.02
N VAL A 48 0.40 11.91 -3.62
CA VAL A 48 -0.04 10.55 -3.88
C VAL A 48 -0.29 9.80 -2.57
N LEU A 49 -1.57 9.72 -2.19
CA LEU A 49 -1.94 9.04 -0.95
C LEU A 49 -2.59 7.69 -1.25
N ALA A 50 -1.92 6.62 -0.85
CA ALA A 50 -2.44 5.28 -1.08
C ALA A 50 -3.26 4.80 0.11
N GLY A 51 -4.55 4.59 -0.12
CA GLY A 51 -5.43 4.13 0.94
C GLY A 51 -5.15 2.70 1.34
N LEU A 52 -4.72 2.50 2.58
CA LEU A 52 -4.42 1.16 3.08
C LEU A 52 -5.52 0.67 4.02
N GLU A 53 -5.90 -0.60 3.88
CA GLU A 53 -6.93 -1.19 4.71
C GLU A 53 -6.33 -2.11 5.76
N LEU A 54 -6.36 -1.67 7.02
CA LEU A 54 -5.81 -2.44 8.12
C LEU A 54 -6.71 -3.64 8.44
N GLU A 55 -6.10 -4.79 8.69
CA GLU A 55 -6.85 -6.00 9.01
C GLU A 55 -7.48 -5.88 10.40
N ASP A 56 -6.81 -5.17 11.29
CA ASP A 56 -7.31 -4.99 12.65
C ASP A 56 -8.18 -3.75 12.75
N GLU A 57 -9.41 -3.93 13.23
CA GLU A 57 -10.34 -2.81 13.37
C GLU A 57 -9.82 -1.79 14.38
N CYS A 58 -9.25 -0.70 13.87
CA CYS A 58 -8.71 0.35 14.72
C CYS A 58 -9.75 1.45 14.95
N ALA A 59 -10.03 1.73 16.22
CA ALA A 59 -11.01 2.75 16.58
C ALA A 59 -10.49 4.14 16.23
N GLY A 60 -11.11 4.75 15.23
CA GLY A 60 -10.69 6.08 14.80
C GLY A 60 -10.54 6.20 13.30
N CYS A 61 -10.21 5.09 12.65
CA CYS A 61 -10.04 5.07 11.20
C CYS A 61 -11.38 5.20 10.49
N THR A 62 -11.34 5.28 9.17
CA THR A 62 -12.55 5.40 8.37
C THR A 62 -12.90 4.08 7.70
N ASP A 63 -14.03 4.06 7.00
CA ASP A 63 -14.47 2.86 6.31
C ASP A 63 -14.28 2.99 4.80
N GLY A 64 -13.25 3.73 4.40
CA GLY A 64 -12.97 3.92 2.99
C GLY A 64 -13.31 5.33 2.52
N THR A 65 -12.96 6.31 3.35
CA THR A 65 -13.22 7.71 3.00
C THR A 65 -12.09 8.61 3.50
N PHE A 66 -11.54 9.41 2.60
CA PHE A 66 -10.45 10.31 2.95
C PHE A 66 -10.93 11.76 2.91
N ARG A 67 -11.00 12.38 4.09
CA ARG A 67 -11.45 13.77 4.19
C ARG A 67 -12.86 13.94 3.65
N GLY A 68 -13.71 12.94 3.90
CA GLY A 68 -15.08 13.00 3.42
C GLY A 68 -15.20 12.69 1.94
N THR A 69 -14.27 11.88 1.44
CA THR A 69 -14.27 11.52 0.03
C THR A 69 -14.05 10.02 -0.14
N ARG A 70 -15.14 9.28 -0.27
CA ARG A 70 -15.06 7.82 -0.43
C ARG A 70 -14.42 7.46 -1.78
N TYR A 71 -13.38 6.62 -1.72
CA TYR A 71 -12.69 6.20 -2.92
C TYR A 71 -12.97 4.73 -3.24
N PHE A 72 -13.20 3.95 -2.18
CA PHE A 72 -13.48 2.53 -2.34
C PHE A 72 -14.45 2.04 -1.27
N THR A 73 -14.75 0.75 -1.29
CA THR A 73 -15.66 0.15 -0.31
C THR A 73 -14.95 -0.89 0.53
N CYS A 74 -14.84 -0.61 1.83
CA CYS A 74 -14.18 -1.53 2.75
C CYS A 74 -14.93 -1.62 4.07
N ALA A 75 -14.44 -2.46 4.98
CA ALA A 75 -15.08 -2.64 6.27
C ALA A 75 -15.02 -1.35 7.10
N LEU A 76 -15.55 -1.41 8.32
CA LEU A 76 -15.56 -0.24 9.20
C LEU A 76 -14.33 -0.24 10.10
N LYS A 77 -13.74 0.94 10.28
CA LYS A 77 -12.55 1.09 11.11
C LYS A 77 -11.39 0.26 10.56
N LYS A 78 -11.25 0.25 9.24
CA LYS A 78 -10.18 -0.49 8.58
C LYS A 78 -9.74 0.20 7.30
N ALA A 79 -9.75 1.53 7.32
CA ALA A 79 -9.34 2.31 6.16
C ALA A 79 -8.48 3.50 6.56
N LEU A 80 -7.17 3.35 6.40
CA LEU A 80 -6.23 4.41 6.74
C LEU A 80 -5.42 4.85 5.52
N PHE A 81 -5.50 6.14 5.21
CA PHE A 81 -4.76 6.68 4.06
C PHE A 81 -3.39 7.17 4.48
N VAL A 82 -2.43 7.08 3.56
CA VAL A 82 -1.06 7.52 3.83
C VAL A 82 -0.34 7.87 2.54
N LYS A 83 0.82 8.52 2.67
CA LYS A 83 1.62 8.91 1.52
C LYS A 83 2.21 7.70 0.83
N LEU A 84 1.90 7.54 -0.46
CA LEU A 84 2.40 6.41 -1.23
C LEU A 84 3.93 6.42 -1.27
N LYS A 85 4.51 7.62 -1.26
CA LYS A 85 5.97 7.76 -1.29
C LYS A 85 6.60 7.17 -0.03
N SER A 86 5.84 7.14 1.05
CA SER A 86 6.34 6.60 2.31
C SER A 86 5.82 5.18 2.53
N CYS A 87 5.64 4.45 1.44
CA CYS A 87 5.16 3.07 1.50
C CYS A 87 6.21 2.10 0.99
N ARG A 88 6.07 0.83 1.36
CA ARG A 88 7.02 -0.21 0.93
C ARG A 88 6.29 -1.48 0.53
N PRO A 89 6.75 -2.15 -0.54
CA PRO A 89 6.12 -3.40 -1.02
C PRO A 89 6.01 -4.45 0.07
N ASP A 90 4.85 -5.09 0.15
CA ASP A 90 4.61 -6.12 1.16
C ASP A 90 4.79 -7.51 0.55
N SER A 91 5.73 -8.27 1.10
CA SER A 91 5.99 -9.62 0.61
C SER A 91 5.31 -10.65 1.50
N ARG A 92 4.14 -10.30 2.03
CA ARG A 92 3.39 -11.21 2.89
C ARG A 92 2.89 -12.41 2.11
N PHE A 93 2.64 -12.21 0.82
CA PHE A 93 2.15 -13.28 -0.04
C PHE A 93 2.94 -13.35 -1.34
N ALA A 94 4.23 -13.06 -1.25
CA ALA A 94 5.11 -13.08 -2.42
C ALA A 94 5.80 -14.43 -2.57
N SER A 95 5.71 -15.00 -3.77
CA SER A 95 6.33 -16.30 -4.03
C SER A 95 7.76 -16.12 -4.51
N LEU A 96 8.68 -16.86 -3.88
CA LEU A 96 10.09 -16.78 -4.23
C LEU A 96 10.87 -17.97 -3.66
N GLN A 97 11.50 -18.73 -4.54
CA GLN A 97 12.27 -19.90 -4.11
C GLN A 97 13.57 -20.01 -4.91
N PRO A 98 14.68 -19.48 -4.37
CA PRO A 98 15.99 -19.53 -5.04
C PRO A 98 16.35 -20.93 -5.51
N SER A 99 15.83 -21.94 -4.81
CA SER A 99 16.09 -23.33 -5.16
C SER A 99 14.83 -24.00 -5.67
N GLY A 100 14.95 -24.71 -6.79
CA GLY A 100 13.81 -25.40 -7.36
C GLY A 100 14.12 -26.84 -7.75
N PRO A 101 13.13 -27.74 -7.68
CA PRO A 101 13.33 -29.16 -8.03
C PRO A 101 13.51 -29.36 -9.52
N SER A 102 14.57 -28.78 -10.07
CA SER A 102 14.86 -28.90 -11.50
C SER A 102 15.75 -30.11 -11.78
N SER A 103 16.96 -30.07 -11.24
CA SER A 103 17.92 -31.15 -11.42
C SER A 103 19.00 -31.12 -10.35
N GLY A 104 19.71 -32.23 -10.18
CA GLY A 104 20.77 -32.30 -9.19
C GLY A 104 21.70 -33.48 -9.42
N GLY A 1 27.24 -6.46 -17.58
CA GLY A 1 28.69 -6.47 -17.21
C GLY A 1 29.07 -7.68 -16.39
N SER A 2 28.22 -8.05 -15.43
CA SER A 2 28.47 -9.20 -14.58
C SER A 2 27.19 -9.99 -14.32
N SER A 3 26.13 -9.27 -13.95
CA SER A 3 24.84 -9.90 -13.68
C SER A 3 24.06 -10.10 -14.97
N GLY A 4 23.77 -9.00 -15.66
CA GLY A 4 23.02 -9.07 -16.89
C GLY A 4 21.55 -9.36 -16.67
N SER A 5 20.75 -8.29 -16.61
CA SER A 5 19.31 -8.43 -16.39
C SER A 5 18.53 -7.51 -17.33
N SER A 6 17.38 -7.99 -17.80
CA SER A 6 16.54 -7.22 -18.70
C SER A 6 15.12 -7.11 -18.17
N GLY A 7 14.98 -7.14 -16.85
CA GLY A 7 13.67 -7.05 -16.25
C GLY A 7 13.49 -8.01 -15.09
N LEU A 8 13.30 -7.47 -13.88
CA LEU A 8 13.12 -8.30 -12.70
C LEU A 8 11.64 -8.49 -12.38
N ALA A 9 11.04 -7.47 -11.79
CA ALA A 9 9.63 -7.51 -11.43
C ALA A 9 9.13 -6.14 -10.98
N MET A 10 8.98 -5.24 -11.94
CA MET A 10 8.50 -3.89 -11.64
C MET A 10 8.32 -3.08 -12.92
N PRO A 11 7.38 -3.49 -13.79
CA PRO A 11 7.11 -2.79 -15.04
C PRO A 11 6.74 -1.32 -14.83
N PRO A 12 5.82 -1.04 -13.89
CA PRO A 12 5.39 0.33 -13.59
C PRO A 12 6.56 1.24 -13.25
N GLY A 13 7.66 0.63 -12.82
CA GLY A 13 8.84 1.40 -12.46
C GLY A 13 9.14 1.36 -10.97
N ASN A 14 8.11 1.12 -10.17
CA ASN A 14 8.26 1.05 -8.72
C ASN A 14 9.27 -0.03 -8.32
N SER A 15 9.36 -0.30 -7.03
CA SER A 15 10.28 -1.32 -6.52
C SER A 15 9.79 -2.72 -6.88
N HIS A 16 8.72 -3.14 -6.21
CA HIS A 16 8.14 -4.45 -6.45
C HIS A 16 6.85 -4.35 -7.25
N GLY A 17 6.06 -3.33 -6.95
CA GLY A 17 4.80 -3.13 -7.65
C GLY A 17 3.70 -2.63 -6.74
N LEU A 18 3.95 -1.52 -6.05
CA LEU A 18 2.98 -0.94 -5.14
C LEU A 18 1.77 -0.40 -5.91
N GLU A 19 0.71 -1.18 -5.98
CA GLU A 19 -0.50 -0.77 -6.67
C GLU A 19 -1.75 -1.26 -5.94
N VAL A 20 -2.91 -0.93 -6.50
CA VAL A 20 -4.18 -1.35 -5.90
C VAL A 20 -4.28 -2.86 -5.80
N GLY A 21 -4.52 -3.36 -4.59
CA GLY A 21 -4.64 -4.79 -4.38
C GLY A 21 -3.41 -5.38 -3.72
N SER A 22 -2.24 -4.85 -4.05
CA SER A 22 -0.99 -5.33 -3.49
C SER A 22 -0.81 -4.81 -2.05
N LEU A 23 -0.26 -5.66 -1.20
CA LEU A 23 -0.03 -5.30 0.20
C LEU A 23 1.13 -4.33 0.33
N ALA A 24 1.08 -3.48 1.35
CA ALA A 24 2.14 -2.50 1.59
C ALA A 24 2.24 -2.16 3.07
N GLU A 25 3.39 -1.63 3.47
CA GLU A 25 3.63 -1.25 4.85
C GLU A 25 4.01 0.22 4.96
N VAL A 26 3.60 0.86 6.05
CA VAL A 26 3.89 2.26 6.28
C VAL A 26 4.95 2.43 7.37
N LYS A 27 5.79 3.45 7.22
CA LYS A 27 6.84 3.72 8.18
C LYS A 27 6.36 4.70 9.25
N GLU A 28 5.59 4.20 10.20
CA GLU A 28 5.07 5.03 11.28
C GLU A 28 5.47 4.47 12.64
N ASN A 29 4.88 5.02 13.71
CA ASN A 29 5.18 4.58 15.06
C ASN A 29 4.53 3.23 15.35
N PRO A 30 3.19 3.15 15.24
CA PRO A 30 2.45 1.91 15.48
C PRO A 30 2.53 0.94 14.30
N PRO A 31 3.22 -0.20 14.47
CA PRO A 31 3.35 -1.20 13.41
C PRO A 31 2.02 -1.77 12.98
N PHE A 32 1.57 -1.38 11.78
CA PHE A 32 0.30 -1.85 11.25
C PHE A 32 0.43 -2.25 9.78
N TYR A 33 -0.27 -3.30 9.39
CA TYR A 33 -0.22 -3.78 8.02
C TYR A 33 -1.52 -3.48 7.29
N GLY A 34 -1.43 -3.17 6.00
CA GLY A 34 -2.61 -2.86 5.22
C GLY A 34 -2.39 -3.07 3.73
N VAL A 35 -3.48 -3.23 2.99
CA VAL A 35 -3.39 -3.44 1.55
C VAL A 35 -3.84 -2.19 0.79
N ILE A 36 -3.16 -1.90 -0.31
CA ILE A 36 -3.49 -0.73 -1.12
C ILE A 36 -4.91 -0.83 -1.68
N ARG A 37 -5.66 0.25 -1.60
CA ARG A 37 -7.03 0.28 -2.10
C ARG A 37 -7.18 1.31 -3.21
N TRP A 38 -6.97 2.58 -2.86
CA TRP A 38 -7.09 3.66 -3.83
C TRP A 38 -5.82 4.50 -3.88
N ILE A 39 -5.32 4.75 -5.08
CA ILE A 39 -4.11 5.54 -5.27
C ILE A 39 -4.39 6.74 -6.16
N GLY A 40 -4.46 7.93 -5.56
CA GLY A 40 -4.73 9.14 -6.32
C GLY A 40 -4.42 10.40 -5.55
N GLN A 41 -4.84 11.53 -6.10
CA GLN A 41 -4.61 12.83 -5.46
C GLN A 41 -5.92 13.60 -5.32
N PRO A 42 -6.38 13.85 -4.08
CA PRO A 42 -7.62 14.58 -3.83
C PRO A 42 -7.62 15.97 -4.47
N PRO A 43 -8.81 16.56 -4.68
CA PRO A 43 -8.93 17.88 -5.28
C PRO A 43 -8.49 19.00 -4.34
N GLY A 44 -7.19 19.30 -4.38
CA GLY A 44 -6.66 20.34 -3.52
C GLY A 44 -5.17 20.19 -3.28
N LEU A 45 -4.76 19.00 -2.87
CA LEU A 45 -3.36 18.73 -2.60
C LEU A 45 -2.84 17.59 -3.47
N ASN A 46 -1.95 17.92 -4.40
CA ASN A 46 -1.39 16.91 -5.29
C ASN A 46 -0.40 16.01 -4.54
N GLU A 47 -0.81 14.78 -4.29
CA GLU A 47 0.02 13.82 -3.58
C GLU A 47 -0.53 12.41 -3.71
N VAL A 48 0.27 11.50 -4.27
CA VAL A 48 -0.16 10.13 -4.44
C VAL A 48 -0.40 9.46 -3.09
N LEU A 49 -1.66 9.38 -2.69
CA LEU A 49 -2.02 8.77 -1.42
C LEU A 49 -2.68 7.42 -1.63
N ALA A 50 -2.02 6.36 -1.16
CA ALA A 50 -2.55 5.02 -1.30
C ALA A 50 -3.39 4.62 -0.09
N GLY A 51 -4.69 4.41 -0.32
CA GLY A 51 -5.58 4.03 0.76
C GLY A 51 -5.34 2.62 1.23
N LEU A 52 -4.68 2.48 2.38
CA LEU A 52 -4.40 1.16 2.94
C LEU A 52 -5.52 0.71 3.87
N GLU A 53 -5.82 -0.60 3.83
CA GLU A 53 -6.87 -1.16 4.66
C GLU A 53 -6.29 -2.08 5.73
N LEU A 54 -6.33 -1.62 6.98
CA LEU A 54 -5.80 -2.40 8.09
C LEU A 54 -6.62 -3.67 8.30
N GLU A 55 -5.92 -4.79 8.50
CA GLU A 55 -6.59 -6.08 8.71
C GLU A 55 -7.37 -6.07 10.01
N ASP A 56 -6.86 -5.36 11.01
CA ASP A 56 -7.52 -5.27 12.31
C ASP A 56 -8.34 -3.99 12.42
N GLU A 57 -9.41 -4.05 13.22
CA GLU A 57 -10.28 -2.90 13.41
C GLU A 57 -9.77 -2.01 14.53
N CYS A 58 -9.18 -0.88 14.17
CA CYS A 58 -8.65 0.06 15.15
C CYS A 58 -9.55 1.29 15.26
N ALA A 59 -10.05 1.54 16.47
CA ALA A 59 -10.92 2.69 16.72
C ALA A 59 -10.21 3.99 16.38
N GLY A 60 -10.92 4.88 15.68
CA GLY A 60 -10.34 6.16 15.31
C GLY A 60 -10.24 6.34 13.82
N CYS A 61 -10.11 5.23 13.09
CA CYS A 61 -10.01 5.27 11.64
C CYS A 61 -11.39 5.36 11.00
N THR A 62 -11.42 5.39 9.67
CA THR A 62 -12.68 5.48 8.93
C THR A 62 -12.96 4.18 8.20
N ASP A 63 -14.05 4.17 7.42
CA ASP A 63 -14.43 2.98 6.67
C ASP A 63 -14.08 3.14 5.19
N GLY A 64 -12.98 3.85 4.92
CA GLY A 64 -12.55 4.06 3.55
C GLY A 64 -12.96 5.41 3.02
N THR A 65 -12.86 6.44 3.85
CA THR A 65 -13.23 7.79 3.46
C THR A 65 -12.10 8.77 3.78
N PHE A 66 -11.59 9.42 2.74
CA PHE A 66 -10.50 10.39 2.91
C PHE A 66 -11.06 11.81 2.95
N ARG A 67 -11.15 12.37 4.15
CA ARG A 67 -11.66 13.73 4.31
C ARG A 67 -13.08 13.85 3.76
N GLY A 68 -13.82 12.76 3.79
CA GLY A 68 -15.19 12.76 3.28
C GLY A 68 -15.29 12.20 1.87
N THR A 69 -14.17 12.19 1.15
CA THR A 69 -14.15 11.68 -0.21
C THR A 69 -13.93 10.17 -0.23
N ARG A 70 -15.02 9.41 -0.33
CA ARG A 70 -14.94 7.95 -0.35
C ARG A 70 -14.38 7.47 -1.68
N TYR A 71 -13.31 6.69 -1.62
CA TYR A 71 -12.68 6.15 -2.83
C TYR A 71 -13.05 4.69 -3.02
N PHE A 72 -13.03 3.93 -1.93
CA PHE A 72 -13.35 2.51 -1.98
C PHE A 72 -14.27 2.11 -0.82
N THR A 73 -14.82 0.91 -0.90
CA THR A 73 -15.73 0.42 0.14
C THR A 73 -15.04 -0.66 0.98
N CYS A 74 -14.73 -0.31 2.23
CA CYS A 74 -14.07 -1.25 3.13
C CYS A 74 -14.79 -1.31 4.48
N ALA A 75 -14.37 -2.24 5.32
CA ALA A 75 -14.98 -2.40 6.64
C ALA A 75 -14.81 -1.13 7.49
N LEU A 76 -15.47 -1.10 8.63
CA LEU A 76 -15.39 0.05 9.53
C LEU A 76 -14.11 0.01 10.36
N LYS A 77 -13.45 1.15 10.46
CA LYS A 77 -12.20 1.25 11.22
C LYS A 77 -11.13 0.34 10.63
N LYS A 78 -10.98 0.41 9.31
CA LYS A 78 -9.98 -0.41 8.62
C LYS A 78 -9.54 0.26 7.32
N ALA A 79 -9.41 1.58 7.36
CA ALA A 79 -9.00 2.33 6.19
C ALA A 79 -8.13 3.54 6.58
N LEU A 80 -6.83 3.43 6.31
CA LEU A 80 -5.89 4.51 6.64
C LEU A 80 -5.14 4.96 5.40
N PHE A 81 -5.46 6.15 4.93
CA PHE A 81 -4.80 6.71 3.75
C PHE A 81 -3.44 7.30 4.10
N VAL A 82 -2.46 7.08 3.24
CA VAL A 82 -1.11 7.59 3.46
C VAL A 82 -0.39 7.84 2.14
N LYS A 83 0.72 8.54 2.21
CA LYS A 83 1.51 8.86 1.02
C LYS A 83 2.09 7.59 0.41
N LEU A 84 1.76 7.34 -0.86
CA LEU A 84 2.26 6.17 -1.56
C LEU A 84 3.79 6.16 -1.61
N LYS A 85 4.38 7.35 -1.68
CA LYS A 85 5.82 7.49 -1.74
C LYS A 85 6.47 6.99 -0.45
N SER A 86 5.71 7.04 0.65
CA SER A 86 6.21 6.59 1.95
C SER A 86 5.74 5.17 2.25
N CYS A 87 5.53 4.38 1.20
CA CYS A 87 5.08 3.01 1.35
C CYS A 87 6.14 2.02 0.84
N ARG A 88 6.17 0.84 1.43
CA ARG A 88 7.12 -0.19 1.05
C ARG A 88 6.42 -1.52 0.77
N PRO A 89 6.92 -2.29 -0.21
CA PRO A 89 6.33 -3.59 -0.58
C PRO A 89 6.20 -4.51 0.63
N ASP A 90 4.99 -5.05 0.83
CA ASP A 90 4.74 -5.95 1.94
C ASP A 90 4.76 -7.40 1.48
N SER A 91 5.86 -8.09 1.75
CA SER A 91 6.00 -9.49 1.36
C SER A 91 5.67 -10.42 2.53
N ARG A 92 4.84 -9.94 3.45
CA ARG A 92 4.44 -10.73 4.61
C ARG A 92 3.62 -11.95 4.18
N PHE A 93 2.91 -11.81 3.08
CA PHE A 93 2.09 -12.90 2.56
C PHE A 93 2.63 -13.41 1.24
N ALA A 94 3.93 -13.26 1.03
CA ALA A 94 4.58 -13.72 -0.20
C ALA A 94 4.67 -15.24 -0.24
N SER A 95 4.22 -15.82 -1.34
CA SER A 95 4.24 -17.27 -1.52
C SER A 95 5.67 -17.76 -1.75
N LEU A 96 6.18 -18.56 -0.82
CA LEU A 96 7.53 -19.10 -0.92
C LEU A 96 7.62 -20.46 -0.25
N GLN A 97 7.22 -21.50 -0.97
CA GLN A 97 7.26 -22.86 -0.43
C GLN A 97 8.07 -23.78 -1.35
N PRO A 98 8.69 -24.83 -0.77
CA PRO A 98 9.50 -25.78 -1.54
C PRO A 98 8.65 -26.65 -2.46
N SER A 99 9.32 -27.45 -3.29
CA SER A 99 8.62 -28.34 -4.22
C SER A 99 8.99 -29.80 -3.96
N GLY A 100 7.99 -30.61 -3.64
CA GLY A 100 8.22 -32.02 -3.38
C GLY A 100 7.03 -32.69 -2.73
N PRO A 101 7.01 -34.04 -2.70
CA PRO A 101 5.91 -34.79 -2.09
C PRO A 101 5.60 -34.33 -0.68
N SER A 102 4.49 -33.62 -0.51
CA SER A 102 4.08 -33.12 0.80
C SER A 102 2.59 -32.82 0.82
N SER A 103 2.01 -32.79 2.02
CA SER A 103 0.59 -32.52 2.18
C SER A 103 0.24 -32.30 3.65
N GLY A 104 -0.15 -31.07 3.98
CA GLY A 104 -0.50 -30.76 5.35
C GLY A 104 0.69 -30.37 6.19
N GLY A 1 19.72 2.80 -1.93
CA GLY A 1 20.43 2.38 -0.71
C GLY A 1 19.56 1.60 0.25
N SER A 2 18.57 0.90 -0.29
CA SER A 2 17.65 0.10 0.51
C SER A 2 17.94 -1.38 0.34
N SER A 3 17.75 -1.89 -0.87
CA SER A 3 17.98 -3.29 -1.17
C SER A 3 19.01 -3.46 -2.27
N GLY A 4 20.00 -2.56 -2.28
CA GLY A 4 21.04 -2.63 -3.29
C GLY A 4 20.59 -2.07 -4.63
N SER A 5 21.52 -1.98 -5.58
CA SER A 5 21.21 -1.47 -6.91
C SER A 5 21.48 -2.52 -7.98
N SER A 6 21.27 -3.78 -7.63
CA SER A 6 21.49 -4.88 -8.56
C SER A 6 20.17 -5.45 -9.07
N GLY A 7 20.21 -6.06 -10.25
CA GLY A 7 19.00 -6.64 -10.82
C GLY A 7 18.12 -5.59 -11.48
N LEU A 8 16.83 -5.62 -11.13
CA LEU A 8 15.88 -4.66 -11.69
C LEU A 8 15.16 -3.91 -10.58
N ALA A 9 15.23 -2.58 -10.63
CA ALA A 9 14.59 -1.73 -9.64
C ALA A 9 14.35 -0.33 -10.17
N MET A 10 13.40 0.39 -9.56
CA MET A 10 13.08 1.74 -9.98
C MET A 10 12.41 2.50 -8.84
N PRO A 11 13.21 3.16 -7.98
CA PRO A 11 12.69 3.93 -6.85
C PRO A 11 11.73 5.04 -7.30
N PRO A 12 12.13 5.83 -8.32
CA PRO A 12 11.28 6.92 -8.82
C PRO A 12 9.90 6.43 -9.24
N GLY A 13 9.79 5.14 -9.52
CA GLY A 13 8.52 4.57 -9.91
C GLY A 13 7.81 3.86 -8.78
N ASN A 14 7.45 4.62 -7.75
CA ASN A 14 6.76 4.07 -6.58
C ASN A 14 7.62 2.99 -5.92
N SER A 15 8.87 3.33 -5.64
CA SER A 15 9.79 2.40 -4.99
C SER A 15 10.07 1.20 -5.89
N HIS A 16 9.13 0.26 -5.92
CA HIS A 16 9.27 -0.94 -6.74
C HIS A 16 7.99 -1.22 -7.52
N GLY A 17 6.89 -1.40 -6.79
CA GLY A 17 5.62 -1.68 -7.43
C GLY A 17 4.45 -1.57 -6.46
N LEU A 18 4.26 -0.38 -5.90
CA LEU A 18 3.18 -0.14 -4.94
C LEU A 18 1.92 0.32 -5.67
N GLU A 19 0.93 -0.56 -5.75
CA GLU A 19 -0.33 -0.24 -6.42
C GLU A 19 -1.50 -0.91 -5.73
N VAL A 20 -2.71 -0.66 -6.22
CA VAL A 20 -3.92 -1.25 -5.65
C VAL A 20 -3.84 -2.78 -5.67
N GLY A 21 -4.27 -3.40 -4.59
CA GLY A 21 -4.25 -4.84 -4.49
C GLY A 21 -3.00 -5.37 -3.83
N SER A 22 -1.85 -4.78 -4.18
CA SER A 22 -0.58 -5.20 -3.62
C SER A 22 -0.43 -4.68 -2.19
N LEU A 23 0.16 -5.49 -1.32
CA LEU A 23 0.37 -5.12 0.07
C LEU A 23 1.43 -4.04 0.20
N ALA A 24 1.29 -3.17 1.20
CA ALA A 24 2.25 -2.10 1.42
C ALA A 24 2.32 -1.73 2.91
N GLU A 25 3.46 -1.21 3.32
CA GLU A 25 3.65 -0.82 4.71
C GLU A 25 3.99 0.67 4.82
N VAL A 26 3.65 1.26 5.96
CA VAL A 26 3.91 2.67 6.19
C VAL A 26 4.74 2.89 7.45
N LYS A 27 5.74 3.76 7.34
CA LYS A 27 6.62 4.05 8.47
C LYS A 27 5.92 4.95 9.49
N GLU A 28 5.10 4.34 10.34
CA GLU A 28 4.38 5.09 11.36
C GLU A 28 4.63 4.51 12.75
N ASN A 29 4.06 5.14 13.77
CA ASN A 29 4.22 4.69 15.15
C ASN A 29 3.70 3.26 15.32
N PRO A 30 2.41 3.05 15.03
CA PRO A 30 1.79 1.73 15.15
C PRO A 30 2.18 0.79 14.01
N PRO A 31 2.99 -0.25 14.30
CA PRO A 31 3.43 -1.21 13.28
C PRO A 31 2.28 -2.09 12.79
N PHE A 32 1.54 -1.59 11.81
CA PHE A 32 0.41 -2.33 11.24
C PHE A 32 0.75 -2.87 9.85
N TYR A 33 -0.14 -3.68 9.32
CA TYR A 33 0.07 -4.26 7.99
C TYR A 33 -1.24 -4.28 7.20
N GLY A 34 -1.27 -3.54 6.10
CA GLY A 34 -2.47 -3.49 5.27
C GLY A 34 -2.15 -3.58 3.80
N VAL A 35 -3.18 -3.43 2.96
CA VAL A 35 -3.00 -3.50 1.52
C VAL A 35 -3.55 -2.25 0.84
N ILE A 36 -2.89 -1.84 -0.25
CA ILE A 36 -3.31 -0.66 -0.99
C ILE A 36 -4.73 -0.82 -1.53
N ARG A 37 -5.42 0.30 -1.72
CA ARG A 37 -6.79 0.28 -2.22
C ARG A 37 -6.99 1.34 -3.29
N TRP A 38 -6.93 2.60 -2.90
CA TRP A 38 -7.10 3.71 -3.83
C TRP A 38 -5.86 4.61 -3.85
N ILE A 39 -5.39 4.91 -5.06
CA ILE A 39 -4.22 5.77 -5.23
C ILE A 39 -4.57 6.99 -6.09
N GLY A 40 -4.69 8.14 -5.45
CA GLY A 40 -5.02 9.35 -6.17
C GLY A 40 -4.77 10.61 -5.37
N GLN A 41 -5.27 11.73 -5.87
CA GLN A 41 -5.08 13.02 -5.19
C GLN A 41 -6.43 13.74 -5.05
N PRO A 42 -6.89 13.95 -3.80
CA PRO A 42 -8.16 14.62 -3.55
C PRO A 42 -8.21 16.02 -4.15
N PRO A 43 -9.41 16.57 -4.35
CA PRO A 43 -9.59 17.91 -4.92
C PRO A 43 -9.19 19.02 -3.95
N GLY A 44 -7.91 19.38 -3.96
CA GLY A 44 -7.43 20.41 -3.08
C GLY A 44 -5.94 20.32 -2.83
N LEU A 45 -5.47 19.12 -2.46
CA LEU A 45 -4.06 18.91 -2.19
C LEU A 45 -3.49 17.83 -3.11
N ASN A 46 -2.61 18.23 -4.02
CA ASN A 46 -2.01 17.28 -4.94
C ASN A 46 -0.98 16.41 -4.23
N GLU A 47 -1.34 15.15 -4.03
CA GLU A 47 -0.47 14.20 -3.35
C GLU A 47 -0.97 12.77 -3.53
N VAL A 48 -0.11 11.90 -4.06
CA VAL A 48 -0.48 10.51 -4.28
C VAL A 48 -0.68 9.79 -2.95
N LEU A 49 -1.93 9.62 -2.55
CA LEU A 49 -2.26 8.96 -1.30
C LEU A 49 -2.85 7.58 -1.55
N ALA A 50 -2.15 6.54 -1.11
CA ALA A 50 -2.61 5.18 -1.29
C ALA A 50 -3.43 4.71 -0.10
N GLY A 51 -4.72 4.46 -0.33
CA GLY A 51 -5.59 4.00 0.75
C GLY A 51 -5.30 2.58 1.16
N LEU A 52 -4.61 2.42 2.29
CA LEU A 52 -4.27 1.09 2.79
C LEU A 52 -5.38 0.56 3.70
N GLU A 53 -5.61 -0.75 3.64
CA GLU A 53 -6.64 -1.39 4.45
C GLU A 53 -6.01 -2.29 5.51
N LEU A 54 -6.15 -1.89 6.77
CA LEU A 54 -5.59 -2.66 7.88
C LEU A 54 -6.35 -3.98 8.05
N GLU A 55 -5.67 -4.99 8.58
CA GLU A 55 -6.27 -6.29 8.79
C GLU A 55 -6.99 -6.35 10.14
N ASP A 56 -6.47 -5.61 11.11
CA ASP A 56 -7.06 -5.56 12.44
C ASP A 56 -7.95 -4.34 12.60
N GLU A 57 -9.19 -4.56 13.02
CA GLU A 57 -10.14 -3.47 13.21
C GLU A 57 -9.75 -2.61 14.40
N CYS A 58 -9.05 -1.51 14.12
CA CYS A 58 -8.62 -0.59 15.16
C CYS A 58 -9.47 0.68 15.17
N ALA A 59 -9.98 1.03 16.35
CA ALA A 59 -10.80 2.22 16.48
C ALA A 59 -10.00 3.49 16.17
N GLY A 60 -10.46 4.25 15.19
CA GLY A 60 -9.77 5.46 14.81
C GLY A 60 -9.68 5.65 13.31
N CYS A 61 -9.68 4.54 12.58
CA CYS A 61 -9.60 4.59 11.13
C CYS A 61 -10.99 4.72 10.51
N THR A 62 -11.03 5.02 9.22
CA THR A 62 -12.30 5.17 8.50
C THR A 62 -12.68 3.88 7.78
N ASP A 63 -13.78 3.92 7.05
CA ASP A 63 -14.25 2.76 6.31
C ASP A 63 -14.02 2.95 4.81
N GLY A 64 -12.97 3.68 4.46
CA GLY A 64 -12.67 3.91 3.06
C GLY A 64 -13.08 5.30 2.60
N THR A 65 -12.91 6.29 3.48
CA THR A 65 -13.26 7.67 3.16
C THR A 65 -12.18 8.63 3.62
N PHE A 66 -11.60 9.36 2.67
CA PHE A 66 -10.54 10.31 2.99
C PHE A 66 -11.10 11.74 3.05
N ARG A 67 -11.22 12.27 4.26
CA ARG A 67 -11.73 13.62 4.45
C ARG A 67 -13.16 13.74 3.93
N GLY A 68 -13.96 12.70 4.17
CA GLY A 68 -15.34 12.71 3.72
C GLY A 68 -15.46 12.44 2.24
N THR A 69 -14.50 11.69 1.69
CA THR A 69 -14.50 11.37 0.27
C THR A 69 -14.24 9.88 0.06
N ARG A 70 -15.31 9.10 -0.06
CA ARG A 70 -15.19 7.66 -0.27
C ARG A 70 -14.47 7.35 -1.56
N TYR A 71 -13.51 6.42 -1.51
CA TYR A 71 -12.75 6.04 -2.69
C TYR A 71 -12.99 4.57 -3.04
N PHE A 72 -13.08 3.73 -2.01
CA PHE A 72 -13.30 2.30 -2.21
C PHE A 72 -14.25 1.75 -1.14
N THR A 73 -14.50 0.45 -1.20
CA THR A 73 -15.39 -0.20 -0.24
C THR A 73 -14.63 -1.24 0.58
N CYS A 74 -14.49 -0.97 1.88
CA CYS A 74 -13.78 -1.87 2.78
C CYS A 74 -14.44 -1.89 4.15
N ALA A 75 -13.94 -2.76 5.03
CA ALA A 75 -14.47 -2.88 6.38
C ALA A 75 -14.26 -1.59 7.16
N LEU A 76 -15.11 -1.36 8.16
CA LEU A 76 -15.02 -0.17 8.99
C LEU A 76 -13.83 -0.26 9.93
N LYS A 77 -13.23 0.89 10.23
CA LYS A 77 -12.09 0.94 11.13
C LYS A 77 -10.92 0.15 10.57
N LYS A 78 -10.79 0.14 9.24
CA LYS A 78 -9.72 -0.59 8.58
C LYS A 78 -9.30 0.13 7.29
N ALA A 79 -9.28 1.46 7.34
CA ALA A 79 -8.90 2.26 6.19
C ALA A 79 -8.04 3.45 6.60
N LEU A 80 -6.72 3.32 6.44
CA LEU A 80 -5.79 4.39 6.79
C LEU A 80 -5.09 4.94 5.56
N PHE A 81 -5.45 6.16 5.17
CA PHE A 81 -4.86 6.80 4.01
C PHE A 81 -3.47 7.34 4.33
N VAL A 82 -2.56 7.26 3.36
CA VAL A 82 -1.19 7.74 3.56
C VAL A 82 -0.54 8.06 2.22
N LYS A 83 0.58 8.77 2.27
CA LYS A 83 1.31 9.14 1.06
C LYS A 83 1.96 7.92 0.41
N LEU A 84 1.64 7.69 -0.85
CA LEU A 84 2.19 6.55 -1.59
C LEU A 84 3.72 6.62 -1.62
N LYS A 85 4.24 7.83 -1.73
CA LYS A 85 5.69 8.03 -1.78
C LYS A 85 6.34 7.59 -0.47
N SER A 86 5.58 7.62 0.61
CA SER A 86 6.09 7.21 1.92
C SER A 86 5.65 5.79 2.26
N CYS A 87 5.50 4.96 1.24
CA CYS A 87 5.08 3.58 1.43
C CYS A 87 6.20 2.61 1.08
N ARG A 88 6.22 1.46 1.73
CA ARG A 88 7.25 0.45 1.49
C ARG A 88 6.62 -0.88 1.09
N PRO A 89 7.24 -1.60 0.14
CA PRO A 89 6.73 -2.89 -0.32
C PRO A 89 6.53 -3.88 0.83
N ASP A 90 5.32 -4.44 0.91
CA ASP A 90 5.01 -5.39 1.97
C ASP A 90 5.04 -6.83 1.44
N SER A 91 6.16 -7.51 1.67
CA SER A 91 6.32 -8.89 1.22
C SER A 91 6.02 -9.87 2.34
N ARG A 92 5.14 -9.47 3.25
CA ARG A 92 4.77 -10.33 4.38
C ARG A 92 4.02 -11.57 3.90
N PHE A 93 3.30 -11.42 2.79
CA PHE A 93 2.53 -12.53 2.23
C PHE A 93 2.95 -12.79 0.79
N ALA A 94 4.21 -12.52 0.47
CA ALA A 94 4.73 -12.72 -0.88
C ALA A 94 5.49 -14.04 -0.98
N SER A 95 5.05 -14.90 -1.88
CA SER A 95 5.69 -16.19 -2.08
C SER A 95 7.05 -16.04 -2.73
N LEU A 96 8.11 -16.25 -1.95
CA LEU A 96 9.47 -16.13 -2.46
C LEU A 96 10.42 -17.03 -1.69
N GLN A 97 10.31 -17.02 -0.37
CA GLN A 97 11.16 -17.82 0.49
C GLN A 97 10.74 -19.30 0.43
N PRO A 98 9.49 -19.60 0.83
CA PRO A 98 8.97 -20.97 0.82
C PRO A 98 8.69 -21.47 -0.59
N SER A 99 8.04 -22.63 -0.68
CA SER A 99 7.72 -23.23 -1.98
C SER A 99 6.25 -23.63 -2.03
N GLY A 100 5.39 -22.66 -2.34
CA GLY A 100 3.96 -22.93 -2.41
C GLY A 100 3.58 -23.72 -3.66
N PRO A 101 2.45 -24.44 -3.63
CA PRO A 101 1.99 -25.23 -4.78
C PRO A 101 1.52 -24.36 -5.93
N SER A 102 1.12 -25.00 -7.03
CA SER A 102 0.65 -24.28 -8.21
C SER A 102 -0.71 -24.79 -8.64
N SER A 103 -0.85 -26.11 -8.73
CA SER A 103 -2.12 -26.71 -9.14
C SER A 103 -2.22 -28.14 -8.60
N GLY A 104 -1.28 -28.99 -8.98
CA GLY A 104 -1.29 -30.37 -8.53
C GLY A 104 -0.55 -31.30 -9.48
N GLY A 1 7.50 11.06 -18.70
CA GLY A 1 6.72 12.18 -19.28
C GLY A 1 7.59 13.37 -19.62
N SER A 2 7.89 14.19 -18.63
CA SER A 2 8.73 15.37 -18.83
C SER A 2 10.17 14.97 -19.14
N SER A 3 10.61 15.24 -20.36
CA SER A 3 11.97 14.90 -20.78
C SER A 3 12.96 15.96 -20.29
N GLY A 4 13.75 15.60 -19.28
CA GLY A 4 14.73 16.53 -18.74
C GLY A 4 15.17 16.15 -17.34
N SER A 5 16.08 16.94 -16.77
CA SER A 5 16.58 16.69 -15.43
C SER A 5 17.24 15.31 -15.34
N SER A 6 17.94 15.07 -14.24
CA SER A 6 18.62 13.80 -14.03
C SER A 6 18.55 13.37 -12.58
N GLY A 7 17.55 12.55 -12.25
CA GLY A 7 17.38 12.09 -10.89
C GLY A 7 16.23 11.12 -10.75
N LEU A 8 16.43 9.88 -11.20
CA LEU A 8 15.40 8.85 -11.12
C LEU A 8 15.85 7.69 -10.26
N ALA A 9 14.90 7.01 -9.62
CA ALA A 9 15.20 5.88 -8.76
C ALA A 9 13.97 5.03 -8.52
N MET A 10 13.13 4.90 -9.55
CA MET A 10 11.91 4.11 -9.45
C MET A 10 11.35 3.80 -10.83
N PRO A 11 12.07 3.00 -11.63
CA PRO A 11 11.64 2.63 -12.98
C PRO A 11 10.29 1.91 -12.99
N PRO A 12 10.11 0.91 -12.10
CA PRO A 12 8.85 0.16 -12.02
C PRO A 12 7.65 1.08 -11.81
N GLY A 13 7.91 2.27 -11.27
CA GLY A 13 6.84 3.22 -11.03
C GLY A 13 6.96 3.88 -9.67
N ASN A 14 7.03 3.06 -8.62
CA ASN A 14 7.14 3.58 -7.26
C ASN A 14 8.00 2.66 -6.40
N SER A 15 9.27 3.02 -6.26
CA SER A 15 10.21 2.23 -5.47
C SER A 15 10.43 0.85 -6.08
N HIS A 16 9.47 -0.05 -5.85
CA HIS A 16 9.55 -1.41 -6.39
C HIS A 16 8.31 -1.74 -7.22
N GLY A 17 7.14 -1.38 -6.70
CA GLY A 17 5.91 -1.64 -7.42
C GLY A 17 4.69 -1.60 -6.51
N LEU A 18 4.32 -0.41 -6.07
CA LEU A 18 3.17 -0.24 -5.19
C LEU A 18 1.95 0.22 -5.98
N GLU A 19 0.96 -0.66 -6.08
CA GLU A 19 -0.27 -0.34 -6.79
C GLU A 19 -1.48 -0.95 -6.10
N VAL A 20 -2.68 -0.62 -6.60
CA VAL A 20 -3.91 -1.14 -6.02
C VAL A 20 -3.94 -2.66 -6.06
N GLY A 21 -4.29 -3.27 -4.93
CA GLY A 21 -4.36 -4.71 -4.86
C GLY A 21 -3.17 -5.31 -4.13
N SER A 22 -2.01 -4.70 -4.31
CA SER A 22 -0.80 -5.17 -3.67
C SER A 22 -0.72 -4.72 -2.21
N LEU A 23 -0.04 -5.50 -1.38
CA LEU A 23 0.09 -5.17 0.03
C LEU A 23 1.18 -4.13 0.24
N ALA A 24 1.03 -3.33 1.30
CA ALA A 24 2.00 -2.29 1.60
C ALA A 24 2.05 -2.02 3.11
N GLU A 25 3.18 -1.49 3.58
CA GLU A 25 3.36 -1.18 4.99
C GLU A 25 3.88 0.24 5.18
N VAL A 26 3.43 0.90 6.24
CA VAL A 26 3.85 2.26 6.53
C VAL A 26 4.86 2.29 7.68
N LYS A 27 5.63 3.37 7.75
CA LYS A 27 6.63 3.52 8.80
C LYS A 27 6.10 4.38 9.94
N GLU A 28 4.82 4.22 10.25
CA GLU A 28 4.18 4.98 11.32
C GLU A 28 4.52 4.38 12.68
N ASN A 29 4.04 5.03 13.75
CA ASN A 29 4.29 4.56 15.09
C ASN A 29 3.74 3.15 15.30
N PRO A 30 2.42 2.96 15.08
CA PRO A 30 1.78 1.65 15.24
C PRO A 30 2.07 0.72 14.06
N PRO A 31 2.87 -0.33 14.28
CA PRO A 31 3.22 -1.29 13.22
C PRO A 31 2.02 -2.14 12.80
N PHE A 32 1.25 -1.62 11.86
CA PHE A 32 0.08 -2.32 11.35
C PHE A 32 0.32 -2.88 9.96
N TYR A 33 -0.61 -3.69 9.47
CA TYR A 33 -0.49 -4.29 8.15
C TYR A 33 -1.78 -4.13 7.35
N GLY A 34 -1.65 -3.75 6.09
CA GLY A 34 -2.82 -3.57 5.24
C GLY A 34 -2.51 -3.78 3.78
N VAL A 35 -3.40 -3.30 2.91
CA VAL A 35 -3.22 -3.43 1.47
C VAL A 35 -3.66 -2.17 0.74
N ILE A 36 -3.01 -1.87 -0.37
CA ILE A 36 -3.34 -0.69 -1.17
C ILE A 36 -4.74 -0.80 -1.75
N ARG A 37 -5.48 0.31 -1.70
CA ARG A 37 -6.84 0.34 -2.22
C ARG A 37 -6.98 1.41 -3.30
N TRP A 38 -6.75 2.66 -2.92
CA TRP A 38 -6.85 3.78 -3.86
C TRP A 38 -5.58 4.63 -3.84
N ILE A 39 -5.08 4.96 -5.02
CA ILE A 39 -3.88 5.78 -5.14
C ILE A 39 -4.16 7.00 -6.00
N GLY A 40 -4.26 8.17 -5.36
CA GLY A 40 -4.53 9.39 -6.09
C GLY A 40 -4.28 10.63 -5.26
N GLN A 41 -4.72 11.77 -5.77
CA GLN A 41 -4.55 13.05 -5.08
C GLN A 41 -5.88 13.78 -4.94
N PRO A 42 -6.37 13.96 -3.69
CA PRO A 42 -7.64 14.64 -3.44
C PRO A 42 -7.66 16.06 -4.01
N PRO A 43 -8.87 16.62 -4.22
CA PRO A 43 -9.03 17.98 -4.76
C PRO A 43 -8.63 19.05 -3.75
N GLY A 44 -7.34 19.40 -3.75
CA GLY A 44 -6.86 20.41 -2.83
C GLY A 44 -5.38 20.29 -2.56
N LEU A 45 -4.93 19.09 -2.19
CA LEU A 45 -3.53 18.84 -1.91
C LEU A 45 -2.96 17.77 -2.83
N ASN A 46 -2.08 18.15 -3.73
CA ASN A 46 -1.47 17.21 -4.66
C ASN A 46 -0.47 16.32 -3.93
N GLU A 47 -0.85 15.05 -3.74
CA GLU A 47 0.02 14.10 -3.06
C GLU A 47 -0.49 12.67 -3.27
N VAL A 48 0.34 11.82 -3.86
CA VAL A 48 -0.05 10.44 -4.09
C VAL A 48 -0.27 9.71 -2.78
N LEU A 49 -1.55 9.59 -2.38
CA LEU A 49 -1.90 8.91 -1.14
C LEU A 49 -2.53 7.56 -1.41
N ALA A 50 -1.85 6.50 -1.00
CA ALA A 50 -2.35 5.15 -1.20
C ALA A 50 -3.18 4.68 -0.02
N GLY A 51 -4.47 4.46 -0.26
CA GLY A 51 -5.35 4.02 0.80
C GLY A 51 -5.05 2.60 1.25
N LEU A 52 -4.54 2.46 2.47
CA LEU A 52 -4.20 1.15 3.03
C LEU A 52 -5.33 0.63 3.92
N GLU A 53 -5.74 -0.61 3.69
CA GLU A 53 -6.80 -1.22 4.48
C GLU A 53 -6.22 -2.13 5.56
N LEU A 54 -6.32 -1.69 6.81
CA LEU A 54 -5.80 -2.46 7.94
C LEU A 54 -6.59 -3.75 8.12
N GLU A 55 -5.90 -4.80 8.59
CA GLU A 55 -6.54 -6.09 8.81
C GLU A 55 -7.38 -6.08 10.07
N ASP A 56 -6.95 -5.31 11.07
CA ASP A 56 -7.66 -5.22 12.33
C ASP A 56 -8.49 -3.93 12.39
N GLU A 57 -9.62 -4.00 13.09
CA GLU A 57 -10.50 -2.84 13.22
C GLU A 57 -9.95 -1.84 14.22
N CYS A 58 -9.05 -0.98 13.75
CA CYS A 58 -8.44 0.03 14.61
C CYS A 58 -9.39 1.19 14.85
N ALA A 59 -9.63 1.51 16.12
CA ALA A 59 -10.53 2.60 16.48
C ALA A 59 -9.90 3.95 16.14
N GLY A 60 -10.52 4.65 15.19
CA GLY A 60 -10.02 5.95 14.78
C GLY A 60 -10.00 6.12 13.27
N CYS A 61 -9.86 5.01 12.55
CA CYS A 61 -9.83 5.04 11.09
C CYS A 61 -11.24 5.08 10.52
N THR A 62 -11.34 5.25 9.21
CA THR A 62 -12.63 5.30 8.54
C THR A 62 -12.91 4.00 7.79
N ASP A 63 -14.04 3.96 7.09
CA ASP A 63 -14.43 2.77 6.34
C ASP A 63 -14.07 2.93 4.86
N GLY A 64 -13.00 3.67 4.59
CA GLY A 64 -12.57 3.87 3.22
C GLY A 64 -13.01 5.21 2.67
N THR A 65 -12.88 6.25 3.48
CA THR A 65 -13.27 7.60 3.07
C THR A 65 -12.24 8.63 3.51
N PHE A 66 -11.65 9.32 2.54
CA PHE A 66 -10.64 10.33 2.83
C PHE A 66 -11.23 11.74 2.73
N ARG A 67 -11.42 12.38 3.87
CA ARG A 67 -11.98 13.73 3.90
C ARG A 67 -13.38 13.75 3.30
N GLY A 68 -14.16 12.72 3.58
CA GLY A 68 -15.51 12.64 3.05
C GLY A 68 -15.53 12.29 1.58
N THR A 69 -14.52 11.56 1.13
CA THR A 69 -14.42 11.16 -0.27
C THR A 69 -14.13 9.67 -0.39
N ARG A 70 -15.19 8.87 -0.53
CA ARG A 70 -15.05 7.43 -0.65
C ARG A 70 -14.43 7.05 -2.00
N TYR A 71 -13.29 6.38 -1.95
CA TYR A 71 -12.58 5.97 -3.16
C TYR A 71 -12.83 4.48 -3.43
N PHE A 72 -12.93 3.69 -2.37
CA PHE A 72 -13.16 2.26 -2.51
C PHE A 72 -14.14 1.77 -1.44
N THR A 73 -14.40 0.47 -1.44
CA THR A 73 -15.31 -0.13 -0.48
C THR A 73 -14.57 -1.09 0.45
N CYS A 74 -14.53 -0.75 1.73
CA CYS A 74 -13.85 -1.57 2.72
C CYS A 74 -14.62 -1.60 4.03
N ALA A 75 -14.20 -2.46 4.95
CA ALA A 75 -14.86 -2.59 6.25
C ALA A 75 -14.75 -1.28 7.05
N LEU A 76 -15.32 -1.29 8.24
CA LEU A 76 -15.28 -0.12 9.10
C LEU A 76 -14.07 -0.16 10.04
N LYS A 77 -13.47 1.01 10.28
CA LYS A 77 -12.31 1.10 11.16
C LYS A 77 -11.15 0.29 10.60
N LYS A 78 -11.02 0.27 9.28
CA LYS A 78 -9.95 -0.47 8.63
C LYS A 78 -9.50 0.22 7.35
N ALA A 79 -9.49 1.56 7.38
CA ALA A 79 -9.08 2.35 6.23
C ALA A 79 -8.23 3.53 6.65
N LEU A 80 -6.92 3.44 6.40
CA LEU A 80 -6.00 4.51 6.75
C LEU A 80 -5.22 4.98 5.52
N PHE A 81 -5.46 6.23 5.12
CA PHE A 81 -4.78 6.80 3.97
C PHE A 81 -3.42 7.36 4.36
N VAL A 82 -2.43 7.18 3.48
CA VAL A 82 -1.09 7.68 3.73
C VAL A 82 -0.34 7.95 2.43
N LYS A 83 0.78 8.65 2.54
CA LYS A 83 1.59 8.98 1.36
C LYS A 83 2.15 7.71 0.72
N LEU A 84 1.99 7.60 -0.59
CA LEU A 84 2.49 6.45 -1.33
C LEU A 84 4.01 6.45 -1.39
N LYS A 85 4.59 7.65 -1.42
CA LYS A 85 6.04 7.80 -1.48
C LYS A 85 6.69 7.22 -0.22
N SER A 86 5.96 7.23 0.88
CA SER A 86 6.47 6.72 2.15
C SER A 86 5.87 5.36 2.46
N CYS A 87 5.59 4.59 1.41
CA CYS A 87 5.01 3.25 1.58
C CYS A 87 6.05 2.18 1.30
N ARG A 88 6.09 1.16 2.14
CA ARG A 88 7.04 0.07 1.99
C ARG A 88 6.33 -1.20 1.47
N PRO A 89 6.83 -1.78 0.37
CA PRO A 89 6.23 -2.99 -0.21
C PRO A 89 6.10 -4.12 0.81
N ASP A 90 4.90 -4.66 0.93
CA ASP A 90 4.64 -5.75 1.88
C ASP A 90 4.59 -7.09 1.15
N SER A 91 5.66 -7.86 1.26
CA SER A 91 5.72 -9.17 0.62
C SER A 91 5.42 -10.28 1.62
N ARG A 92 4.59 -9.97 2.61
CA ARG A 92 4.21 -10.94 3.63
C ARG A 92 3.39 -12.07 3.02
N PHE A 93 2.65 -11.76 1.96
CA PHE A 93 1.82 -12.76 1.29
C PHE A 93 2.04 -12.73 -0.22
N ALA A 94 3.25 -12.37 -0.63
CA ALA A 94 3.59 -12.31 -2.04
C ALA A 94 4.39 -13.53 -2.48
N SER A 95 3.86 -14.26 -3.46
CA SER A 95 4.53 -15.46 -3.96
C SER A 95 5.81 -15.11 -4.69
N LEU A 96 6.88 -15.82 -4.38
CA LEU A 96 8.17 -15.59 -5.00
C LEU A 96 8.92 -16.90 -5.24
N GLN A 97 9.27 -17.16 -6.49
CA GLN A 97 9.99 -18.38 -6.86
C GLN A 97 11.49 -18.12 -6.96
N PRO A 98 12.27 -18.54 -5.94
CA PRO A 98 13.72 -18.35 -5.93
C PRO A 98 14.44 -19.30 -6.89
N SER A 99 15.41 -18.77 -7.63
CA SER A 99 16.17 -19.57 -8.58
C SER A 99 17.46 -20.07 -7.95
N GLY A 100 18.16 -19.18 -7.25
CA GLY A 100 19.41 -19.55 -6.61
C GLY A 100 19.55 -18.96 -5.22
N PRO A 101 20.79 -18.69 -4.77
CA PRO A 101 21.03 -18.12 -3.44
C PRO A 101 20.56 -16.67 -3.34
N SER A 102 20.69 -15.93 -4.43
CA SER A 102 20.28 -14.53 -4.47
C SER A 102 20.46 -13.94 -5.86
N SER A 103 21.64 -14.14 -6.43
CA SER A 103 21.94 -13.63 -7.78
C SER A 103 23.24 -14.21 -8.29
N GLY A 104 23.53 -13.93 -9.56
CA GLY A 104 24.75 -14.44 -10.17
C GLY A 104 25.14 -13.67 -11.42
N GLY A 1 12.63 -12.18 -0.71
CA GLY A 1 12.62 -12.28 -2.20
C GLY A 1 13.03 -10.99 -2.88
N SER A 2 12.72 -9.86 -2.24
CA SER A 2 13.06 -8.56 -2.79
C SER A 2 14.57 -8.35 -2.83
N SER A 3 15.18 -8.35 -1.65
CA SER A 3 16.63 -8.17 -1.55
C SER A 3 17.38 -9.26 -2.31
N GLY A 4 18.60 -8.97 -2.71
CA GLY A 4 19.40 -9.93 -3.44
C GLY A 4 18.74 -10.37 -4.74
N SER A 5 19.49 -11.10 -5.56
CA SER A 5 18.97 -11.58 -6.84
C SER A 5 18.79 -10.42 -7.83
N SER A 6 17.88 -9.51 -7.50
CA SER A 6 17.61 -8.36 -8.35
C SER A 6 16.96 -8.78 -9.65
N GLY A 7 15.63 -8.79 -9.67
CA GLY A 7 14.90 -9.17 -10.86
C GLY A 7 13.72 -8.27 -11.15
N LEU A 8 12.95 -7.96 -10.10
CA LEU A 8 11.78 -7.10 -10.23
C LEU A 8 12.05 -5.73 -9.63
N ALA A 9 12.70 -4.86 -10.40
CA ALA A 9 13.01 -3.51 -9.94
C ALA A 9 12.85 -2.49 -11.06
N MET A 10 12.14 -1.41 -10.78
CA MET A 10 11.91 -0.36 -11.76
C MET A 10 12.14 1.02 -11.15
N PRO A 11 13.38 1.53 -11.23
CA PRO A 11 13.73 2.85 -10.69
C PRO A 11 12.85 3.96 -11.25
N PRO A 12 12.63 3.98 -12.58
CA PRO A 12 11.80 5.00 -13.22
C PRO A 12 10.37 5.01 -12.67
N GLY A 13 9.98 3.90 -12.05
CA GLY A 13 8.65 3.80 -11.48
C GLY A 13 8.52 4.54 -10.17
N ASN A 14 7.74 3.99 -9.25
CA ASN A 14 7.53 4.61 -7.95
C ASN A 14 8.63 4.19 -6.97
N SER A 15 8.93 2.89 -6.93
CA SER A 15 9.94 2.36 -6.04
C SER A 15 10.17 0.87 -6.29
N HIS A 16 9.07 0.15 -6.50
CA HIS A 16 9.15 -1.29 -6.74
C HIS A 16 7.92 -1.77 -7.50
N GLY A 17 6.74 -1.37 -7.02
CA GLY A 17 5.50 -1.78 -7.66
C GLY A 17 4.34 -1.82 -6.69
N LEU A 18 4.01 -0.68 -6.11
CA LEU A 18 2.91 -0.59 -5.16
C LEU A 18 1.67 0.03 -5.81
N GLU A 19 0.64 -0.79 -6.00
CA GLU A 19 -0.60 -0.32 -6.60
C GLU A 19 -1.82 -0.95 -5.92
N VAL A 20 -3.00 -0.58 -6.39
CA VAL A 20 -4.24 -1.11 -5.83
C VAL A 20 -4.29 -2.63 -5.92
N GLY A 21 -4.82 -3.27 -4.88
CA GLY A 21 -4.92 -4.71 -4.87
C GLY A 21 -3.75 -5.37 -4.16
N SER A 22 -2.55 -4.81 -4.34
CA SER A 22 -1.35 -5.34 -3.71
C SER A 22 -1.23 -4.84 -2.27
N LEU A 23 -0.47 -5.57 -1.47
CA LEU A 23 -0.27 -5.20 -0.07
C LEU A 23 0.95 -4.31 0.09
N ALA A 24 0.93 -3.44 1.09
CA ALA A 24 2.04 -2.54 1.36
C ALA A 24 2.12 -2.19 2.84
N GLU A 25 3.31 -1.76 3.27
CA GLU A 25 3.54 -1.41 4.67
C GLU A 25 3.96 0.05 4.79
N VAL A 26 3.59 0.68 5.90
CA VAL A 26 3.93 2.08 6.15
C VAL A 26 4.94 2.20 7.29
N LYS A 27 5.78 3.22 7.22
CA LYS A 27 6.79 3.46 8.24
C LYS A 27 6.26 4.40 9.31
N GLU A 28 5.52 3.86 10.27
CA GLU A 28 4.96 4.67 11.34
C GLU A 28 5.31 4.08 12.71
N ASN A 29 4.67 4.58 13.75
CA ASN A 29 4.92 4.11 15.11
C ASN A 29 4.26 2.75 15.34
N PRO A 30 2.93 2.66 15.17
CA PRO A 30 2.18 1.43 15.36
C PRO A 30 2.29 0.49 14.16
N PRO A 31 2.98 -0.65 14.32
CA PRO A 31 3.16 -1.63 13.23
C PRO A 31 1.83 -2.22 12.77
N PHE A 32 1.42 -1.85 11.57
CA PHE A 32 0.16 -2.34 11.01
C PHE A 32 0.35 -2.81 9.57
N TYR A 33 -0.62 -3.57 9.06
CA TYR A 33 -0.56 -4.08 7.71
C TYR A 33 -1.88 -3.86 6.97
N GLY A 34 -1.79 -3.45 5.72
CA GLY A 34 -2.99 -3.20 4.93
C GLY A 34 -2.75 -3.37 3.44
N VAL A 35 -3.82 -3.28 2.65
CA VAL A 35 -3.72 -3.42 1.21
C VAL A 35 -4.15 -2.14 0.50
N ILE A 36 -3.43 -1.78 -0.55
CA ILE A 36 -3.74 -0.58 -1.32
C ILE A 36 -5.14 -0.66 -1.91
N ARG A 37 -5.88 0.45 -1.81
CA ARG A 37 -7.24 0.50 -2.35
C ARG A 37 -7.37 1.61 -3.38
N TRP A 38 -7.21 2.85 -2.94
CA TRP A 38 -7.31 4.01 -3.83
C TRP A 38 -6.01 4.80 -3.85
N ILE A 39 -5.53 5.12 -5.05
CA ILE A 39 -4.31 5.89 -5.20
C ILE A 39 -4.57 7.15 -6.00
N GLY A 40 -4.58 8.30 -5.31
CA GLY A 40 -4.83 9.56 -5.98
C GLY A 40 -4.45 10.75 -5.13
N GLN A 41 -4.87 11.93 -5.57
CA GLN A 41 -4.58 13.17 -4.85
C GLN A 41 -5.86 13.96 -4.59
N PRO A 42 -6.25 14.13 -3.31
CA PRO A 42 -7.45 14.87 -2.95
C PRO A 42 -7.44 16.30 -3.48
N PRO A 43 -8.62 16.93 -3.58
CA PRO A 43 -8.75 18.31 -4.08
C PRO A 43 -8.21 19.32 -3.08
N GLY A 44 -6.92 19.61 -3.15
CA GLY A 44 -6.31 20.57 -2.25
C GLY A 44 -4.82 20.36 -2.09
N LEU A 45 -4.43 19.12 -1.79
CA LEU A 45 -3.02 18.79 -1.61
C LEU A 45 -2.59 17.71 -2.59
N ASN A 46 -1.72 18.08 -3.52
CA ASN A 46 -1.23 17.13 -4.52
C ASN A 46 -0.24 16.16 -3.88
N GLU A 47 -0.67 14.91 -3.71
CA GLU A 47 0.17 13.89 -3.11
C GLU A 47 -0.44 12.50 -3.31
N VAL A 48 0.30 11.62 -3.98
CA VAL A 48 -0.17 10.27 -4.22
C VAL A 48 -0.38 9.52 -2.92
N LEU A 49 -1.63 9.45 -2.47
CA LEU A 49 -1.96 8.76 -1.23
C LEU A 49 -2.69 7.45 -1.51
N ALA A 50 -2.08 6.34 -1.12
CA ALA A 50 -2.67 5.03 -1.33
C ALA A 50 -3.50 4.61 -0.12
N GLY A 51 -4.81 4.47 -0.33
CA GLY A 51 -5.69 4.08 0.74
C GLY A 51 -5.50 2.62 1.15
N LEU A 52 -4.85 2.41 2.29
CA LEU A 52 -4.59 1.07 2.79
C LEU A 52 -5.71 0.62 3.73
N GLU A 53 -6.05 -0.67 3.66
CA GLU A 53 -7.09 -1.23 4.51
C GLU A 53 -6.50 -2.15 5.57
N LEU A 54 -6.54 -1.71 6.82
CA LEU A 54 -6.01 -2.50 7.92
C LEU A 54 -6.85 -3.75 8.15
N GLU A 55 -6.17 -4.88 8.34
CA GLU A 55 -6.85 -6.15 8.57
C GLU A 55 -7.57 -6.16 9.91
N ASP A 56 -6.97 -5.49 10.89
CA ASP A 56 -7.55 -5.42 12.23
C ASP A 56 -8.20 -4.06 12.47
N GLU A 57 -9.41 -4.06 13.01
CA GLU A 57 -10.13 -2.82 13.30
C GLU A 57 -9.35 -1.94 14.26
N CYS A 58 -8.58 -1.00 13.72
CA CYS A 58 -7.78 -0.10 14.53
C CYS A 58 -8.60 1.11 14.96
N ALA A 59 -8.68 1.34 16.27
CA ALA A 59 -9.43 2.46 16.82
C ALA A 59 -8.88 3.79 16.30
N GLY A 60 -9.70 4.53 15.56
CA GLY A 60 -9.27 5.81 15.03
C GLY A 60 -9.04 5.76 13.54
N CYS A 61 -9.93 5.09 12.81
CA CYS A 61 -9.81 4.97 11.36
C CYS A 61 -11.16 5.19 10.69
N THR A 62 -11.14 5.31 9.37
CA THR A 62 -12.37 5.52 8.60
C THR A 62 -12.79 4.24 7.89
N ASP A 63 -13.88 4.32 7.14
CA ASP A 63 -14.39 3.16 6.40
C ASP A 63 -14.15 3.32 4.91
N GLY A 64 -13.08 4.01 4.56
CA GLY A 64 -12.76 4.22 3.16
C GLY A 64 -13.05 5.64 2.70
N THR A 65 -12.96 6.58 3.63
CA THR A 65 -13.21 7.98 3.33
C THR A 65 -12.06 8.86 3.81
N PHE A 66 -11.42 9.55 2.87
CA PHE A 66 -10.30 10.43 3.20
C PHE A 66 -10.71 11.90 3.07
N ARG A 67 -10.69 12.60 4.20
CA ARG A 67 -11.05 14.01 4.22
C ARG A 67 -12.49 14.22 3.74
N GLY A 68 -13.36 13.28 4.09
CA GLY A 68 -14.75 13.37 3.67
C GLY A 68 -14.94 13.08 2.20
N THR A 69 -14.06 12.25 1.64
CA THR A 69 -14.14 11.88 0.23
C THR A 69 -13.96 10.38 0.05
N ARG A 70 -15.07 9.66 -0.01
CA ARG A 70 -15.04 8.21 -0.18
C ARG A 70 -14.43 7.84 -1.53
N TYR A 71 -13.53 6.87 -1.51
CA TYR A 71 -12.86 6.42 -2.73
C TYR A 71 -13.23 4.97 -3.04
N PHE A 72 -13.33 4.15 -1.99
CA PHE A 72 -13.66 2.74 -2.16
C PHE A 72 -14.63 2.29 -1.07
N THR A 73 -14.99 1.01 -1.10
CA THR A 73 -15.92 0.45 -0.11
C THR A 73 -15.23 -0.64 0.70
N CYS A 74 -14.95 -0.34 1.96
CA CYS A 74 -14.30 -1.29 2.84
C CYS A 74 -14.98 -1.31 4.21
N ALA A 75 -14.45 -2.12 5.12
CA ALA A 75 -15.00 -2.24 6.46
C ALA A 75 -14.74 -0.99 7.28
N LEU A 76 -15.49 -0.82 8.36
CA LEU A 76 -15.34 0.35 9.23
C LEU A 76 -14.12 0.19 10.12
N LYS A 77 -13.44 1.31 10.40
CA LYS A 77 -12.26 1.29 11.24
C LYS A 77 -11.17 0.40 10.66
N LYS A 78 -11.07 0.40 9.32
CA LYS A 78 -10.08 -0.42 8.63
C LYS A 78 -9.63 0.26 7.35
N ALA A 79 -9.51 1.58 7.38
CA ALA A 79 -9.09 2.35 6.21
C ALA A 79 -8.13 3.48 6.61
N LEU A 80 -6.84 3.26 6.38
CA LEU A 80 -5.83 4.26 6.72
C LEU A 80 -5.10 4.73 5.47
N PHE A 81 -5.29 6.00 5.12
CA PHE A 81 -4.65 6.58 3.94
C PHE A 81 -3.25 7.05 4.27
N VAL A 82 -2.32 6.81 3.35
CA VAL A 82 -0.92 7.20 3.54
C VAL A 82 -0.27 7.54 2.21
N LYS A 83 0.90 8.17 2.27
CA LYS A 83 1.64 8.54 1.07
C LYS A 83 2.16 7.31 0.34
N LEU A 84 1.78 7.16 -0.91
CA LEU A 84 2.20 6.03 -1.73
C LEU A 84 3.72 5.98 -1.83
N LYS A 85 4.34 7.14 -1.95
CA LYS A 85 5.79 7.23 -2.06
C LYS A 85 6.47 6.72 -0.78
N SER A 86 5.74 6.77 0.33
CA SER A 86 6.27 6.32 1.61
C SER A 86 5.74 4.93 1.96
N CYS A 87 5.53 4.11 0.93
CA CYS A 87 5.03 2.75 1.13
C CYS A 87 6.08 1.72 0.76
N ARG A 88 6.09 0.61 1.48
CA ARG A 88 7.05 -0.46 1.22
C ARG A 88 6.33 -1.75 0.80
N PRO A 89 6.91 -2.51 -0.15
CA PRO A 89 6.32 -3.76 -0.63
C PRO A 89 6.02 -4.73 0.51
N ASP A 90 4.78 -5.20 0.58
CA ASP A 90 4.38 -6.14 1.61
C ASP A 90 4.29 -7.56 1.05
N SER A 91 5.31 -8.37 1.34
CA SER A 91 5.34 -9.75 0.87
C SER A 91 4.88 -10.71 1.97
N ARG A 92 3.99 -10.23 2.83
CA ARG A 92 3.46 -11.04 3.92
C ARG A 92 2.61 -12.19 3.38
N PHE A 93 1.96 -11.96 2.24
CA PHE A 93 1.11 -12.98 1.62
C PHE A 93 1.66 -13.40 0.26
N ALA A 94 2.98 -13.29 0.10
CA ALA A 94 3.63 -13.66 -1.15
C ALA A 94 4.30 -15.02 -1.04
N SER A 95 3.96 -15.93 -1.94
CA SER A 95 4.53 -17.26 -1.95
C SER A 95 5.75 -17.34 -2.88
N LEU A 96 6.82 -17.96 -2.40
CA LEU A 96 8.03 -18.10 -3.20
C LEU A 96 8.96 -19.14 -2.59
N GLN A 97 9.37 -20.11 -3.40
CA GLN A 97 10.26 -21.16 -2.95
C GLN A 97 11.62 -21.05 -3.64
N PRO A 98 12.69 -21.50 -2.96
CA PRO A 98 14.06 -21.45 -3.51
C PRO A 98 14.15 -22.09 -4.89
N SER A 99 15.35 -22.14 -5.45
CA SER A 99 15.57 -22.72 -6.76
C SER A 99 16.31 -24.05 -6.65
N GLY A 100 17.55 -23.99 -6.16
CA GLY A 100 18.33 -25.20 -6.02
C GLY A 100 19.42 -25.33 -7.08
N PRO A 101 20.64 -24.87 -6.80
CA PRO A 101 21.75 -24.93 -7.76
C PRO A 101 21.94 -26.34 -8.33
N SER A 102 21.92 -26.44 -9.66
CA SER A 102 22.09 -27.72 -10.33
C SER A 102 20.97 -28.68 -9.94
N SER A 103 19.78 -28.45 -10.48
CA SER A 103 18.63 -29.30 -10.18
C SER A 103 18.66 -30.57 -11.04
N GLY A 104 17.99 -31.61 -10.56
CA GLY A 104 17.94 -32.86 -11.29
C GLY A 104 16.56 -33.47 -11.32
N GLY A 1 18.84 6.95 3.77
CA GLY A 1 17.67 6.37 4.48
C GLY A 1 17.03 5.23 3.71
N SER A 2 16.83 5.43 2.41
CA SER A 2 16.22 4.43 1.55
C SER A 2 17.27 3.78 0.65
N SER A 3 17.25 2.45 0.59
CA SER A 3 18.19 1.70 -0.24
C SER A 3 17.65 1.53 -1.66
N GLY A 4 18.00 2.47 -2.54
CA GLY A 4 17.55 2.41 -3.91
C GLY A 4 18.30 3.36 -4.81
N SER A 5 18.23 3.12 -6.11
CA SER A 5 18.92 3.96 -7.09
C SER A 5 18.24 3.86 -8.46
N SER A 6 17.99 2.64 -8.90
CA SER A 6 17.35 2.42 -10.20
C SER A 6 15.84 2.51 -10.07
N GLY A 7 15.17 2.80 -11.19
CA GLY A 7 13.73 2.92 -11.18
C GLY A 7 13.15 3.06 -12.58
N LEU A 8 13.63 2.23 -13.50
CA LEU A 8 13.15 2.27 -14.88
C LEU A 8 12.36 1.01 -15.22
N ALA A 9 11.65 0.48 -14.22
CA ALA A 9 10.84 -0.72 -14.42
C ALA A 9 9.59 -0.70 -13.54
N MET A 10 8.92 0.44 -13.54
CA MET A 10 7.70 0.60 -12.74
C MET A 10 6.65 1.39 -13.51
N PRO A 11 6.20 0.87 -14.67
CA PRO A 11 5.18 1.54 -15.50
C PRO A 11 3.87 1.75 -14.75
N PRO A 12 3.34 0.72 -14.07
CA PRO A 12 2.08 0.81 -13.34
C PRO A 12 2.26 1.41 -11.94
N GLY A 13 3.29 0.96 -11.24
CA GLY A 13 3.54 1.44 -9.89
C GLY A 13 4.87 2.15 -9.77
N ASN A 14 5.56 1.90 -8.65
CA ASN A 14 6.87 2.50 -8.41
C ASN A 14 7.81 1.52 -7.71
N SER A 15 9.07 1.54 -8.12
CA SER A 15 10.07 0.65 -7.54
C SER A 15 9.75 -0.81 -7.85
N HIS A 16 8.81 -1.38 -7.11
CA HIS A 16 8.41 -2.76 -7.31
C HIS A 16 7.05 -2.84 -8.00
N GLY A 17 6.13 -2.01 -7.56
CA GLY A 17 4.80 -1.99 -8.15
C GLY A 17 3.71 -1.85 -7.10
N LEU A 18 3.75 -0.74 -6.37
CA LEU A 18 2.75 -0.47 -5.33
C LEU A 18 1.51 0.18 -5.92
N GLU A 19 0.45 -0.61 -6.10
CA GLU A 19 -0.79 -0.12 -6.66
C GLU A 19 -1.99 -0.78 -5.99
N VAL A 20 -3.19 -0.44 -6.47
CA VAL A 20 -4.42 -1.01 -5.91
C VAL A 20 -4.42 -2.53 -6.01
N GLY A 21 -4.84 -3.18 -4.94
CA GLY A 21 -4.88 -4.64 -4.92
C GLY A 21 -3.64 -5.24 -4.29
N SER A 22 -2.48 -4.65 -4.57
CA SER A 22 -1.22 -5.13 -4.03
C SER A 22 -1.05 -4.69 -2.57
N LEU A 23 -0.36 -5.52 -1.78
CA LEU A 23 -0.12 -5.22 -0.38
C LEU A 23 1.08 -4.29 -0.22
N ALA A 24 1.05 -3.47 0.82
CA ALA A 24 2.15 -2.54 1.09
C ALA A 24 2.19 -2.14 2.56
N GLU A 25 3.40 -1.93 3.07
CA GLU A 25 3.57 -1.55 4.47
C GLU A 25 4.04 -0.10 4.59
N VAL A 26 3.74 0.52 5.72
CA VAL A 26 4.13 1.91 5.96
C VAL A 26 5.13 2.01 7.11
N LYS A 27 5.96 3.04 7.08
CA LYS A 27 6.96 3.26 8.12
C LYS A 27 6.44 4.21 9.19
N GLU A 28 6.11 3.66 10.35
CA GLU A 28 5.61 4.46 11.46
C GLU A 28 5.88 3.79 12.79
N ASN A 29 5.28 4.32 13.85
CA ASN A 29 5.45 3.77 15.20
C ASN A 29 4.68 2.47 15.35
N PRO A 30 3.34 2.51 15.15
CA PRO A 30 2.50 1.33 15.27
C PRO A 30 2.60 0.41 14.05
N PRO A 31 3.21 -0.77 14.21
CA PRO A 31 3.36 -1.73 13.11
C PRO A 31 2.04 -2.36 12.70
N PHE A 32 1.63 -2.13 11.46
CA PHE A 32 0.38 -2.67 10.95
C PHE A 32 0.55 -3.19 9.52
N TYR A 33 -0.38 -4.02 9.08
CA TYR A 33 -0.33 -4.59 7.74
C TYR A 33 -1.66 -4.38 7.01
N GLY A 34 -1.58 -3.95 5.75
CA GLY A 34 -2.78 -3.72 4.98
C GLY A 34 -2.54 -3.82 3.48
N VAL A 35 -3.53 -3.40 2.69
CA VAL A 35 -3.41 -3.45 1.24
C VAL A 35 -3.86 -2.13 0.61
N ILE A 36 -3.23 -1.75 -0.48
CA ILE A 36 -3.58 -0.52 -1.18
C ILE A 36 -4.97 -0.60 -1.78
N ARG A 37 -5.71 0.51 -1.71
CA ARG A 37 -7.07 0.55 -2.25
C ARG A 37 -7.20 1.65 -3.30
N TRP A 38 -7.06 2.90 -2.87
CA TRP A 38 -7.17 4.04 -3.79
C TRP A 38 -5.88 4.85 -3.77
N ILE A 39 -5.38 5.16 -4.97
CA ILE A 39 -4.17 5.96 -5.10
C ILE A 39 -4.44 7.21 -5.92
N GLY A 40 -4.48 8.36 -5.25
CA GLY A 40 -4.74 9.61 -5.94
C GLY A 40 -4.43 10.82 -5.08
N GLN A 41 -4.85 11.99 -5.56
CA GLN A 41 -4.62 13.23 -4.83
C GLN A 41 -5.93 14.00 -4.65
N PRO A 42 -6.37 14.18 -3.39
CA PRO A 42 -7.62 14.90 -3.10
C PRO A 42 -7.61 16.33 -3.65
N PRO A 43 -8.79 16.93 -3.82
CA PRO A 43 -8.91 18.29 -4.35
C PRO A 43 -8.46 19.34 -3.35
N GLY A 44 -7.17 19.64 -3.35
CA GLY A 44 -6.64 20.62 -2.43
C GLY A 44 -5.15 20.45 -2.20
N LEU A 45 -4.74 19.24 -1.87
CA LEU A 45 -3.33 18.95 -1.61
C LEU A 45 -2.82 17.87 -2.56
N ASN A 46 -1.93 18.25 -3.46
CA ASN A 46 -1.37 17.30 -4.41
C ASN A 46 -0.39 16.35 -3.72
N GLU A 47 -0.80 15.10 -3.56
CA GLU A 47 0.02 14.10 -2.91
C GLU A 47 -0.54 12.70 -3.13
N VAL A 48 0.26 11.83 -3.75
CA VAL A 48 -0.17 10.47 -4.01
C VAL A 48 -0.40 9.71 -2.71
N LEU A 49 -1.66 9.62 -2.29
CA LEU A 49 -2.01 8.92 -1.06
C LEU A 49 -2.70 7.60 -1.35
N ALA A 50 -2.07 6.50 -0.95
CA ALA A 50 -2.62 5.18 -1.18
C ALA A 50 -3.48 4.73 0.00
N GLY A 51 -4.77 4.58 -0.24
CA GLY A 51 -5.68 4.16 0.82
C GLY A 51 -5.46 2.72 1.24
N LEU A 52 -4.81 2.53 2.39
CA LEU A 52 -4.53 1.19 2.90
C LEU A 52 -5.67 0.71 3.79
N GLU A 53 -5.84 -0.61 3.85
CA GLU A 53 -6.90 -1.21 4.66
C GLU A 53 -6.30 -2.10 5.75
N LEU A 54 -6.31 -1.60 6.99
CA LEU A 54 -5.77 -2.34 8.12
C LEU A 54 -6.63 -3.56 8.43
N GLU A 55 -5.99 -4.70 8.67
CA GLU A 55 -6.70 -5.93 8.98
C GLU A 55 -7.35 -5.85 10.35
N ASP A 56 -6.67 -5.20 11.29
CA ASP A 56 -7.19 -5.05 12.65
C ASP A 56 -8.10 -3.84 12.75
N GLU A 57 -9.32 -4.06 13.25
CA GLU A 57 -10.29 -2.97 13.40
C GLU A 57 -9.88 -2.03 14.53
N CYS A 58 -9.06 -1.04 14.20
CA CYS A 58 -8.60 -0.07 15.18
C CYS A 58 -9.52 1.14 15.24
N ALA A 59 -9.79 1.61 16.46
CA ALA A 59 -10.67 2.76 16.65
C ALA A 59 -10.01 4.05 16.15
N GLY A 60 -10.76 4.81 15.36
CA GLY A 60 -10.24 6.06 14.83
C GLY A 60 -10.13 6.04 13.32
N CYS A 61 -9.94 4.85 12.75
CA CYS A 61 -9.82 4.70 11.31
C CYS A 61 -11.16 4.93 10.62
N THR A 62 -11.13 5.13 9.31
CA THR A 62 -12.35 5.37 8.54
C THR A 62 -12.80 4.09 7.85
N ASP A 63 -13.87 4.20 7.06
CA ASP A 63 -14.41 3.05 6.35
C ASP A 63 -14.15 3.17 4.85
N GLY A 64 -13.04 3.81 4.49
CA GLY A 64 -12.70 3.98 3.09
C GLY A 64 -13.02 5.38 2.59
N THR A 65 -12.75 6.39 3.40
CA THR A 65 -13.01 7.77 3.03
C THR A 65 -11.89 8.69 3.53
N PHE A 66 -11.47 9.61 2.67
CA PHE A 66 -10.43 10.56 3.03
C PHE A 66 -10.98 11.96 3.22
N ARG A 67 -11.03 12.40 4.47
CA ARG A 67 -11.54 13.73 4.79
C ARG A 67 -12.98 13.88 4.32
N GLY A 68 -13.72 12.78 4.29
CA GLY A 68 -15.10 12.80 3.85
C GLY A 68 -15.26 12.33 2.42
N THR A 69 -14.18 12.35 1.65
CA THR A 69 -14.23 11.92 0.26
C THR A 69 -14.06 10.41 0.15
N ARG A 70 -15.14 9.72 -0.19
CA ARG A 70 -15.11 8.27 -0.33
C ARG A 70 -14.46 7.86 -1.65
N TYR A 71 -13.48 6.96 -1.55
CA TYR A 71 -12.77 6.47 -2.73
C TYR A 71 -13.09 5.02 -3.01
N PHE A 72 -13.05 4.20 -1.96
CA PHE A 72 -13.34 2.77 -2.09
C PHE A 72 -14.29 2.30 -1.00
N THR A 73 -14.81 1.10 -1.15
CA THR A 73 -15.73 0.53 -0.17
C THR A 73 -15.08 -0.59 0.62
N CYS A 74 -14.69 -0.30 1.86
CA CYS A 74 -14.04 -1.28 2.72
C CYS A 74 -14.70 -1.31 4.10
N ALA A 75 -14.28 -2.26 4.92
CA ALA A 75 -14.83 -2.40 6.27
C ALA A 75 -14.60 -1.13 7.09
N LEU A 76 -15.42 -0.95 8.11
CA LEU A 76 -15.32 0.22 8.97
C LEU A 76 -14.13 0.09 9.93
N LYS A 77 -13.50 1.22 10.23
CA LYS A 77 -12.35 1.23 11.13
C LYS A 77 -11.23 0.36 10.58
N LYS A 78 -11.13 0.30 9.26
CA LYS A 78 -10.09 -0.50 8.61
C LYS A 78 -9.59 0.18 7.34
N ALA A 79 -9.43 1.50 7.41
CA ALA A 79 -8.96 2.28 6.27
C ALA A 79 -8.04 3.40 6.71
N LEU A 80 -6.75 3.26 6.41
CA LEU A 80 -5.77 4.27 6.77
C LEU A 80 -5.06 4.82 5.54
N PHE A 81 -5.30 6.09 5.24
CA PHE A 81 -4.68 6.73 4.09
C PHE A 81 -3.28 7.22 4.42
N VAL A 82 -2.35 7.03 3.49
CA VAL A 82 -0.96 7.45 3.69
C VAL A 82 -0.28 7.76 2.36
N LYS A 83 0.87 8.40 2.43
CA LYS A 83 1.62 8.76 1.23
C LYS A 83 2.14 7.52 0.53
N LEU A 84 1.77 7.37 -0.74
CA LEU A 84 2.20 6.22 -1.53
C LEU A 84 3.73 6.16 -1.61
N LYS A 85 4.36 7.32 -1.67
CA LYS A 85 5.82 7.40 -1.76
C LYS A 85 6.46 6.82 -0.49
N SER A 86 5.72 6.86 0.62
CA SER A 86 6.23 6.35 1.88
C SER A 86 5.72 4.93 2.14
N CYS A 87 5.48 4.20 1.07
CA CYS A 87 5.00 2.82 1.18
C CYS A 87 6.01 1.84 0.63
N ARG A 88 6.03 0.63 1.19
CA ARG A 88 6.96 -0.41 0.74
C ARG A 88 6.22 -1.70 0.40
N PRO A 89 6.66 -2.41 -0.63
CA PRO A 89 6.04 -3.67 -1.06
C PRO A 89 5.92 -4.68 0.08
N ASP A 90 4.74 -5.28 0.21
CA ASP A 90 4.50 -6.26 1.27
C ASP A 90 4.53 -7.68 0.71
N SER A 91 5.53 -8.45 1.12
CA SER A 91 5.67 -9.82 0.66
C SER A 91 5.11 -10.80 1.68
N ARG A 92 4.10 -10.36 2.43
CA ARG A 92 3.47 -11.21 3.44
C ARG A 92 2.75 -12.39 2.81
N PHE A 93 2.25 -12.18 1.59
CA PHE A 93 1.54 -13.23 0.87
C PHE A 93 2.19 -13.52 -0.47
N ALA A 94 3.51 -13.33 -0.54
CA ALA A 94 4.25 -13.58 -1.77
C ALA A 94 4.21 -15.06 -2.14
N SER A 95 3.90 -15.34 -3.41
CA SER A 95 3.82 -16.70 -3.89
C SER A 95 5.19 -17.38 -3.81
N LEU A 96 5.19 -18.71 -3.85
CA LEU A 96 6.44 -19.47 -3.79
C LEU A 96 6.64 -20.30 -5.05
N GLN A 97 5.55 -20.87 -5.57
CA GLN A 97 5.60 -21.69 -6.75
C GLN A 97 5.76 -20.84 -8.01
N PRO A 98 4.78 -19.96 -8.29
CA PRO A 98 4.83 -19.08 -9.47
C PRO A 98 5.82 -17.93 -9.30
N SER A 99 5.98 -17.13 -10.34
CA SER A 99 6.89 -16.00 -10.32
C SER A 99 8.32 -16.46 -10.06
N GLY A 100 9.26 -15.52 -10.11
CA GLY A 100 10.66 -15.86 -9.88
C GLY A 100 11.58 -14.68 -10.13
N PRO A 101 11.46 -13.60 -9.34
CA PRO A 101 12.29 -12.41 -9.50
C PRO A 101 13.78 -12.74 -9.50
N SER A 102 14.21 -13.54 -8.52
CA SER A 102 15.61 -13.94 -8.41
C SER A 102 15.82 -15.34 -8.99
N SER A 103 17.06 -15.64 -9.35
CA SER A 103 17.40 -16.94 -9.90
C SER A 103 18.76 -17.42 -9.40
N GLY A 104 19.12 -18.65 -9.76
CA GLY A 104 20.39 -19.20 -9.34
C GLY A 104 20.40 -19.61 -7.88
N GLY A 1 31.99 2.24 -6.64
CA GLY A 1 32.31 2.95 -7.92
C GLY A 1 32.19 2.05 -9.13
N SER A 2 32.96 0.95 -9.11
CA SER A 2 32.94 0.01 -10.21
C SER A 2 32.22 -1.28 -9.82
N SER A 3 30.98 -1.42 -10.27
CA SER A 3 30.19 -2.60 -9.97
C SER A 3 29.34 -3.02 -11.17
N GLY A 4 29.85 -2.77 -12.37
CA GLY A 4 29.13 -3.12 -13.58
C GLY A 4 27.84 -2.34 -13.72
N SER A 5 26.81 -3.00 -14.26
CA SER A 5 25.52 -2.37 -14.46
C SER A 5 24.86 -2.06 -13.11
N SER A 6 23.62 -1.59 -13.16
CA SER A 6 22.87 -1.25 -11.95
C SER A 6 21.48 -1.86 -11.97
N GLY A 7 20.77 -1.75 -10.85
CA GLY A 7 19.43 -2.30 -10.77
C GLY A 7 18.36 -1.21 -10.73
N LEU A 8 18.32 -0.38 -11.77
CA LEU A 8 17.35 0.70 -11.86
C LEU A 8 16.11 0.25 -12.62
N ALA A 9 15.10 -0.20 -11.88
CA ALA A 9 13.85 -0.65 -12.48
C ALA A 9 12.65 0.02 -11.84
N MET A 10 12.31 1.21 -12.34
CA MET A 10 11.18 1.95 -11.80
C MET A 10 10.83 3.13 -12.71
N PRO A 11 10.34 2.84 -13.94
CA PRO A 11 9.98 3.88 -14.90
C PRO A 11 8.93 4.85 -14.35
N PRO A 12 7.85 4.34 -13.73
CA PRO A 12 6.79 5.18 -13.16
C PRO A 12 7.17 5.76 -11.81
N GLY A 13 7.97 5.01 -11.06
CA GLY A 13 8.39 5.46 -9.74
C GLY A 13 8.32 4.37 -8.69
N ASN A 14 8.15 4.76 -7.44
CA ASN A 14 8.07 3.81 -6.34
C ASN A 14 9.35 2.98 -6.24
N SER A 15 9.38 2.05 -5.29
CA SER A 15 10.54 1.20 -5.08
C SER A 15 10.50 -0.01 -6.01
N HIS A 16 9.38 -0.73 -5.97
CA HIS A 16 9.21 -1.92 -6.81
C HIS A 16 7.92 -1.83 -7.62
N GLY A 17 6.78 -1.86 -6.93
CA GLY A 17 5.50 -1.77 -7.61
C GLY A 17 4.34 -1.81 -6.64
N LEU A 18 4.09 -0.69 -5.97
CA LEU A 18 2.99 -0.61 -5.01
C LEU A 18 1.73 -0.06 -5.67
N GLU A 19 0.77 -0.95 -5.93
CA GLU A 19 -0.48 -0.57 -6.57
C GLU A 19 -1.66 -1.21 -5.84
N VAL A 20 -2.87 -0.89 -6.31
CA VAL A 20 -4.09 -1.43 -5.70
C VAL A 20 -4.11 -2.95 -5.80
N GLY A 21 -4.58 -3.59 -4.73
CA GLY A 21 -4.65 -5.04 -4.71
C GLY A 21 -3.46 -5.67 -4.00
N SER A 22 -2.33 -4.98 -4.02
CA SER A 22 -1.11 -5.47 -3.38
C SER A 22 -1.00 -4.94 -1.96
N LEU A 23 -0.23 -5.63 -1.13
CA LEU A 23 -0.03 -5.23 0.26
C LEU A 23 1.15 -4.28 0.39
N ALA A 24 1.09 -3.40 1.38
CA ALA A 24 2.17 -2.44 1.61
C ALA A 24 2.19 -1.98 3.06
N GLU A 25 3.34 -1.48 3.50
CA GLU A 25 3.50 -1.00 4.87
C GLU A 25 3.92 0.47 4.90
N VAL A 26 3.44 1.19 5.90
CA VAL A 26 3.76 2.61 6.04
C VAL A 26 4.62 2.85 7.27
N LYS A 27 5.74 3.53 7.08
CA LYS A 27 6.65 3.84 8.18
C LYS A 27 5.95 4.68 9.25
N GLU A 28 5.98 4.20 10.49
CA GLU A 28 5.35 4.91 11.59
C GLU A 28 5.60 4.19 12.91
N ASN A 29 5.16 4.81 14.01
CA ASN A 29 5.33 4.22 15.34
C ASN A 29 4.61 2.88 15.44
N PRO A 30 3.28 2.87 15.22
CA PRO A 30 2.48 1.65 15.29
C PRO A 30 2.65 0.78 14.05
N PRO A 31 3.32 -0.38 14.19
CA PRO A 31 3.54 -1.31 13.07
C PRO A 31 2.25 -1.98 12.61
N PHE A 32 1.53 -1.32 11.70
CA PHE A 32 0.29 -1.86 11.18
C PHE A 32 0.47 -2.41 9.77
N TYR A 33 -0.44 -3.28 9.34
CA TYR A 33 -0.37 -3.87 8.01
C TYR A 33 -1.70 -3.72 7.28
N GLY A 34 -1.64 -3.19 6.07
CA GLY A 34 -2.84 -3.00 5.28
C GLY A 34 -2.59 -3.11 3.79
N VAL A 35 -3.64 -3.43 3.04
CA VAL A 35 -3.52 -3.56 1.59
C VAL A 35 -4.01 -2.30 0.88
N ILE A 36 -3.32 -1.95 -0.20
CA ILE A 36 -3.69 -0.77 -0.97
C ILE A 36 -5.09 -0.90 -1.56
N ARG A 37 -5.80 0.22 -1.66
CA ARG A 37 -7.15 0.22 -2.20
C ARG A 37 -7.31 1.30 -3.27
N TRP A 38 -7.19 2.56 -2.86
CA TRP A 38 -7.33 3.68 -3.79
C TRP A 38 -6.02 4.48 -3.87
N ILE A 39 -5.60 4.78 -5.09
CA ILE A 39 -4.39 5.55 -5.31
C ILE A 39 -4.67 6.78 -6.17
N GLY A 40 -4.69 7.95 -5.53
CA GLY A 40 -4.95 9.18 -6.26
C GLY A 40 -4.59 10.42 -5.46
N GLN A 41 -5.01 11.57 -5.97
CA GLN A 41 -4.72 12.85 -5.32
C GLN A 41 -6.00 13.66 -5.12
N PRO A 42 -6.40 13.90 -3.86
CA PRO A 42 -7.61 14.66 -3.56
C PRO A 42 -7.58 16.06 -4.16
N PRO A 43 -8.76 16.69 -4.31
CA PRO A 43 -8.86 18.04 -4.88
C PRO A 43 -8.35 19.12 -3.92
N GLY A 44 -7.05 19.38 -3.99
CA GLY A 44 -6.46 20.39 -3.13
C GLY A 44 -4.97 20.19 -2.95
N LEU A 45 -4.58 18.96 -2.59
CA LEU A 45 -3.17 18.65 -2.39
C LEU A 45 -2.72 17.53 -3.31
N ASN A 46 -1.86 17.86 -4.27
CA ASN A 46 -1.37 16.87 -5.21
C ASN A 46 -0.37 15.93 -4.53
N GLU A 47 -0.80 14.70 -4.28
CA GLU A 47 0.04 13.70 -3.64
C GLU A 47 -0.56 12.31 -3.77
N VAL A 48 0.18 11.39 -4.39
CA VAL A 48 -0.29 10.03 -4.55
C VAL A 48 -0.52 9.36 -3.21
N LEU A 49 -1.78 9.22 -2.81
CA LEU A 49 -2.12 8.61 -1.54
C LEU A 49 -2.77 7.25 -1.75
N ALA A 50 -2.13 6.20 -1.24
CA ALA A 50 -2.65 4.85 -1.37
C ALA A 50 -3.48 4.46 -0.14
N GLY A 51 -4.77 4.25 -0.35
CA GLY A 51 -5.65 3.87 0.74
C GLY A 51 -5.40 2.46 1.22
N LEU A 52 -4.71 2.33 2.36
CA LEU A 52 -4.41 1.02 2.92
C LEU A 52 -5.51 0.58 3.88
N GLU A 53 -5.90 -0.69 3.78
CA GLU A 53 -6.94 -1.24 4.65
C GLU A 53 -6.34 -2.12 5.74
N LEU A 54 -6.37 -1.62 6.96
CA LEU A 54 -5.82 -2.35 8.10
C LEU A 54 -6.63 -3.62 8.36
N GLU A 55 -5.93 -4.73 8.58
CA GLU A 55 -6.58 -6.01 8.84
C GLU A 55 -7.28 -6.00 10.20
N ASP A 56 -6.72 -5.25 11.15
CA ASP A 56 -7.28 -5.15 12.48
C ASP A 56 -8.04 -3.85 12.66
N GLU A 57 -9.29 -3.96 13.10
CA GLU A 57 -10.13 -2.79 13.32
C GLU A 57 -9.53 -1.86 14.36
N CYS A 58 -8.75 -0.88 13.90
CA CYS A 58 -8.11 0.08 14.80
C CYS A 58 -8.97 1.33 14.96
N ALA A 59 -9.30 1.66 16.20
CA ALA A 59 -10.12 2.83 16.49
C ALA A 59 -9.38 4.12 16.12
N GLY A 60 -9.93 4.85 15.16
CA GLY A 60 -9.32 6.09 14.73
C GLY A 60 -9.40 6.29 13.23
N CYS A 61 -9.43 5.18 12.49
CA CYS A 61 -9.51 5.24 11.04
C CYS A 61 -10.97 5.27 10.57
N THR A 62 -11.16 5.44 9.26
CA THR A 62 -12.50 5.48 8.69
C THR A 62 -12.82 4.20 7.94
N ASP A 63 -13.99 4.16 7.32
CA ASP A 63 -14.42 2.98 6.56
C ASP A 63 -14.17 3.18 5.07
N GLY A 64 -13.08 3.88 4.76
CA GLY A 64 -12.74 4.12 3.36
C GLY A 64 -13.14 5.51 2.89
N THR A 65 -12.97 6.49 3.77
CA THR A 65 -13.32 7.87 3.44
C THR A 65 -12.17 8.82 3.79
N PHE A 66 -11.65 9.50 2.79
CA PHE A 66 -10.55 10.44 2.98
C PHE A 66 -11.02 11.87 2.79
N ARG A 67 -11.10 12.62 3.89
CA ARG A 67 -11.54 14.01 3.84
C ARG A 67 -12.95 14.12 3.27
N GLY A 68 -13.79 13.14 3.60
CA GLY A 68 -15.16 13.14 3.11
C GLY A 68 -15.26 12.79 1.65
N THR A 69 -14.31 11.98 1.17
CA THR A 69 -14.29 11.56 -0.23
C THR A 69 -14.19 10.04 -0.33
N ARG A 70 -15.33 9.39 -0.45
CA ARG A 70 -15.38 7.94 -0.56
C ARG A 70 -14.65 7.46 -1.82
N TYR A 71 -13.65 6.61 -1.64
CA TYR A 71 -12.88 6.09 -2.76
C TYR A 71 -13.20 4.62 -2.99
N PHE A 72 -13.34 3.87 -1.91
CA PHE A 72 -13.65 2.44 -2.01
C PHE A 72 -14.51 1.99 -0.83
N THR A 73 -14.95 0.74 -0.87
CA THR A 73 -15.79 0.19 0.19
C THR A 73 -15.01 -0.83 1.02
N CYS A 74 -14.85 -0.53 2.31
CA CYS A 74 -14.14 -1.43 3.21
C CYS A 74 -14.80 -1.46 4.58
N ALA A 75 -14.22 -2.22 5.50
CA ALA A 75 -14.75 -2.34 6.86
C ALA A 75 -14.48 -1.08 7.66
N LEU A 76 -15.29 -0.86 8.69
CA LEU A 76 -15.15 0.31 9.55
C LEU A 76 -13.89 0.20 10.40
N LYS A 77 -13.22 1.33 10.61
CA LYS A 77 -12.01 1.36 11.41
C LYS A 77 -10.93 0.48 10.80
N LYS A 78 -10.86 0.46 9.47
CA LYS A 78 -9.88 -0.36 8.76
C LYS A 78 -9.46 0.32 7.47
N ALA A 79 -9.33 1.64 7.49
CA ALA A 79 -8.94 2.40 6.31
C ALA A 79 -8.03 3.56 6.69
N LEU A 80 -6.72 3.36 6.52
CA LEU A 80 -5.75 4.39 6.84
C LEU A 80 -5.07 4.91 5.57
N PHE A 81 -5.48 6.09 5.13
CA PHE A 81 -4.91 6.70 3.93
C PHE A 81 -3.50 7.21 4.20
N VAL A 82 -2.63 7.07 3.20
CA VAL A 82 -1.25 7.52 3.32
C VAL A 82 -0.63 7.74 1.95
N LYS A 83 0.52 8.41 1.93
CA LYS A 83 1.22 8.69 0.68
C LYS A 83 1.88 7.44 0.12
N LEU A 84 1.57 7.13 -1.13
CA LEU A 84 2.12 5.96 -1.81
C LEU A 84 3.64 5.96 -1.75
N LYS A 85 4.24 7.13 -1.97
CA LYS A 85 5.69 7.26 -1.95
C LYS A 85 6.24 6.95 -0.55
N SER A 86 5.40 7.10 0.46
CA SER A 86 5.80 6.84 1.83
C SER A 86 5.39 5.44 2.28
N CYS A 87 5.31 4.52 1.33
CA CYS A 87 4.92 3.14 1.62
C CYS A 87 6.06 2.18 1.33
N ARG A 88 5.90 0.93 1.74
CA ARG A 88 6.92 -0.09 1.53
C ARG A 88 6.28 -1.43 1.17
N PRO A 89 6.91 -2.20 0.26
CA PRO A 89 6.39 -3.51 -0.15
C PRO A 89 6.16 -4.44 1.03
N ASP A 90 4.95 -5.00 1.10
CA ASP A 90 4.59 -5.91 2.18
C ASP A 90 4.64 -7.36 1.70
N SER A 91 5.53 -8.15 2.29
CA SER A 91 5.66 -9.55 1.93
C SER A 91 4.91 -10.44 2.92
N ARG A 92 3.81 -9.94 3.45
CA ARG A 92 3.01 -10.68 4.42
C ARG A 92 2.38 -11.90 3.75
N PHE A 93 2.08 -11.78 2.46
CA PHE A 93 1.46 -12.88 1.72
C PHE A 93 2.15 -13.07 0.37
N ALA A 94 3.45 -12.77 0.33
CA ALA A 94 4.22 -12.90 -0.90
C ALA A 94 4.47 -14.38 -1.23
N SER A 95 4.31 -14.73 -2.50
CA SER A 95 4.52 -16.10 -2.95
C SER A 95 5.99 -16.34 -3.26
N LEU A 96 6.45 -17.57 -3.02
CA LEU A 96 7.84 -17.94 -3.27
C LEU A 96 7.95 -18.77 -4.53
N GLN A 97 7.33 -19.94 -4.52
CA GLN A 97 7.36 -20.84 -5.67
C GLN A 97 8.80 -21.26 -5.99
N PRO A 98 9.35 -22.22 -5.23
CA PRO A 98 10.72 -22.70 -5.45
C PRO A 98 10.95 -23.14 -6.89
N SER A 99 11.72 -22.34 -7.63
CA SER A 99 12.02 -22.64 -9.02
C SER A 99 13.46 -22.25 -9.36
N GLY A 100 13.82 -21.03 -9.02
CA GLY A 100 15.16 -20.54 -9.30
C GLY A 100 15.21 -19.63 -10.52
N PRO A 101 16.35 -19.61 -11.24
CA PRO A 101 16.51 -18.76 -12.43
C PRO A 101 15.65 -19.23 -13.59
N SER A 102 15.55 -18.40 -14.62
CA SER A 102 14.76 -18.73 -15.81
C SER A 102 15.67 -18.97 -17.01
N SER A 103 16.54 -18.02 -17.28
CA SER A 103 17.46 -18.13 -18.42
C SER A 103 18.90 -17.88 -17.97
N GLY A 104 19.12 -16.76 -17.28
CA GLY A 104 20.45 -16.44 -16.81
C GLY A 104 20.56 -16.51 -15.30
N GLY A 1 17.65 -15.41 -23.91
CA GLY A 1 17.23 -14.00 -23.74
C GLY A 1 16.32 -13.81 -22.53
N SER A 2 16.77 -14.32 -21.38
CA SER A 2 15.99 -14.19 -20.15
C SER A 2 16.12 -12.80 -19.55
N SER A 3 15.01 -12.24 -19.11
CA SER A 3 15.00 -10.91 -18.52
C SER A 3 15.50 -9.87 -19.52
N GLY A 4 15.21 -8.60 -19.24
CA GLY A 4 15.63 -7.53 -20.12
C GLY A 4 16.91 -6.87 -19.65
N SER A 5 16.99 -6.56 -18.37
CA SER A 5 18.17 -5.93 -17.80
C SER A 5 18.43 -4.57 -18.45
N SER A 6 17.79 -3.53 -17.93
CA SER A 6 17.94 -2.18 -18.45
C SER A 6 17.87 -1.14 -17.34
N GLY A 7 16.79 -1.19 -16.56
CA GLY A 7 16.62 -0.24 -15.48
C GLY A 7 17.11 -0.80 -14.15
N LEU A 8 18.06 -0.11 -13.54
CA LEU A 8 18.61 -0.53 -12.25
C LEU A 8 18.21 0.43 -11.14
N ALA A 9 16.99 0.94 -11.23
CA ALA A 9 16.48 1.87 -10.22
C ALA A 9 14.96 1.92 -10.23
N MET A 10 14.34 0.94 -9.60
CA MET A 10 12.88 0.86 -9.53
C MET A 10 12.28 0.79 -10.93
N PRO A 11 12.37 -0.38 -11.58
CA PRO A 11 11.83 -0.57 -12.93
C PRO A 11 10.34 -0.30 -13.00
N PRO A 12 9.54 -0.84 -12.05
CA PRO A 12 8.09 -0.64 -12.03
C PRO A 12 7.72 0.85 -11.99
N GLY A 13 8.66 1.66 -11.54
CA GLY A 13 8.42 3.10 -11.45
C GLY A 13 8.51 3.61 -10.03
N ASN A 14 8.23 2.75 -9.06
CA ASN A 14 8.27 3.12 -7.66
C ASN A 14 9.32 2.30 -6.91
N SER A 15 9.24 0.97 -7.06
CA SER A 15 10.18 0.08 -6.41
C SER A 15 9.94 -1.36 -6.83
N HIS A 16 8.71 -1.85 -6.58
CA HIS A 16 8.35 -3.21 -6.94
C HIS A 16 7.03 -3.25 -7.70
N GLY A 17 6.05 -2.51 -7.20
CA GLY A 17 4.75 -2.47 -7.84
C GLY A 17 3.64 -2.07 -6.89
N LEU A 18 3.79 -0.92 -6.25
CA LEU A 18 2.80 -0.43 -5.30
C LEU A 18 1.59 0.14 -6.03
N GLU A 19 0.55 -0.66 -6.17
CA GLU A 19 -0.68 -0.25 -6.85
C GLU A 19 -1.91 -0.85 -6.18
N VAL A 20 -3.08 -0.45 -6.65
CA VAL A 20 -4.34 -0.95 -6.10
C VAL A 20 -4.42 -2.47 -6.20
N GLY A 21 -4.59 -3.14 -5.06
CA GLY A 21 -4.67 -4.59 -5.04
C GLY A 21 -3.48 -5.23 -4.39
N SER A 22 -2.33 -4.56 -4.46
CA SER A 22 -1.10 -5.07 -3.86
C SER A 22 -0.98 -4.65 -2.40
N LEU A 23 -0.18 -5.39 -1.64
CA LEU A 23 0.03 -5.07 -0.23
C LEU A 23 1.16 -4.07 -0.04
N ALA A 24 1.08 -3.28 1.02
CA ALA A 24 2.09 -2.28 1.31
C ALA A 24 2.27 -2.10 2.81
N GLU A 25 3.35 -1.40 3.19
CA GLU A 25 3.63 -1.15 4.61
C GLU A 25 4.00 0.30 4.83
N VAL A 26 3.66 0.81 6.01
CA VAL A 26 3.96 2.20 6.36
C VAL A 26 4.96 2.28 7.52
N LYS A 27 5.66 3.40 7.61
CA LYS A 27 6.64 3.60 8.66
C LYS A 27 6.03 4.39 9.83
N GLU A 28 5.02 3.81 10.45
CA GLU A 28 4.35 4.46 11.58
C GLU A 28 4.81 3.85 12.90
N ASN A 29 4.17 4.26 13.99
CA ASN A 29 4.51 3.75 15.31
C ASN A 29 4.08 2.29 15.46
N PRO A 30 2.77 2.01 15.30
CA PRO A 30 2.24 0.65 15.42
C PRO A 30 2.49 -0.18 14.16
N PRO A 31 3.35 -1.21 14.26
CA PRO A 31 3.67 -2.08 13.12
C PRO A 31 2.43 -2.77 12.56
N PHE A 32 1.77 -2.11 11.61
CA PHE A 32 0.57 -2.66 10.99
C PHE A 32 0.84 -3.08 9.55
N TYR A 33 -0.10 -3.80 8.95
CA TYR A 33 0.04 -4.26 7.58
C TYR A 33 -1.28 -4.10 6.82
N GLY A 34 -1.29 -3.21 5.84
CA GLY A 34 -2.49 -2.99 5.05
C GLY A 34 -2.26 -3.20 3.57
N VAL A 35 -3.32 -3.08 2.78
CA VAL A 35 -3.23 -3.26 1.34
C VAL A 35 -3.69 -2.01 0.60
N ILE A 36 -3.04 -1.71 -0.53
CA ILE A 36 -3.39 -0.54 -1.33
C ILE A 36 -4.81 -0.64 -1.86
N ARG A 37 -5.54 0.47 -1.78
CA ARG A 37 -6.92 0.50 -2.25
C ARG A 37 -7.11 1.61 -3.29
N TRP A 38 -6.84 2.84 -2.88
CA TRP A 38 -6.99 3.99 -3.78
C TRP A 38 -5.72 4.83 -3.80
N ILE A 39 -5.29 5.20 -5.00
CA ILE A 39 -4.09 6.02 -5.17
C ILE A 39 -4.41 7.28 -5.98
N GLY A 40 -4.46 8.41 -5.30
CA GLY A 40 -4.77 9.66 -5.97
C GLY A 40 -4.46 10.88 -5.12
N GLN A 41 -4.87 12.05 -5.60
CA GLN A 41 -4.65 13.29 -4.89
C GLN A 41 -5.95 14.08 -4.74
N PRO A 42 -6.44 14.26 -3.50
CA PRO A 42 -7.68 14.99 -3.24
C PRO A 42 -7.65 16.41 -3.80
N PRO A 43 -8.82 17.03 -4.00
CA PRO A 43 -8.92 18.39 -4.53
C PRO A 43 -8.50 19.44 -3.52
N GLY A 44 -7.20 19.73 -3.48
CA GLY A 44 -6.70 20.72 -2.55
C GLY A 44 -5.21 20.55 -2.28
N LEU A 45 -4.81 19.32 -1.95
CA LEU A 45 -3.41 19.04 -1.66
C LEU A 45 -2.88 17.96 -2.61
N ASN A 46 -1.96 18.35 -3.49
CA ASN A 46 -1.38 17.42 -4.43
C ASN A 46 -0.41 16.48 -3.73
N GLU A 47 -0.82 15.22 -3.57
CA GLU A 47 0.01 14.22 -2.91
C GLU A 47 -0.55 12.82 -3.15
N VAL A 48 0.26 11.95 -3.74
CA VAL A 48 -0.16 10.59 -4.01
C VAL A 48 -0.39 9.82 -2.71
N LEU A 49 -1.66 9.66 -2.35
CA LEU A 49 -2.02 8.96 -1.12
C LEU A 49 -2.62 7.59 -1.44
N ALA A 50 -1.93 6.54 -1.03
CA ALA A 50 -2.39 5.18 -1.26
C ALA A 50 -3.21 4.67 -0.08
N GLY A 51 -4.49 4.42 -0.32
CA GLY A 51 -5.37 3.93 0.73
C GLY A 51 -4.96 2.55 1.23
N LEU A 52 -4.70 2.45 2.53
CA LEU A 52 -4.29 1.17 3.12
C LEU A 52 -5.36 0.68 4.10
N GLU A 53 -5.75 -0.58 3.94
CA GLU A 53 -6.75 -1.18 4.81
C GLU A 53 -6.10 -2.07 5.86
N LEU A 54 -6.06 -1.60 7.10
CA LEU A 54 -5.47 -2.35 8.20
C LEU A 54 -6.29 -3.59 8.52
N GLU A 55 -5.60 -4.70 8.79
CA GLU A 55 -6.27 -5.95 9.11
C GLU A 55 -7.01 -5.85 10.44
N ASP A 56 -6.38 -5.24 11.42
CA ASP A 56 -6.98 -5.08 12.74
C ASP A 56 -7.85 -3.82 12.79
N GLU A 57 -9.07 -3.98 13.31
CA GLU A 57 -9.99 -2.86 13.40
C GLU A 57 -9.58 -1.91 14.52
N CYS A 58 -9.10 -0.72 14.14
CA CYS A 58 -8.67 0.27 15.11
C CYS A 58 -9.72 1.36 15.28
N ALA A 59 -9.96 1.75 16.53
CA ALA A 59 -10.95 2.78 16.82
C ALA A 59 -10.47 4.16 16.36
N GLY A 60 -11.07 4.64 15.28
CA GLY A 60 -10.69 5.94 14.74
C GLY A 60 -10.56 5.93 13.24
N CYS A 61 -10.21 4.77 12.68
CA CYS A 61 -10.05 4.63 11.24
C CYS A 61 -11.39 4.80 10.52
N THR A 62 -11.33 4.91 9.20
CA THR A 62 -12.54 5.08 8.40
C THR A 62 -12.92 3.77 7.71
N ASP A 63 -13.99 3.80 6.93
CA ASP A 63 -14.46 2.62 6.22
C ASP A 63 -14.24 2.77 4.72
N GLY A 64 -13.19 3.50 4.35
CA GLY A 64 -12.89 3.70 2.95
C GLY A 64 -13.26 5.09 2.46
N THR A 65 -12.98 6.09 3.30
CA THR A 65 -13.29 7.48 2.96
C THR A 65 -12.19 8.42 3.44
N PHE A 66 -11.69 9.25 2.55
CA PHE A 66 -10.64 10.21 2.89
C PHE A 66 -11.17 11.63 2.90
N ARG A 67 -11.31 12.20 4.09
CA ARG A 67 -11.82 13.56 4.23
C ARG A 67 -13.22 13.69 3.66
N GLY A 68 -14.04 12.67 3.87
CA GLY A 68 -15.41 12.69 3.36
C GLY A 68 -15.46 12.43 1.87
N THR A 69 -14.49 11.68 1.36
CA THR A 69 -14.44 11.35 -0.06
C THR A 69 -14.22 9.86 -0.27
N ARG A 70 -15.31 9.12 -0.46
CA ARG A 70 -15.23 7.68 -0.67
C ARG A 70 -14.41 7.36 -1.91
N TYR A 71 -13.48 6.41 -1.77
CA TYR A 71 -12.64 6.00 -2.88
C TYR A 71 -12.85 4.53 -3.21
N PHE A 72 -12.98 3.70 -2.19
CA PHE A 72 -13.18 2.28 -2.38
C PHE A 72 -14.18 1.73 -1.35
N THR A 73 -14.42 0.42 -1.41
CA THR A 73 -15.34 -0.22 -0.48
C THR A 73 -14.61 -1.22 0.41
N CYS A 74 -14.55 -0.90 1.71
CA CYS A 74 -13.88 -1.77 2.67
C CYS A 74 -14.69 -1.88 3.95
N ALA A 75 -14.16 -2.62 4.92
CA ALA A 75 -14.82 -2.81 6.20
C ALA A 75 -14.82 -1.52 7.02
N LEU A 76 -15.33 -1.60 8.24
CA LEU A 76 -15.37 -0.44 9.14
C LEU A 76 -14.15 -0.41 10.04
N LYS A 77 -13.62 0.79 10.26
CA LYS A 77 -12.45 0.96 11.12
C LYS A 77 -11.26 0.19 10.56
N LYS A 78 -11.10 0.22 9.24
CA LYS A 78 -10.00 -0.47 8.58
C LYS A 78 -9.57 0.27 7.32
N ALA A 79 -9.52 1.59 7.40
CA ALA A 79 -9.13 2.41 6.26
C ALA A 79 -8.21 3.55 6.69
N LEU A 80 -6.93 3.43 6.35
CA LEU A 80 -5.94 4.45 6.71
C LEU A 80 -5.18 4.91 5.47
N PHE A 81 -5.43 6.17 5.07
CA PHE A 81 -4.77 6.73 3.91
C PHE A 81 -3.41 7.31 4.28
N VAL A 82 -2.41 7.07 3.44
CA VAL A 82 -1.07 7.56 3.68
C VAL A 82 -0.36 7.92 2.38
N LYS A 83 0.76 8.63 2.49
CA LYS A 83 1.52 9.03 1.31
C LYS A 83 2.16 7.83 0.63
N LEU A 84 1.83 7.63 -0.64
CA LEU A 84 2.37 6.52 -1.42
C LEU A 84 3.88 6.59 -1.48
N LYS A 85 4.41 7.81 -1.44
CA LYS A 85 5.86 8.02 -1.51
C LYS A 85 6.55 7.41 -0.29
N SER A 86 5.83 7.33 0.82
CA SER A 86 6.38 6.77 2.05
C SER A 86 5.80 5.38 2.31
N CYS A 87 5.50 4.66 1.24
CA CYS A 87 4.93 3.32 1.34
C CYS A 87 5.95 2.27 0.93
N ARG A 88 5.99 1.16 1.66
CA ARG A 88 6.92 0.07 1.38
C ARG A 88 6.18 -1.14 0.83
N PRO A 89 6.80 -1.89 -0.10
CA PRO A 89 6.20 -3.08 -0.69
C PRO A 89 6.26 -4.29 0.24
N ASP A 90 5.12 -4.65 0.81
CA ASP A 90 5.04 -5.78 1.72
C ASP A 90 5.32 -7.08 0.99
N SER A 91 6.22 -7.89 1.54
CA SER A 91 6.57 -9.17 0.94
C SER A 91 6.03 -10.33 1.78
N ARG A 92 4.91 -10.10 2.44
CA ARG A 92 4.30 -11.14 3.27
C ARG A 92 3.79 -12.29 2.43
N PHE A 93 3.38 -11.99 1.20
CA PHE A 93 2.87 -13.01 0.29
C PHE A 93 3.60 -12.96 -1.05
N ALA A 94 4.85 -12.51 -1.03
CA ALA A 94 5.65 -12.41 -2.24
C ALA A 94 6.65 -13.56 -2.33
N SER A 95 6.56 -14.33 -3.41
CA SER A 95 7.46 -15.46 -3.61
C SER A 95 8.59 -15.09 -4.57
N LEU A 96 9.83 -15.22 -4.09
CA LEU A 96 11.00 -14.90 -4.90
C LEU A 96 11.51 -16.14 -5.63
N GLN A 97 11.34 -17.31 -5.01
CA GLN A 97 11.78 -18.56 -5.59
C GLN A 97 11.02 -18.87 -6.88
N PRO A 98 11.66 -19.55 -7.83
CA PRO A 98 11.03 -19.91 -9.11
C PRO A 98 9.69 -20.62 -8.91
N SER A 99 8.72 -20.29 -9.76
CA SER A 99 7.40 -20.90 -9.68
C SER A 99 6.82 -21.11 -11.08
N GLY A 100 6.30 -22.31 -11.32
CA GLY A 100 5.72 -22.62 -12.61
C GLY A 100 4.20 -22.64 -12.57
N PRO A 101 3.55 -22.65 -13.75
CA PRO A 101 2.08 -22.67 -13.84
C PRO A 101 1.47 -23.79 -13.00
N SER A 102 2.20 -24.89 -12.87
CA SER A 102 1.72 -26.03 -12.09
C SER A 102 2.38 -26.08 -10.72
N SER A 103 1.99 -27.05 -9.91
CA SER A 103 2.55 -27.20 -8.57
C SER A 103 2.38 -28.63 -8.07
N GLY A 104 3.23 -29.03 -7.14
CA GLY A 104 3.16 -30.37 -6.59
C GLY A 104 3.82 -30.48 -5.22
N GLY A 1 39.24 6.37 -11.76
CA GLY A 1 38.62 5.71 -10.58
C GLY A 1 37.68 4.58 -10.99
N SER A 2 37.19 3.85 -10.00
CA SER A 2 36.27 2.74 -10.26
C SER A 2 34.85 3.24 -10.51
N SER A 3 34.50 3.39 -11.78
CA SER A 3 33.17 3.86 -12.14
C SER A 3 32.13 2.77 -11.95
N GLY A 4 31.50 2.75 -10.78
CA GLY A 4 30.49 1.74 -10.49
C GLY A 4 29.08 2.30 -10.56
N SER A 5 28.60 2.55 -11.78
CA SER A 5 27.27 3.08 -11.98
C SER A 5 26.20 2.03 -11.67
N SER A 6 25.52 2.20 -10.53
CA SER A 6 24.48 1.27 -10.12
C SER A 6 23.22 1.45 -10.97
N GLY A 7 22.79 0.36 -11.62
CA GLY A 7 21.61 0.42 -12.45
C GLY A 7 20.33 0.34 -11.64
N LEU A 8 19.19 0.48 -12.32
CA LEU A 8 17.89 0.42 -11.66
C LEU A 8 16.96 -0.54 -12.39
N ALA A 9 15.73 -0.66 -11.89
CA ALA A 9 14.74 -1.54 -12.49
C ALA A 9 13.33 -1.12 -12.12
N MET A 10 12.63 -0.48 -13.04
CA MET A 10 11.27 -0.03 -12.81
C MET A 10 10.64 0.55 -14.09
N PRO A 11 10.38 -0.33 -15.08
CA PRO A 11 9.80 0.08 -16.35
C PRO A 11 8.46 0.78 -16.17
N PRO A 12 7.55 0.21 -15.36
CA PRO A 12 6.22 0.80 -15.12
C PRO A 12 6.27 1.94 -14.10
N GLY A 13 7.13 1.78 -13.10
CA GLY A 13 7.25 2.80 -12.07
C GLY A 13 7.37 2.21 -10.68
N ASN A 14 7.48 3.07 -9.68
CA ASN A 14 7.60 2.64 -8.29
C ASN A 14 8.84 1.78 -8.10
N SER A 15 9.06 1.32 -6.88
CA SER A 15 10.22 0.48 -6.56
C SER A 15 10.03 -0.93 -7.09
N HIS A 16 9.04 -1.63 -6.55
CA HIS A 16 8.76 -3.00 -6.96
C HIS A 16 7.44 -3.08 -7.71
N GLY A 17 6.35 -2.70 -7.04
CA GLY A 17 5.04 -2.73 -7.65
C GLY A 17 3.93 -2.41 -6.66
N LEU A 18 3.97 -1.21 -6.11
CA LEU A 18 2.96 -0.78 -5.14
C LEU A 18 1.70 -0.28 -5.85
N GLU A 19 0.71 -1.14 -5.94
CA GLU A 19 -0.55 -0.79 -6.60
C GLU A 19 -1.74 -1.34 -5.84
N VAL A 20 -2.95 -1.05 -6.32
CA VAL A 20 -4.17 -1.52 -5.68
C VAL A 20 -4.24 -3.04 -5.69
N GLY A 21 -4.54 -3.62 -4.53
CA GLY A 21 -4.64 -5.06 -4.43
C GLY A 21 -3.43 -5.68 -3.76
N SER A 22 -2.27 -5.06 -3.96
CA SER A 22 -1.03 -5.55 -3.36
C SER A 22 -0.85 -5.02 -1.94
N LEU A 23 -0.14 -5.78 -1.12
CA LEU A 23 0.09 -5.40 0.27
C LEU A 23 1.23 -4.39 0.36
N ALA A 24 1.17 -3.53 1.37
CA ALA A 24 2.20 -2.51 1.57
C ALA A 24 2.30 -2.11 3.04
N GLU A 25 3.47 -1.60 3.43
CA GLU A 25 3.69 -1.18 4.81
C GLU A 25 4.12 0.28 4.86
N VAL A 26 3.74 0.96 5.94
CA VAL A 26 4.09 2.38 6.12
C VAL A 26 5.07 2.55 7.28
N LYS A 27 5.80 3.66 7.26
CA LYS A 27 6.76 3.95 8.32
C LYS A 27 6.17 4.89 9.36
N GLU A 28 4.88 4.66 9.69
CA GLU A 28 4.20 5.49 10.67
C GLU A 28 4.54 5.06 12.09
N ASN A 29 3.94 5.71 13.07
CA ASN A 29 4.19 5.39 14.47
C ASN A 29 3.69 3.98 14.80
N PRO A 30 2.39 3.71 14.59
CA PRO A 30 1.80 2.41 14.87
C PRO A 30 2.14 1.37 13.80
N PRO A 31 2.99 0.38 14.13
CA PRO A 31 3.39 -0.66 13.18
C PRO A 31 2.24 -1.60 12.82
N PHE A 32 1.57 -1.29 11.72
CA PHE A 32 0.44 -2.10 11.26
C PHE A 32 0.69 -2.62 9.85
N TYR A 33 -0.21 -3.49 9.39
CA TYR A 33 -0.09 -4.07 8.05
C TYR A 33 -1.42 -3.96 7.30
N GLY A 34 -1.39 -3.29 6.15
CA GLY A 34 -2.59 -3.14 5.36
C GLY A 34 -2.34 -3.30 3.88
N VAL A 35 -3.41 -3.45 3.10
CA VAL A 35 -3.29 -3.62 1.65
C VAL A 35 -3.75 -2.36 0.92
N ILE A 36 -3.11 -2.09 -0.22
CA ILE A 36 -3.46 -0.92 -1.02
C ILE A 36 -4.89 -1.03 -1.56
N ARG A 37 -5.61 0.09 -1.53
CA ARG A 37 -6.98 0.13 -2.01
C ARG A 37 -7.16 1.19 -3.09
N TRP A 38 -6.88 2.44 -2.73
CA TRP A 38 -7.01 3.55 -3.67
C TRP A 38 -5.73 4.37 -3.73
N ILE A 39 -5.29 4.68 -4.95
CA ILE A 39 -4.07 5.47 -5.14
C ILE A 39 -4.38 6.69 -6.02
N GLY A 40 -4.42 7.87 -5.39
CA GLY A 40 -4.71 9.08 -6.12
C GLY A 40 -4.39 10.33 -5.33
N GLN A 41 -4.82 11.48 -5.84
CA GLN A 41 -4.58 12.75 -5.18
C GLN A 41 -5.88 13.54 -5.04
N PRO A 42 -6.33 13.78 -3.80
CA PRO A 42 -7.56 14.52 -3.53
C PRO A 42 -7.55 15.91 -4.15
N PRO A 43 -8.74 16.51 -4.35
CA PRO A 43 -8.86 17.85 -4.94
C PRO A 43 -8.40 18.95 -3.99
N GLY A 44 -7.11 19.24 -4.02
CA GLY A 44 -6.56 20.28 -3.15
C GLY A 44 -5.07 20.12 -2.91
N LEU A 45 -4.66 18.91 -2.54
CA LEU A 45 -3.25 18.63 -2.28
C LEU A 45 -2.73 17.52 -3.18
N ASN A 46 -1.84 17.86 -4.10
CA ASN A 46 -1.28 16.87 -5.02
C ASN A 46 -0.31 15.96 -4.28
N GLU A 47 -0.72 14.72 -4.06
CA GLU A 47 0.11 13.74 -3.38
C GLU A 47 -0.45 12.34 -3.54
N VAL A 48 0.34 11.44 -4.11
CA VAL A 48 -0.09 10.07 -4.30
C VAL A 48 -0.29 9.37 -2.96
N LEU A 49 -1.54 9.25 -2.54
CA LEU A 49 -1.87 8.62 -1.27
C LEU A 49 -2.52 7.26 -1.49
N ALA A 50 -1.86 6.21 -1.04
CA ALA A 50 -2.38 4.85 -1.20
C ALA A 50 -3.20 4.44 0.02
N GLY A 51 -4.50 4.23 -0.20
CA GLY A 51 -5.37 3.84 0.89
C GLY A 51 -5.09 2.42 1.37
N LEU A 52 -4.62 2.31 2.60
CA LEU A 52 -4.29 1.01 3.19
C LEU A 52 -5.40 0.56 4.14
N GLU A 53 -5.84 -0.68 3.97
CA GLU A 53 -6.89 -1.24 4.83
C GLU A 53 -6.30 -2.15 5.89
N LEU A 54 -6.35 -1.71 7.14
CA LEU A 54 -5.82 -2.49 8.26
C LEU A 54 -6.66 -3.74 8.48
N GLU A 55 -5.98 -4.83 8.85
CA GLU A 55 -6.66 -6.09 9.09
C GLU A 55 -7.39 -6.07 10.45
N ASP A 56 -6.83 -5.33 11.40
CA ASP A 56 -7.42 -5.23 12.72
C ASP A 56 -8.23 -3.94 12.85
N GLU A 57 -9.44 -4.06 13.41
CA GLU A 57 -10.31 -2.91 13.58
C GLU A 57 -9.81 -2.01 14.70
N CYS A 58 -9.09 -0.95 14.33
CA CYS A 58 -8.55 -0.02 15.30
C CYS A 58 -9.37 1.27 15.34
N ALA A 59 -9.77 1.67 16.55
CA ALA A 59 -10.56 2.88 16.72
C ALA A 59 -9.81 4.11 16.22
N GLY A 60 -10.49 4.92 15.42
CA GLY A 60 -9.87 6.12 14.88
C GLY A 60 -9.60 6.02 13.39
N CYS A 61 -10.42 5.24 12.70
CA CYS A 61 -10.26 5.06 11.26
C CYS A 61 -11.62 5.09 10.56
N THR A 62 -11.62 5.51 9.30
CA THR A 62 -12.86 5.58 8.52
C THR A 62 -13.12 4.26 7.81
N ASP A 63 -14.15 4.24 6.96
CA ASP A 63 -14.51 3.05 6.21
C ASP A 63 -14.20 3.21 4.73
N GLY A 64 -13.15 3.97 4.43
CA GLY A 64 -12.76 4.20 3.06
C GLY A 64 -13.12 5.58 2.56
N THR A 65 -12.85 6.59 3.39
CA THR A 65 -13.15 7.97 3.04
C THR A 65 -12.03 8.90 3.49
N PHE A 66 -11.42 9.58 2.53
CA PHE A 66 -10.33 10.51 2.83
C PHE A 66 -10.77 11.95 2.60
N ARG A 67 -10.74 12.74 3.68
CA ARG A 67 -11.14 14.15 3.60
C ARG A 67 -12.59 14.27 3.16
N GLY A 68 -13.40 13.30 3.53
CA GLY A 68 -14.80 13.33 3.16
C GLY A 68 -15.03 12.94 1.71
N THR A 69 -14.14 12.12 1.17
CA THR A 69 -14.23 11.69 -0.21
C THR A 69 -14.08 10.18 -0.32
N ARG A 70 -15.18 9.48 -0.53
CA ARG A 70 -15.16 8.02 -0.64
C ARG A 70 -14.37 7.59 -1.87
N TYR A 71 -13.43 6.67 -1.67
CA TYR A 71 -12.60 6.16 -2.77
C TYR A 71 -12.91 4.70 -3.05
N PHE A 72 -13.16 3.93 -2.00
CA PHE A 72 -13.47 2.52 -2.13
C PHE A 72 -14.36 2.04 -1.00
N THR A 73 -14.83 0.80 -1.10
CA THR A 73 -15.69 0.22 -0.07
C THR A 73 -14.94 -0.82 0.75
N CYS A 74 -14.80 -0.55 2.05
CA CYS A 74 -14.09 -1.45 2.95
C CYS A 74 -14.75 -1.47 4.32
N ALA A 75 -14.31 -2.39 5.17
CA ALA A 75 -14.85 -2.51 6.52
C ALA A 75 -14.63 -1.23 7.31
N LEU A 76 -15.52 -0.98 8.28
CA LEU A 76 -15.42 0.21 9.12
C LEU A 76 -14.21 0.13 10.05
N LYS A 77 -13.60 1.27 10.31
CA LYS A 77 -12.45 1.33 11.20
C LYS A 77 -11.30 0.48 10.65
N LYS A 78 -11.20 0.43 9.33
CA LYS A 78 -10.14 -0.34 8.68
C LYS A 78 -9.73 0.30 7.36
N ALA A 79 -9.70 1.63 7.34
CA ALA A 79 -9.33 2.36 6.13
C ALA A 79 -8.46 3.57 6.47
N LEU A 80 -7.15 3.43 6.32
CA LEU A 80 -6.22 4.50 6.61
C LEU A 80 -5.43 4.90 5.37
N PHE A 81 -5.52 6.17 5.00
CA PHE A 81 -4.82 6.68 3.83
C PHE A 81 -3.45 7.24 4.21
N VAL A 82 -2.46 7.00 3.35
CA VAL A 82 -1.11 7.48 3.60
C VAL A 82 -0.38 7.77 2.30
N LYS A 83 0.75 8.47 2.39
CA LYS A 83 1.53 8.82 1.22
C LYS A 83 2.17 7.58 0.60
N LEU A 84 1.84 7.32 -0.67
CA LEU A 84 2.37 6.17 -1.37
C LEU A 84 3.90 6.23 -1.44
N LYS A 85 4.44 7.44 -1.44
CA LYS A 85 5.89 7.63 -1.49
C LYS A 85 6.56 7.06 -0.25
N SER A 86 5.84 7.02 0.86
CA SER A 86 6.36 6.49 2.11
C SER A 86 5.83 5.09 2.37
N CYS A 87 5.59 4.34 1.29
CA CYS A 87 5.08 2.98 1.41
C CYS A 87 6.12 1.97 0.91
N ARG A 88 5.98 0.73 1.35
CA ARG A 88 6.89 -0.33 0.95
C ARG A 88 6.15 -1.63 0.72
N PRO A 89 6.59 -2.45 -0.25
CA PRO A 89 5.95 -3.73 -0.57
C PRO A 89 6.13 -4.74 0.55
N ASP A 90 5.04 -5.05 1.25
CA ASP A 90 5.08 -6.01 2.35
C ASP A 90 5.40 -7.42 1.84
N SER A 91 6.35 -8.08 2.49
CA SER A 91 6.74 -9.41 2.09
C SER A 91 6.10 -10.46 3.01
N ARG A 92 4.91 -10.14 3.52
CA ARG A 92 4.19 -11.04 4.41
C ARG A 92 3.77 -12.30 3.67
N PHE A 93 3.49 -12.16 2.37
CA PHE A 93 3.06 -13.28 1.55
C PHE A 93 4.01 -13.49 0.37
N ALA A 94 5.27 -13.13 0.55
CA ALA A 94 6.27 -13.27 -0.49
C ALA A 94 7.15 -14.49 -0.26
N SER A 95 7.19 -15.38 -1.24
CA SER A 95 7.99 -16.59 -1.14
C SER A 95 9.20 -16.53 -2.07
N LEU A 96 10.36 -16.92 -1.55
CA LEU A 96 11.59 -16.91 -2.34
C LEU A 96 11.90 -18.30 -2.88
N GLN A 97 10.85 -19.07 -3.16
CA GLN A 97 11.01 -20.42 -3.69
C GLN A 97 9.72 -20.91 -4.34
N PRO A 98 9.18 -20.13 -5.30
CA PRO A 98 7.95 -20.49 -6.00
C PRO A 98 8.15 -21.65 -6.97
N SER A 99 7.64 -22.82 -6.59
CA SER A 99 7.77 -24.01 -7.43
C SER A 99 7.02 -25.19 -6.82
N GLY A 100 5.93 -25.59 -7.46
CA GLY A 100 5.14 -26.71 -6.96
C GLY A 100 4.69 -27.63 -8.08
N PRO A 101 3.49 -27.39 -8.65
CA PRO A 101 2.96 -28.22 -9.72
C PRO A 101 3.71 -28.03 -11.03
N SER A 102 4.20 -26.81 -11.25
CA SER A 102 4.96 -26.50 -12.47
C SER A 102 6.32 -25.93 -12.13
N SER A 103 7.37 -26.60 -12.60
CA SER A 103 8.74 -26.16 -12.35
C SER A 103 9.65 -26.52 -13.53
N GLY A 104 10.12 -25.50 -14.24
CA GLY A 104 11.00 -25.73 -15.36
C GLY A 104 12.21 -24.83 -15.35
N GLY A 1 -0.15 -8.19 -10.32
CA GLY A 1 -0.11 -9.49 -11.05
C GLY A 1 0.44 -9.34 -12.46
N SER A 2 -0.45 -9.47 -13.45
CA SER A 2 -0.04 -9.35 -14.84
C SER A 2 -0.95 -8.38 -15.60
N SER A 3 -2.24 -8.73 -15.68
CA SER A 3 -3.21 -7.89 -16.37
C SER A 3 -3.93 -6.98 -15.38
N GLY A 4 -4.03 -5.70 -15.74
CA GLY A 4 -4.69 -4.74 -14.86
C GLY A 4 -5.26 -3.57 -15.63
N SER A 5 -5.17 -2.38 -15.06
CA SER A 5 -5.69 -1.18 -15.70
C SER A 5 -5.37 0.06 -14.87
N SER A 6 -5.49 -0.06 -13.55
CA SER A 6 -5.22 1.04 -12.64
C SER A 6 -3.78 1.53 -12.79
N GLY A 7 -2.87 0.58 -12.97
CA GLY A 7 -1.46 0.92 -13.12
C GLY A 7 -0.59 -0.28 -13.37
N LEU A 8 0.68 -0.04 -13.72
CA LEU A 8 1.61 -1.12 -13.99
C LEU A 8 2.60 -1.29 -12.83
N ALA A 9 3.52 -2.24 -12.98
CA ALA A 9 4.52 -2.51 -11.95
C ALA A 9 5.92 -2.17 -12.45
N MET A 10 6.39 -0.97 -12.13
CA MET A 10 7.71 -0.53 -12.55
C MET A 10 8.26 0.53 -11.58
N PRO A 11 9.59 0.53 -11.37
CA PRO A 11 10.23 1.50 -10.46
C PRO A 11 9.93 2.94 -10.85
N PRO A 12 10.02 3.29 -12.15
CA PRO A 12 9.75 4.64 -12.62
C PRO A 12 8.33 5.09 -12.28
N GLY A 13 7.46 4.13 -12.02
CA GLY A 13 6.08 4.43 -11.69
C GLY A 13 5.94 5.04 -10.31
N ASN A 14 5.72 4.20 -9.32
CA ASN A 14 5.56 4.65 -7.94
C ASN A 14 6.90 4.68 -7.22
N SER A 15 7.47 3.49 -7.01
CA SER A 15 8.76 3.37 -6.33
C SER A 15 9.27 1.93 -6.39
N HIS A 16 8.36 0.98 -6.18
CA HIS A 16 8.72 -0.43 -6.21
C HIS A 16 7.53 -1.29 -6.61
N GLY A 17 6.64 -0.72 -7.44
CA GLY A 17 5.47 -1.45 -7.89
C GLY A 17 4.38 -1.47 -6.84
N LEU A 18 3.99 -0.31 -6.35
CA LEU A 18 2.94 -0.20 -5.35
C LEU A 18 1.65 0.34 -5.96
N GLU A 19 0.74 -0.57 -6.29
CA GLU A 19 -0.54 -0.18 -6.88
C GLU A 19 -1.70 -0.82 -6.13
N VAL A 20 -2.92 -0.52 -6.56
CA VAL A 20 -4.12 -1.06 -5.94
C VAL A 20 -4.11 -2.59 -5.97
N GLY A 21 -4.61 -3.21 -4.91
CA GLY A 21 -4.65 -4.65 -4.84
C GLY A 21 -3.43 -5.24 -4.16
N SER A 22 -2.26 -4.74 -4.54
CA SER A 22 -1.00 -5.23 -3.96
C SER A 22 -0.87 -4.77 -2.51
N LEU A 23 -0.13 -5.53 -1.72
CA LEU A 23 0.09 -5.21 -0.31
C LEU A 23 1.21 -4.19 -0.16
N ALA A 24 1.10 -3.35 0.87
CA ALA A 24 2.10 -2.32 1.13
C ALA A 24 2.21 -2.02 2.63
N GLU A 25 3.40 -1.66 3.07
CA GLU A 25 3.65 -1.34 4.47
C GLU A 25 4.02 0.12 4.64
N VAL A 26 3.70 0.68 5.80
CA VAL A 26 4.00 2.08 6.09
C VAL A 26 4.96 2.19 7.27
N LYS A 27 6.01 3.01 7.11
CA LYS A 27 6.99 3.21 8.17
C LYS A 27 6.50 4.23 9.18
N GLU A 28 5.85 3.76 10.24
CA GLU A 28 5.33 4.63 11.28
C GLU A 28 5.56 4.03 12.66
N ASN A 29 5.10 4.74 13.69
CA ASN A 29 5.24 4.27 15.06
C ASN A 29 4.52 2.93 15.26
N PRO A 30 3.19 2.91 15.02
CA PRO A 30 2.39 1.70 15.17
C PRO A 30 2.58 0.73 14.00
N PRO A 31 3.25 -0.41 14.24
CA PRO A 31 3.49 -1.41 13.20
C PRO A 31 2.21 -2.12 12.76
N PHE A 32 1.70 -1.75 11.59
CA PHE A 32 0.48 -2.35 11.07
C PHE A 32 0.66 -2.73 9.60
N TYR A 33 -0.18 -3.65 9.13
CA TYR A 33 -0.12 -4.11 7.74
C TYR A 33 -1.46 -3.86 7.03
N GLY A 34 -1.38 -3.61 5.74
CA GLY A 34 -2.59 -3.38 4.96
C GLY A 34 -2.34 -3.41 3.46
N VAL A 35 -3.40 -3.55 2.69
CA VAL A 35 -3.29 -3.59 1.23
C VAL A 35 -3.77 -2.28 0.60
N ILE A 36 -3.16 -1.90 -0.51
CA ILE A 36 -3.54 -0.67 -1.21
C ILE A 36 -4.95 -0.78 -1.77
N ARG A 37 -5.67 0.33 -1.76
CA ARG A 37 -7.03 0.37 -2.27
C ARG A 37 -7.20 1.48 -3.31
N TRP A 38 -7.06 2.73 -2.86
CA TRP A 38 -7.19 3.87 -3.76
C TRP A 38 -5.91 4.69 -3.78
N ILE A 39 -5.47 5.03 -4.99
CA ILE A 39 -4.26 5.83 -5.16
C ILE A 39 -4.55 7.07 -5.99
N GLY A 40 -4.59 8.23 -5.33
CA GLY A 40 -4.88 9.47 -6.03
C GLY A 40 -4.54 10.70 -5.20
N GLN A 41 -5.01 11.85 -5.66
CA GLN A 41 -4.76 13.10 -4.96
C GLN A 41 -6.08 13.85 -4.71
N PRO A 42 -6.46 14.02 -3.43
CA PRO A 42 -7.70 14.73 -3.07
C PRO A 42 -7.74 16.14 -3.62
N PRO A 43 -8.95 16.72 -3.73
CA PRO A 43 -9.13 18.08 -4.25
C PRO A 43 -8.63 19.14 -3.27
N GLY A 44 -7.35 19.47 -3.36
CA GLY A 44 -6.77 20.47 -2.48
C GLY A 44 -5.27 20.32 -2.33
N LEU A 45 -4.82 19.11 -2.02
CA LEU A 45 -3.40 18.85 -1.85
C LEU A 45 -2.93 17.77 -2.82
N ASN A 46 -2.08 18.15 -3.77
CA ASN A 46 -1.57 17.20 -4.73
C ASN A 46 -0.55 16.28 -4.09
N GLU A 47 -0.94 15.01 -3.88
CA GLU A 47 -0.06 14.03 -3.27
C GLU A 47 -0.61 12.62 -3.45
N VAL A 48 0.16 11.76 -4.09
CA VAL A 48 -0.27 10.38 -4.32
C VAL A 48 -0.45 9.65 -2.99
N LEU A 49 -1.69 9.55 -2.54
CA LEU A 49 -1.98 8.88 -1.27
C LEU A 49 -2.66 7.53 -1.52
N ALA A 50 -1.99 6.46 -1.13
CA ALA A 50 -2.53 5.12 -1.31
C ALA A 50 -3.32 4.67 -0.09
N GLY A 51 -4.63 4.49 -0.26
CA GLY A 51 -5.46 4.06 0.84
C GLY A 51 -5.23 2.61 1.23
N LEU A 52 -4.75 2.40 2.46
CA LEU A 52 -4.48 1.05 2.94
C LEU A 52 -5.56 0.60 3.91
N GLU A 53 -5.85 -0.71 3.92
CA GLU A 53 -6.87 -1.27 4.80
C GLU A 53 -6.22 -2.13 5.88
N LEU A 54 -6.24 -1.64 7.11
CA LEU A 54 -5.66 -2.37 8.23
C LEU A 54 -6.52 -3.59 8.58
N GLU A 55 -5.86 -4.72 8.81
CA GLU A 55 -6.56 -5.96 9.15
C GLU A 55 -7.17 -5.87 10.54
N ASP A 56 -6.45 -5.24 11.46
CA ASP A 56 -6.92 -5.08 12.83
C ASP A 56 -7.94 -3.95 12.94
N GLU A 57 -9.15 -4.29 13.34
CA GLU A 57 -10.22 -3.30 13.48
C GLU A 57 -9.95 -2.38 14.65
N CYS A 58 -9.39 -1.21 14.37
CA CYS A 58 -9.09 -0.23 15.41
C CYS A 58 -10.09 0.92 15.39
N ALA A 59 -10.74 1.16 16.52
CA ALA A 59 -11.73 2.23 16.63
C ALA A 59 -11.09 3.58 16.35
N GLY A 60 -11.82 4.43 15.61
CA GLY A 60 -11.30 5.75 15.29
C GLY A 60 -11.05 5.92 13.81
N CYS A 61 -10.74 4.82 13.12
CA CYS A 61 -10.47 4.85 11.70
C CYS A 61 -11.77 4.98 10.90
N THR A 62 -11.65 5.17 9.60
CA THR A 62 -12.81 5.30 8.72
C THR A 62 -13.08 4.00 7.98
N ASP A 63 -14.13 4.01 7.16
CA ASP A 63 -14.49 2.82 6.39
C ASP A 63 -14.19 3.02 4.91
N GLY A 64 -13.15 3.80 4.63
CA GLY A 64 -12.77 4.05 3.24
C GLY A 64 -13.10 5.46 2.81
N THR A 65 -12.83 6.43 3.67
CA THR A 65 -13.10 7.83 3.36
C THR A 65 -11.96 8.72 3.85
N PHE A 66 -11.32 9.42 2.91
CA PHE A 66 -10.21 10.30 3.25
C PHE A 66 -10.66 11.76 3.21
N ARG A 67 -10.67 12.40 4.38
CA ARG A 67 -11.07 13.80 4.49
C ARG A 67 -12.51 13.98 4.01
N GLY A 68 -13.37 13.01 4.32
CA GLY A 68 -14.76 13.09 3.92
C GLY A 68 -14.94 12.84 2.43
N THR A 69 -14.04 12.05 1.85
CA THR A 69 -14.11 11.74 0.43
C THR A 69 -13.92 10.25 0.19
N ARG A 70 -15.03 9.51 0.12
CA ARG A 70 -14.99 8.08 -0.10
C ARG A 70 -14.33 7.75 -1.44
N TYR A 71 -13.51 6.70 -1.44
CA TYR A 71 -12.81 6.27 -2.65
C TYR A 71 -13.11 4.82 -2.98
N PHE A 72 -13.08 3.97 -1.95
CA PHE A 72 -13.34 2.55 -2.12
C PHE A 72 -14.30 2.05 -1.05
N THR A 73 -14.77 0.81 -1.22
CA THR A 73 -15.69 0.20 -0.28
C THR A 73 -15.01 -0.89 0.54
N CYS A 74 -14.74 -0.60 1.82
CA CYS A 74 -14.08 -1.56 2.70
C CYS A 74 -14.82 -1.65 4.03
N ALA A 75 -14.27 -2.46 4.94
CA ALA A 75 -14.88 -2.64 6.26
C ALA A 75 -14.76 -1.38 7.10
N LEU A 76 -15.45 -1.35 8.23
CA LEU A 76 -15.41 -0.21 9.14
C LEU A 76 -14.22 -0.28 10.08
N LYS A 77 -13.62 0.87 10.37
CA LYS A 77 -12.46 0.93 11.25
C LYS A 77 -11.28 0.15 10.67
N LYS A 78 -11.12 0.23 9.35
CA LYS A 78 -10.04 -0.47 8.68
C LYS A 78 -9.61 0.28 7.40
N ALA A 79 -9.59 1.60 7.48
CA ALA A 79 -9.20 2.43 6.35
C ALA A 79 -8.19 3.49 6.76
N LEU A 80 -6.95 3.33 6.27
CA LEU A 80 -5.89 4.27 6.58
C LEU A 80 -5.19 4.73 5.31
N PHE A 81 -5.17 6.05 5.10
CA PHE A 81 -4.53 6.62 3.91
C PHE A 81 -3.11 7.08 4.24
N VAL A 82 -2.22 6.98 3.26
CA VAL A 82 -0.84 7.39 3.44
C VAL A 82 -0.18 7.74 2.10
N LYS A 83 0.96 8.41 2.16
CA LYS A 83 1.68 8.80 0.96
C LYS A 83 2.26 7.58 0.24
N LEU A 84 1.88 7.43 -1.02
CA LEU A 84 2.36 6.30 -1.82
C LEU A 84 3.88 6.34 -1.96
N LYS A 85 4.43 7.54 -2.07
CA LYS A 85 5.87 7.71 -2.21
C LYS A 85 6.60 7.22 -0.96
N SER A 86 5.90 7.24 0.17
CA SER A 86 6.48 6.80 1.43
C SER A 86 5.95 5.43 1.83
N CYS A 87 5.67 4.59 0.82
CA CYS A 87 5.15 3.25 1.07
C CYS A 87 6.15 2.19 0.64
N ARG A 88 6.23 1.10 1.41
CA ARG A 88 7.15 0.02 1.11
C ARG A 88 6.39 -1.21 0.60
N PRO A 89 6.99 -1.96 -0.33
CA PRO A 89 6.36 -3.16 -0.90
C PRO A 89 6.31 -4.31 0.10
N ASP A 90 5.11 -4.63 0.55
CA ASP A 90 4.93 -5.72 1.51
C ASP A 90 5.14 -7.08 0.85
N SER A 91 5.95 -7.92 1.50
CA SER A 91 6.24 -9.25 0.97
C SER A 91 5.60 -10.33 1.84
N ARG A 92 4.48 -10.00 2.46
CA ARG A 92 3.77 -10.95 3.33
C ARG A 92 3.30 -12.16 2.53
N PHE A 93 2.72 -11.90 1.36
CA PHE A 93 2.21 -12.97 0.51
C PHE A 93 3.14 -13.20 -0.68
N ALA A 94 4.40 -12.81 -0.54
CA ALA A 94 5.38 -12.97 -1.60
C ALA A 94 6.28 -14.17 -1.35
N SER A 95 6.31 -15.10 -2.31
CA SER A 95 7.13 -16.30 -2.18
C SER A 95 8.60 -15.97 -2.44
N LEU A 96 9.50 -16.75 -1.83
CA LEU A 96 10.93 -16.55 -2.00
C LEU A 96 11.49 -17.49 -3.06
N GLN A 97 10.72 -17.70 -4.12
CA GLN A 97 11.14 -18.58 -5.21
C GLN A 97 10.78 -17.98 -6.57
N PRO A 98 11.72 -17.25 -7.19
CA PRO A 98 11.50 -16.62 -8.49
C PRO A 98 11.51 -17.64 -9.63
N SER A 99 10.74 -17.34 -10.69
CA SER A 99 10.66 -18.23 -11.84
C SER A 99 11.87 -18.04 -12.75
N GLY A 100 12.97 -18.69 -12.40
CA GLY A 100 14.18 -18.59 -13.20
C GLY A 100 14.36 -19.76 -14.15
N PRO A 101 15.11 -19.57 -15.25
CA PRO A 101 15.34 -20.64 -16.23
C PRO A 101 16.24 -21.74 -15.68
N SER A 102 17.16 -21.36 -14.80
CA SER A 102 18.09 -22.31 -14.21
C SER A 102 18.03 -22.24 -12.68
N SER A 103 18.44 -23.33 -12.03
CA SER A 103 18.43 -23.39 -10.57
C SER A 103 19.76 -23.93 -10.05
N GLY A 104 20.56 -23.05 -9.47
CA GLY A 104 21.85 -23.45 -8.93
C GLY A 104 21.77 -23.88 -7.48
N GLY A 1 18.89 9.07 -32.47
CA GLY A 1 18.10 10.31 -32.26
C GLY A 1 17.91 10.62 -30.78
N SER A 2 16.95 9.95 -30.16
CA SER A 2 16.66 10.16 -28.75
C SER A 2 16.01 8.93 -28.13
N SER A 3 16.83 7.95 -27.77
CA SER A 3 16.33 6.71 -27.18
C SER A 3 17.35 6.14 -26.18
N GLY A 4 17.39 6.74 -24.99
CA GLY A 4 18.32 6.28 -23.97
C GLY A 4 17.65 6.11 -22.62
N SER A 5 17.98 5.02 -21.92
CA SER A 5 17.41 4.73 -20.62
C SER A 5 18.49 4.33 -19.62
N SER A 6 18.50 4.99 -18.47
CA SER A 6 19.48 4.70 -17.44
C SER A 6 19.30 3.29 -16.88
N GLY A 7 18.05 2.90 -16.69
CA GLY A 7 17.75 1.58 -16.16
C GLY A 7 17.41 1.61 -14.68
N LEU A 8 16.22 2.09 -14.36
CA LEU A 8 15.78 2.17 -12.98
C LEU A 8 14.98 0.92 -12.58
N ALA A 9 14.32 0.32 -13.56
CA ALA A 9 13.52 -0.87 -13.32
C ALA A 9 12.37 -0.59 -12.36
N MET A 10 11.74 0.57 -12.53
CA MET A 10 10.63 0.97 -11.67
C MET A 10 9.46 1.47 -12.51
N PRO A 11 8.75 0.56 -13.20
CA PRO A 11 7.60 0.92 -14.04
C PRO A 11 6.51 1.64 -13.25
N PRO A 12 6.13 1.10 -12.08
CA PRO A 12 5.09 1.70 -11.24
C PRO A 12 5.39 3.15 -10.89
N GLY A 13 6.68 3.52 -10.98
CA GLY A 13 7.08 4.87 -10.69
C GLY A 13 7.26 5.12 -9.20
N ASN A 14 7.59 4.06 -8.46
CA ASN A 14 7.80 4.16 -7.03
C ASN A 14 9.09 3.48 -6.60
N SER A 15 9.14 2.16 -6.72
CA SER A 15 10.31 1.39 -6.36
C SER A 15 10.23 -0.03 -6.90
N HIS A 16 9.40 -0.85 -6.27
CA HIS A 16 9.23 -2.24 -6.70
C HIS A 16 7.89 -2.43 -7.40
N GLY A 17 6.81 -2.44 -6.63
CA GLY A 17 5.50 -2.62 -7.21
C GLY A 17 4.38 -2.33 -6.22
N LEU A 18 4.15 -1.05 -5.95
CA LEU A 18 3.11 -0.65 -5.00
C LEU A 18 1.85 -0.19 -5.74
N GLU A 19 0.89 -1.09 -5.88
CA GLU A 19 -0.36 -0.78 -6.56
C GLU A 19 -1.55 -1.39 -5.83
N VAL A 20 -2.75 -1.11 -6.32
CA VAL A 20 -3.97 -1.64 -5.70
C VAL A 20 -3.97 -3.15 -5.71
N GLY A 21 -4.22 -3.75 -4.55
CA GLY A 21 -4.26 -5.19 -4.44
C GLY A 21 -3.02 -5.75 -3.76
N SER A 22 -1.90 -5.06 -3.93
CA SER A 22 -0.64 -5.49 -3.33
C SER A 22 -0.49 -4.95 -1.92
N LEU A 23 0.13 -5.74 -1.04
CA LEU A 23 0.34 -5.34 0.33
C LEU A 23 1.45 -4.29 0.44
N ALA A 24 1.28 -3.34 1.36
CA ALA A 24 2.26 -2.29 1.56
C ALA A 24 2.31 -1.86 3.01
N GLU A 25 3.51 -1.52 3.49
CA GLU A 25 3.69 -1.09 4.86
C GLU A 25 4.22 0.35 4.92
N VAL A 26 3.77 1.10 5.92
CA VAL A 26 4.20 2.48 6.09
C VAL A 26 5.16 2.62 7.27
N LYS A 27 5.94 3.69 7.26
CA LYS A 27 6.91 3.93 8.33
C LYS A 27 6.34 4.91 9.36
N GLU A 28 5.05 4.78 9.64
CA GLU A 28 4.39 5.65 10.60
C GLU A 28 4.71 5.23 12.03
N ASN A 29 4.14 5.93 13.00
CA ASN A 29 4.37 5.63 14.40
C ASN A 29 3.87 4.23 14.75
N PRO A 30 2.57 3.97 14.54
CA PRO A 30 1.98 2.66 14.82
C PRO A 30 2.31 1.62 13.75
N PRO A 31 3.15 0.63 14.09
CA PRO A 31 3.55 -0.42 13.14
C PRO A 31 2.38 -1.36 12.80
N PHE A 32 1.54 -0.93 11.87
CA PHE A 32 0.39 -1.72 11.46
C PHE A 32 0.67 -2.43 10.13
N TYR A 33 -0.25 -3.30 9.73
CA TYR A 33 -0.09 -4.04 8.48
C TYR A 33 -1.41 -4.07 7.70
N GLY A 34 -1.37 -3.60 6.46
CA GLY A 34 -2.56 -3.58 5.64
C GLY A 34 -2.25 -3.82 4.17
N VAL A 35 -3.12 -3.35 3.29
CA VAL A 35 -2.94 -3.53 1.85
C VAL A 35 -3.44 -2.30 1.09
N ILE A 36 -2.80 -2.04 -0.05
CA ILE A 36 -3.18 -0.90 -0.88
C ILE A 36 -4.59 -1.07 -1.44
N ARG A 37 -5.36 0.01 -1.42
CA ARG A 37 -6.73 -0.03 -1.93
C ARG A 37 -6.93 0.99 -3.04
N TRP A 38 -6.70 2.27 -2.72
CA TRP A 38 -6.85 3.33 -3.70
C TRP A 38 -5.61 4.21 -3.75
N ILE A 39 -5.16 4.51 -4.97
CA ILE A 39 -3.98 5.35 -5.18
C ILE A 39 -4.31 6.53 -6.07
N GLY A 40 -4.42 7.71 -5.49
CA GLY A 40 -4.74 8.90 -6.26
C GLY A 40 -4.50 10.18 -5.50
N GLN A 41 -4.98 11.29 -6.03
CA GLN A 41 -4.83 12.59 -5.40
C GLN A 41 -6.17 13.31 -5.29
N PRO A 42 -6.65 13.55 -4.06
CA PRO A 42 -7.93 14.23 -3.82
C PRO A 42 -7.98 15.62 -4.48
N PRO A 43 -9.19 16.15 -4.70
CA PRO A 43 -9.37 17.46 -5.32
C PRO A 43 -8.98 18.60 -4.38
N GLY A 44 -7.70 18.96 -4.39
CA GLY A 44 -7.23 20.03 -3.53
C GLY A 44 -5.74 19.95 -3.27
N LEU A 45 -5.28 18.78 -2.87
CA LEU A 45 -3.86 18.58 -2.59
C LEU A 45 -3.28 17.47 -3.46
N ASN A 46 -2.40 17.84 -4.38
CA ASN A 46 -1.79 16.86 -5.28
C ASN A 46 -0.76 16.03 -4.52
N GLU A 47 -1.10 14.77 -4.28
CA GLU A 47 -0.21 13.86 -3.56
C GLU A 47 -0.70 12.42 -3.69
N VAL A 48 0.14 11.55 -4.24
CA VAL A 48 -0.22 10.15 -4.40
C VAL A 48 -0.40 9.49 -3.04
N LEU A 49 -1.65 9.32 -2.63
CA LEU A 49 -1.96 8.70 -1.35
C LEU A 49 -2.56 7.32 -1.55
N ALA A 50 -1.86 6.30 -1.06
CA ALA A 50 -2.32 4.92 -1.18
C ALA A 50 -3.15 4.51 0.03
N GLY A 51 -4.44 4.26 -0.19
CA GLY A 51 -5.30 3.85 0.89
C GLY A 51 -4.99 2.46 1.41
N LEU A 52 -4.49 2.39 2.64
CA LEU A 52 -4.14 1.11 3.24
C LEU A 52 -5.22 0.66 4.22
N GLU A 53 -5.66 -0.59 4.08
CA GLU A 53 -6.69 -1.14 4.95
C GLU A 53 -6.07 -1.96 6.07
N LEU A 54 -6.19 -1.45 7.29
CA LEU A 54 -5.64 -2.15 8.46
C LEU A 54 -6.46 -3.38 8.80
N GLU A 55 -5.78 -4.50 9.01
CA GLU A 55 -6.44 -5.76 9.35
C GLU A 55 -7.16 -5.66 10.69
N ASP A 56 -6.59 -4.88 11.59
CA ASP A 56 -7.18 -4.69 12.92
C ASP A 56 -8.22 -3.59 12.90
N GLU A 57 -9.35 -3.84 13.57
CA GLU A 57 -10.44 -2.88 13.64
C GLU A 57 -10.23 -1.89 14.78
N CYS A 58 -9.23 -1.03 14.63
CA CYS A 58 -8.92 -0.03 15.66
C CYS A 58 -9.84 1.18 15.53
N ALA A 59 -10.58 1.46 16.59
CA ALA A 59 -11.50 2.59 16.60
C ALA A 59 -10.76 3.91 16.43
N GLY A 60 -10.93 4.53 15.27
CA GLY A 60 -10.27 5.79 14.99
C GLY A 60 -10.13 6.07 13.51
N CYS A 61 -10.07 5.00 12.72
CA CYS A 61 -9.94 5.13 11.27
C CYS A 61 -11.30 5.27 10.61
N THR A 62 -11.31 5.38 9.28
CA THR A 62 -12.55 5.51 8.53
C THR A 62 -12.94 4.18 7.90
N ASP A 63 -14.03 4.20 7.13
CA ASP A 63 -14.52 2.99 6.47
C ASP A 63 -14.34 3.10 4.96
N GLY A 64 -13.30 3.81 4.54
CA GLY A 64 -13.04 3.97 3.12
C GLY A 64 -13.41 5.35 2.61
N THR A 65 -13.25 6.35 3.47
CA THR A 65 -13.56 7.73 3.11
C THR A 65 -12.44 8.67 3.51
N PHE A 66 -11.85 9.35 2.51
CA PHE A 66 -10.77 10.28 2.76
C PHE A 66 -11.20 11.72 2.48
N ARG A 67 -11.40 12.50 3.53
CA ARG A 67 -11.82 13.89 3.38
C ARG A 67 -13.16 13.98 2.68
N GLY A 68 -14.06 13.06 3.01
CA GLY A 68 -15.37 13.05 2.40
C GLY A 68 -15.33 12.65 0.93
N THR A 69 -14.34 11.84 0.57
CA THR A 69 -14.21 11.39 -0.81
C THR A 69 -14.07 9.87 -0.87
N ARG A 70 -15.20 9.19 -1.07
CA ARG A 70 -15.21 7.74 -1.15
C ARG A 70 -14.35 7.25 -2.31
N TYR A 71 -13.49 6.27 -2.02
CA TYR A 71 -12.62 5.71 -3.04
C TYR A 71 -12.85 4.22 -3.21
N PHE A 72 -13.02 3.52 -2.09
CA PHE A 72 -13.27 2.09 -2.12
C PHE A 72 -14.12 1.65 -0.93
N THR A 73 -14.69 0.45 -1.02
CA THR A 73 -15.53 -0.08 0.05
C THR A 73 -14.75 -1.07 0.91
N CYS A 74 -14.65 -0.77 2.20
CA CYS A 74 -13.93 -1.63 3.13
C CYS A 74 -14.61 -1.65 4.49
N ALA A 75 -14.17 -2.55 5.36
CA ALA A 75 -14.74 -2.67 6.69
C ALA A 75 -14.55 -1.38 7.48
N LEU A 76 -15.45 -1.14 8.44
CA LEU A 76 -15.39 0.06 9.26
C LEU A 76 -14.17 0.02 10.19
N LYS A 77 -13.55 1.19 10.39
CA LYS A 77 -12.38 1.28 11.24
C LYS A 77 -11.23 0.43 10.70
N LYS A 78 -11.07 0.44 9.39
CA LYS A 78 -10.01 -0.33 8.74
C LYS A 78 -9.57 0.34 7.44
N ALA A 79 -9.49 1.66 7.45
CA ALA A 79 -9.09 2.41 6.26
C ALA A 79 -8.19 3.59 6.64
N LEU A 80 -6.91 3.46 6.35
CA LEU A 80 -5.95 4.52 6.66
C LEU A 80 -5.20 4.96 5.39
N PHE A 81 -5.39 6.22 5.02
CA PHE A 81 -4.74 6.78 3.84
C PHE A 81 -3.39 7.39 4.19
N VAL A 82 -2.41 7.22 3.32
CA VAL A 82 -1.08 7.76 3.54
C VAL A 82 -0.37 8.02 2.21
N LYS A 83 0.73 8.77 2.28
CA LYS A 83 1.51 9.09 1.08
C LYS A 83 2.16 7.84 0.50
N LEU A 84 1.86 7.55 -0.75
CA LEU A 84 2.42 6.38 -1.43
C LEU A 84 3.94 6.45 -1.46
N LYS A 85 4.48 7.67 -1.49
CA LYS A 85 5.93 7.87 -1.52
C LYS A 85 6.57 7.34 -0.25
N SER A 86 5.82 7.34 0.85
CA SER A 86 6.34 6.86 2.12
C SER A 86 5.82 5.46 2.42
N CYS A 87 5.66 4.66 1.37
CA CYS A 87 5.18 3.29 1.51
C CYS A 87 6.29 2.29 1.22
N ARG A 88 6.07 1.04 1.63
CA ARG A 88 7.06 -0.02 1.41
C ARG A 88 6.37 -1.33 1.06
N PRO A 89 6.99 -2.14 0.18
CA PRO A 89 6.43 -3.43 -0.23
C PRO A 89 6.44 -4.45 0.90
N ASP A 90 5.27 -4.75 1.44
CA ASP A 90 5.14 -5.71 2.52
C ASP A 90 5.36 -7.14 2.02
N SER A 91 6.19 -7.89 2.73
CA SER A 91 6.49 -9.27 2.35
C SER A 91 6.03 -10.23 3.44
N ARG A 92 5.00 -9.82 4.19
CA ARG A 92 4.47 -10.65 5.27
C ARG A 92 3.83 -11.91 4.70
N PHE A 93 3.31 -11.82 3.49
CA PHE A 93 2.67 -12.96 2.83
C PHE A 93 3.53 -13.49 1.68
N ALA A 94 4.83 -13.26 1.77
CA ALA A 94 5.75 -13.72 0.73
C ALA A 94 6.19 -15.16 0.98
N SER A 95 5.93 -16.03 0.02
CA SER A 95 6.31 -17.44 0.13
C SER A 95 7.82 -17.61 -0.05
N LEU A 96 8.50 -17.91 1.03
CA LEU A 96 9.94 -18.11 1.00
C LEU A 96 10.34 -19.45 1.62
N GLN A 97 9.45 -20.43 1.48
CA GLN A 97 9.69 -21.76 2.03
C GLN A 97 9.30 -22.84 1.03
N PRO A 98 10.12 -23.02 -0.03
CA PRO A 98 9.85 -24.03 -1.06
C PRO A 98 9.61 -25.42 -0.48
N SER A 99 9.35 -26.39 -1.35
CA SER A 99 9.11 -27.76 -0.92
C SER A 99 9.44 -28.75 -2.03
N GLY A 100 9.94 -29.92 -1.65
CA GLY A 100 10.28 -30.94 -2.63
C GLY A 100 10.67 -32.26 -1.99
N PRO A 101 11.87 -32.32 -1.38
CA PRO A 101 12.34 -33.55 -0.73
C PRO A 101 11.56 -33.88 0.55
N SER A 102 10.77 -34.94 0.49
CA SER A 102 9.97 -35.36 1.64
C SER A 102 10.87 -35.87 2.77
N SER A 103 10.44 -35.64 4.01
CA SER A 103 11.20 -36.09 5.17
C SER A 103 10.33 -36.89 6.12
N GLY A 104 10.65 -38.17 6.27
CA GLY A 104 9.88 -39.03 7.16
C GLY A 104 8.58 -39.49 6.52
N GLY A 1 25.92 -2.26 -19.69
CA GLY A 1 25.27 -1.77 -18.45
C GLY A 1 23.78 -2.07 -18.42
N SER A 2 23.03 -1.25 -17.70
CA SER A 2 21.58 -1.42 -17.60
C SER A 2 21.25 -2.77 -16.97
N SER A 3 20.04 -2.88 -16.42
CA SER A 3 19.60 -4.11 -15.78
C SER A 3 19.42 -5.22 -16.81
N GLY A 4 19.13 -6.42 -16.33
CA GLY A 4 18.95 -7.56 -17.23
C GLY A 4 17.48 -7.82 -17.51
N SER A 5 16.66 -6.78 -17.45
CA SER A 5 15.23 -6.91 -17.70
C SER A 5 14.75 -5.84 -18.67
N SER A 6 15.16 -5.97 -19.93
CA SER A 6 14.78 -5.01 -20.96
C SER A 6 15.22 -3.59 -20.59
N GLY A 7 16.23 -3.50 -19.72
CA GLY A 7 16.74 -2.20 -19.30
C GLY A 7 15.65 -1.30 -18.76
N LEU A 8 14.60 -1.91 -18.22
CA LEU A 8 13.49 -1.15 -17.65
C LEU A 8 12.89 -1.88 -16.45
N ALA A 9 12.28 -1.11 -15.56
CA ALA A 9 11.66 -1.68 -14.36
C ALA A 9 10.70 -0.69 -13.72
N MET A 10 10.09 0.15 -14.54
CA MET A 10 9.13 1.15 -14.05
C MET A 10 8.41 1.82 -15.21
N PRO A 11 7.58 1.06 -15.94
CA PRO A 11 6.83 1.60 -17.08
C PRO A 11 5.93 2.77 -16.70
N PRO A 12 5.17 2.65 -15.60
CA PRO A 12 4.27 3.72 -15.14
C PRO A 12 5.01 4.80 -14.38
N GLY A 13 6.03 4.40 -13.61
CA GLY A 13 6.80 5.36 -12.85
C GLY A 13 6.39 5.40 -11.39
N ASN A 14 6.18 4.22 -10.81
CA ASN A 14 5.77 4.12 -9.40
C ASN A 14 6.89 3.54 -8.55
N SER A 15 6.71 3.59 -7.24
CA SER A 15 7.71 3.07 -6.31
C SER A 15 7.77 1.54 -6.38
N HIS A 16 8.64 1.03 -7.25
CA HIS A 16 8.80 -0.41 -7.42
C HIS A 16 7.54 -1.04 -8.02
N GLY A 17 6.48 -1.10 -7.22
CA GLY A 17 5.23 -1.67 -7.69
C GLY A 17 4.11 -1.55 -6.68
N LEU A 18 3.77 -0.32 -6.33
CA LEU A 18 2.71 -0.07 -5.36
C LEU A 18 1.44 0.43 -6.05
N GLU A 19 0.47 -0.45 -6.19
CA GLU A 19 -0.80 -0.10 -6.82
C GLU A 19 -1.97 -0.79 -6.13
N VAL A 20 -3.18 -0.47 -6.56
CA VAL A 20 -4.39 -1.05 -5.98
C VAL A 20 -4.39 -2.57 -6.13
N GLY A 21 -4.64 -3.26 -5.03
CA GLY A 21 -4.66 -4.72 -5.05
C GLY A 21 -3.44 -5.33 -4.41
N SER A 22 -2.33 -4.61 -4.45
CA SER A 22 -1.08 -5.09 -3.87
C SER A 22 -0.95 -4.66 -2.41
N LEU A 23 -0.14 -5.38 -1.65
CA LEU A 23 0.06 -5.08 -0.25
C LEU A 23 1.23 -4.10 -0.06
N ALA A 24 1.15 -3.30 1.00
CA ALA A 24 2.19 -2.31 1.29
C ALA A 24 2.32 -2.08 2.79
N GLU A 25 3.41 -1.43 3.19
CA GLU A 25 3.66 -1.14 4.60
C GLU A 25 4.03 0.32 4.80
N VAL A 26 3.64 0.88 5.94
CA VAL A 26 3.94 2.27 6.26
C VAL A 26 4.97 2.37 7.38
N LYS A 27 5.76 3.43 7.36
CA LYS A 27 6.78 3.66 8.38
C LYS A 27 6.22 4.47 9.53
N GLU A 28 5.70 3.78 10.55
CA GLU A 28 5.14 4.44 11.72
C GLU A 28 5.55 3.72 13.00
N ASN A 29 4.98 4.16 14.12
CA ASN A 29 5.29 3.56 15.41
C ASN A 29 4.69 2.16 15.52
N PRO A 30 3.35 2.05 15.38
CA PRO A 30 2.65 0.77 15.46
C PRO A 30 2.77 -0.04 14.17
N PRO A 31 3.50 -1.17 14.20
CA PRO A 31 3.68 -2.03 13.02
C PRO A 31 2.36 -2.57 12.50
N PHE A 32 1.71 -1.80 11.63
CA PHE A 32 0.43 -2.21 11.06
C PHE A 32 0.58 -2.56 9.58
N TYR A 33 -0.12 -3.61 9.16
CA TYR A 33 -0.06 -4.05 7.76
C TYR A 33 -1.39 -3.80 7.06
N GLY A 34 -1.33 -3.56 5.76
CA GLY A 34 -2.54 -3.31 4.99
C GLY A 34 -2.32 -3.49 3.50
N VAL A 35 -3.37 -3.23 2.73
CA VAL A 35 -3.30 -3.36 1.28
C VAL A 35 -3.78 -2.08 0.59
N ILE A 36 -3.16 -1.77 -0.55
CA ILE A 36 -3.52 -0.57 -1.31
C ILE A 36 -4.94 -0.68 -1.84
N ARG A 37 -5.67 0.43 -1.81
CA ARG A 37 -7.05 0.46 -2.28
C ARG A 37 -7.23 1.57 -3.32
N TRP A 38 -7.00 2.81 -2.90
CA TRP A 38 -7.15 3.95 -3.81
C TRP A 38 -5.89 4.81 -3.79
N ILE A 39 -5.42 5.16 -4.99
CA ILE A 39 -4.23 5.99 -5.12
C ILE A 39 -4.54 7.24 -5.95
N GLY A 40 -4.63 8.38 -5.28
CA GLY A 40 -4.92 9.62 -5.97
C GLY A 40 -4.64 10.85 -5.13
N GLN A 41 -5.06 12.00 -5.62
CA GLN A 41 -4.85 13.26 -4.91
C GLN A 41 -6.17 14.01 -4.74
N PRO A 42 -6.64 14.18 -3.48
CA PRO A 42 -7.90 14.88 -3.20
C PRO A 42 -7.91 16.30 -3.75
N PRO A 43 -9.11 16.88 -3.93
CA PRO A 43 -9.26 18.24 -4.46
C PRO A 43 -8.83 19.29 -3.44
N GLY A 44 -7.55 19.62 -3.44
CA GLY A 44 -7.03 20.62 -2.52
C GLY A 44 -5.54 20.48 -2.29
N LEU A 45 -5.10 19.27 -1.95
CA LEU A 45 -3.69 19.01 -1.70
C LEU A 45 -3.16 17.94 -2.64
N ASN A 46 -2.26 18.33 -3.53
CA ASN A 46 -1.68 17.38 -4.48
C ASN A 46 -0.70 16.46 -3.78
N GLU A 47 -1.09 15.20 -3.61
CA GLU A 47 -0.24 14.22 -2.95
C GLU A 47 -0.78 12.80 -3.16
N VAL A 48 0.04 11.96 -3.77
CA VAL A 48 -0.37 10.58 -4.03
C VAL A 48 -0.60 9.82 -2.72
N LEU A 49 -1.86 9.70 -2.33
CA LEU A 49 -2.21 9.01 -1.10
C LEU A 49 -2.83 7.64 -1.40
N ALA A 50 -2.12 6.59 -1.01
CA ALA A 50 -2.60 5.24 -1.25
C ALA A 50 -3.41 4.72 -0.06
N GLY A 51 -4.69 4.49 -0.28
CA GLY A 51 -5.55 4.00 0.77
C GLY A 51 -5.19 2.60 1.22
N LEU A 52 -4.73 2.48 2.46
CA LEU A 52 -4.35 1.18 3.01
C LEU A 52 -5.42 0.65 3.96
N GLU A 53 -5.80 -0.61 3.77
CA GLU A 53 -6.81 -1.23 4.60
C GLU A 53 -6.17 -2.12 5.67
N LEU A 54 -6.18 -1.63 6.91
CA LEU A 54 -5.59 -2.38 8.02
C LEU A 54 -6.38 -3.67 8.28
N GLU A 55 -5.66 -4.78 8.37
CA GLU A 55 -6.28 -6.07 8.63
C GLU A 55 -6.87 -6.13 10.04
N ASP A 56 -6.25 -5.41 10.97
CA ASP A 56 -6.71 -5.38 12.34
C ASP A 56 -7.65 -4.19 12.58
N GLU A 57 -8.85 -4.49 13.03
CA GLU A 57 -9.84 -3.45 13.30
C GLU A 57 -9.45 -2.62 14.51
N CYS A 58 -8.73 -1.53 14.26
CA CYS A 58 -8.29 -0.65 15.34
C CYS A 58 -9.15 0.60 15.41
N ALA A 59 -9.44 1.04 16.63
CA ALA A 59 -10.26 2.23 16.84
C ALA A 59 -9.55 3.48 16.33
N GLY A 60 -10.28 4.31 15.59
CA GLY A 60 -9.70 5.53 15.06
C GLY A 60 -9.41 5.44 13.57
N CYS A 61 -10.19 4.61 12.87
CA CYS A 61 -10.00 4.43 11.44
C CYS A 61 -11.35 4.49 10.71
N THR A 62 -11.34 5.08 9.51
CA THR A 62 -12.55 5.20 8.72
C THR A 62 -12.85 3.89 7.98
N ASP A 63 -13.91 3.90 7.17
CA ASP A 63 -14.30 2.72 6.41
C ASP A 63 -14.03 2.91 4.93
N GLY A 64 -13.00 3.69 4.61
CA GLY A 64 -12.66 3.95 3.22
C GLY A 64 -13.11 5.31 2.75
N THR A 65 -12.77 6.34 3.52
CA THR A 65 -13.14 7.70 3.18
C THR A 65 -12.04 8.69 3.56
N PHE A 66 -11.70 9.59 2.64
CA PHE A 66 -10.67 10.58 2.88
C PHE A 66 -11.20 11.99 2.63
N ARG A 67 -11.26 12.79 3.69
CA ARG A 67 -11.75 14.16 3.59
C ARG A 67 -13.18 14.18 3.08
N GLY A 68 -13.97 13.20 3.50
CA GLY A 68 -15.36 13.13 3.07
C GLY A 68 -15.50 12.77 1.61
N THR A 69 -14.53 12.04 1.08
CA THR A 69 -14.54 11.63 -0.32
C THR A 69 -14.38 10.12 -0.44
N ARG A 70 -15.50 9.42 -0.58
CA ARG A 70 -15.49 7.97 -0.71
C ARG A 70 -14.72 7.55 -1.94
N TYR A 71 -13.67 6.75 -1.74
CA TYR A 71 -12.84 6.27 -2.84
C TYR A 71 -13.08 4.79 -3.10
N PHE A 72 -13.18 4.02 -2.03
CA PHE A 72 -13.42 2.58 -2.14
C PHE A 72 -14.25 2.07 -0.97
N THR A 73 -14.77 0.86 -1.11
CA THR A 73 -15.60 0.26 -0.06
C THR A 73 -14.82 -0.82 0.69
N CYS A 74 -14.64 -0.61 1.99
CA CYS A 74 -13.91 -1.55 2.82
C CYS A 74 -14.62 -1.77 4.15
N ALA A 75 -14.02 -2.57 5.02
CA ALA A 75 -14.60 -2.85 6.33
C ALA A 75 -14.54 -1.63 7.24
N LEU A 76 -15.27 -1.69 8.35
CA LEU A 76 -15.31 -0.58 9.29
C LEU A 76 -14.07 -0.60 10.19
N LYS A 77 -13.52 0.59 10.43
CA LYS A 77 -12.32 0.72 11.27
C LYS A 77 -11.15 -0.04 10.67
N LYS A 78 -11.02 0.01 9.34
CA LYS A 78 -9.94 -0.67 8.66
C LYS A 78 -9.52 0.11 7.41
N ALA A 79 -9.48 1.43 7.53
CA ALA A 79 -9.09 2.29 6.42
C ALA A 79 -8.12 3.38 6.88
N LEU A 80 -6.87 3.26 6.48
CA LEU A 80 -5.85 4.25 6.85
C LEU A 80 -5.12 4.76 5.62
N PHE A 81 -5.43 6.00 5.23
CA PHE A 81 -4.80 6.61 4.07
C PHE A 81 -3.42 7.15 4.41
N VAL A 82 -2.47 7.00 3.49
CA VAL A 82 -1.11 7.47 3.70
C VAL A 82 -0.45 7.85 2.38
N LYS A 83 0.68 8.54 2.47
CA LYS A 83 1.42 8.96 1.28
C LYS A 83 2.04 7.76 0.57
N LEU A 84 1.69 7.59 -0.70
CA LEU A 84 2.21 6.48 -1.50
C LEU A 84 3.72 6.55 -1.58
N LYS A 85 4.26 7.75 -1.59
CA LYS A 85 5.71 7.95 -1.66
C LYS A 85 6.39 7.38 -0.42
N SER A 86 5.67 7.33 0.69
CA SER A 86 6.22 6.82 1.93
C SER A 86 5.67 5.42 2.22
N CYS A 87 5.41 4.67 1.16
CA CYS A 87 4.90 3.31 1.29
C CYS A 87 5.91 2.29 0.78
N ARG A 88 6.21 1.29 1.60
CA ARG A 88 7.17 0.26 1.21
C ARG A 88 6.44 -1.03 0.80
N PRO A 89 6.90 -1.68 -0.28
CA PRO A 89 6.28 -2.91 -0.78
C PRO A 89 6.19 -3.98 0.30
N ASP A 90 5.01 -4.61 0.42
CA ASP A 90 4.79 -5.65 1.42
C ASP A 90 4.86 -7.03 0.78
N SER A 91 5.97 -7.72 1.00
CA SER A 91 6.16 -9.06 0.45
C SER A 91 5.82 -10.13 1.48
N ARG A 92 4.95 -9.79 2.43
CA ARG A 92 4.55 -10.72 3.47
C ARG A 92 3.76 -11.89 2.88
N PHE A 93 3.09 -11.65 1.76
CA PHE A 93 2.31 -12.69 1.09
C PHE A 93 2.89 -13.02 -0.27
N ALA A 94 4.20 -12.81 -0.44
CA ALA A 94 4.85 -13.09 -1.71
C ALA A 94 5.27 -14.56 -1.79
N SER A 95 4.91 -15.21 -2.89
CA SER A 95 5.25 -16.62 -3.09
C SER A 95 6.40 -16.76 -4.08
N LEU A 96 7.60 -16.99 -3.54
CA LEU A 96 8.78 -17.15 -4.37
C LEU A 96 9.90 -17.84 -3.59
N GLN A 97 10.42 -17.14 -2.59
CA GLN A 97 11.50 -17.67 -1.77
C GLN A 97 11.50 -17.01 -0.39
N PRO A 98 11.90 -17.75 0.66
CA PRO A 98 11.95 -17.23 2.03
C PRO A 98 12.77 -15.95 2.13
N SER A 99 12.27 -14.98 2.89
CA SER A 99 12.95 -13.71 3.07
C SER A 99 13.14 -13.00 1.73
N GLY A 100 13.49 -11.72 1.80
CA GLY A 100 13.69 -10.94 0.59
C GLY A 100 14.94 -11.37 -0.17
N PRO A 101 15.78 -10.42 -0.60
CA PRO A 101 17.01 -10.73 -1.34
C PRO A 101 17.84 -11.80 -0.66
N SER A 102 17.70 -11.91 0.66
CA SER A 102 18.44 -12.90 1.44
C SER A 102 19.95 -12.65 1.33
N SER A 103 20.56 -12.26 2.44
CA SER A 103 21.99 -11.99 2.47
C SER A 103 22.79 -13.29 2.58
N GLY A 104 22.36 -14.17 3.47
CA GLY A 104 23.05 -15.44 3.64
C GLY A 104 22.48 -16.53 2.75
N GLY A 1 25.36 -15.40 -19.10
CA GLY A 1 24.32 -14.37 -18.79
C GLY A 1 23.82 -14.47 -17.36
N SER A 2 23.62 -13.32 -16.72
CA SER A 2 23.13 -13.28 -15.35
C SER A 2 21.95 -12.32 -15.21
N SER A 3 20.76 -12.82 -15.49
CA SER A 3 19.54 -12.01 -15.40
C SER A 3 18.89 -12.17 -14.03
N GLY A 4 18.64 -11.04 -13.37
CA GLY A 4 18.02 -11.07 -12.06
C GLY A 4 18.24 -9.78 -11.28
N SER A 5 19.47 -9.30 -11.30
CA SER A 5 19.82 -8.08 -10.58
C SER A 5 19.86 -6.89 -11.54
N SER A 6 19.01 -6.93 -12.57
CA SER A 6 18.94 -5.85 -13.55
C SER A 6 17.83 -4.87 -13.19
N GLY A 7 18.19 -3.59 -13.16
CA GLY A 7 17.20 -2.56 -12.84
C GLY A 7 16.18 -2.37 -13.93
N LEU A 8 15.55 -1.20 -13.96
CA LEU A 8 14.55 -0.89 -14.97
C LEU A 8 13.32 -1.77 -14.78
N ALA A 9 13.04 -2.13 -13.54
CA ALA A 9 11.88 -2.98 -13.23
C ALA A 9 10.83 -2.20 -12.45
N MET A 10 10.11 -1.34 -13.15
CA MET A 10 9.06 -0.53 -12.53
C MET A 10 7.89 -0.31 -13.48
N PRO A 11 7.01 -1.31 -13.62
CA PRO A 11 5.84 -1.22 -14.51
C PRO A 11 4.94 -0.03 -14.17
N PRO A 12 4.62 0.18 -12.88
CA PRO A 12 3.76 1.28 -12.45
C PRO A 12 4.52 2.59 -12.34
N GLY A 13 5.82 2.49 -12.05
CA GLY A 13 6.64 3.68 -11.92
C GLY A 13 7.03 3.96 -10.48
N ASN A 14 7.12 2.90 -9.68
CA ASN A 14 7.50 3.03 -8.28
C ASN A 14 8.79 2.27 -7.98
N SER A 15 9.20 2.28 -6.72
CA SER A 15 10.42 1.60 -6.30
C SER A 15 10.34 0.11 -6.61
N HIS A 16 9.21 -0.49 -6.31
CA HIS A 16 9.00 -1.92 -6.55
C HIS A 16 7.70 -2.16 -7.31
N GLY A 17 6.58 -2.04 -6.59
CA GLY A 17 5.28 -2.25 -7.21
C GLY A 17 4.14 -2.15 -6.21
N LEU A 18 3.83 -0.92 -5.80
CA LEU A 18 2.75 -0.69 -4.84
C LEU A 18 1.50 -0.19 -5.56
N GLU A 19 0.53 -1.07 -5.74
CA GLU A 19 -0.72 -0.72 -6.41
C GLU A 19 -1.91 -1.32 -5.67
N VAL A 20 -3.11 -0.98 -6.12
CA VAL A 20 -4.34 -1.47 -5.51
C VAL A 20 -4.40 -3.00 -5.56
N GLY A 21 -4.84 -3.61 -4.47
CA GLY A 21 -4.93 -5.05 -4.41
C GLY A 21 -3.72 -5.69 -3.76
N SER A 22 -2.57 -5.04 -3.87
CA SER A 22 -1.34 -5.53 -3.29
C SER A 22 -1.15 -5.01 -1.88
N LEU A 23 -0.44 -5.78 -1.05
CA LEU A 23 -0.18 -5.39 0.33
C LEU A 23 1.05 -4.47 0.42
N ALA A 24 1.05 -3.58 1.41
CA ALA A 24 2.16 -2.66 1.60
C ALA A 24 2.25 -2.21 3.05
N GLU A 25 3.45 -1.80 3.47
CA GLU A 25 3.67 -1.34 4.84
C GLU A 25 4.17 0.09 4.85
N VAL A 26 3.86 0.81 5.93
CA VAL A 26 4.26 2.20 6.07
C VAL A 26 5.29 2.37 7.18
N LYS A 27 6.04 3.46 7.14
CA LYS A 27 7.07 3.74 8.14
C LYS A 27 6.51 4.61 9.26
N GLU A 28 5.32 4.25 9.74
CA GLU A 28 4.66 5.00 10.81
C GLU A 28 5.12 4.49 12.17
N ASN A 29 4.82 5.26 13.22
CA ASN A 29 5.19 4.88 14.57
C ASN A 29 4.49 3.59 14.99
N PRO A 30 3.15 3.52 14.81
CA PRO A 30 2.39 2.33 15.17
C PRO A 30 2.44 1.25 14.10
N PRO A 31 3.11 0.11 14.38
CA PRO A 31 3.24 -0.99 13.42
C PRO A 31 1.88 -1.55 13.01
N PHE A 32 1.56 -1.41 11.72
CA PHE A 32 0.29 -1.91 11.20
C PHE A 32 0.47 -2.48 9.80
N TYR A 33 -0.44 -3.35 9.40
CA TYR A 33 -0.38 -3.98 8.08
C TYR A 33 -1.72 -3.83 7.35
N GLY A 34 -1.68 -3.24 6.16
CA GLY A 34 -2.89 -3.05 5.38
C GLY A 34 -2.64 -3.18 3.89
N VAL A 35 -3.70 -3.44 3.14
CA VAL A 35 -3.60 -3.58 1.69
C VAL A 35 -4.02 -2.31 0.98
N ILE A 36 -3.36 -2.03 -0.15
CA ILE A 36 -3.67 -0.84 -0.93
C ILE A 36 -5.09 -0.90 -1.49
N ARG A 37 -5.80 0.22 -1.41
CA ARG A 37 -7.17 0.29 -1.91
C ARG A 37 -7.29 1.34 -3.01
N TRP A 38 -7.03 2.59 -2.67
CA TRP A 38 -7.11 3.69 -3.63
C TRP A 38 -5.82 4.50 -3.65
N ILE A 39 -5.33 4.79 -4.86
CA ILE A 39 -4.11 5.57 -5.02
C ILE A 39 -4.36 6.76 -5.94
N GLY A 40 -4.43 7.95 -5.36
CA GLY A 40 -4.66 9.14 -6.14
C GLY A 40 -4.36 10.41 -5.38
N GLN A 41 -4.76 11.55 -5.95
CA GLN A 41 -4.52 12.84 -5.34
C GLN A 41 -5.82 13.63 -5.21
N PRO A 42 -6.27 13.89 -3.97
CA PRO A 42 -7.52 14.64 -3.73
C PRO A 42 -7.50 16.02 -4.36
N PRO A 43 -8.68 16.62 -4.58
CA PRO A 43 -8.79 17.96 -5.18
C PRO A 43 -8.33 19.06 -4.24
N GLY A 44 -7.04 19.36 -4.27
CA GLY A 44 -6.50 20.40 -3.41
C GLY A 44 -5.02 20.23 -3.16
N LEU A 45 -4.62 19.03 -2.75
CA LEU A 45 -3.22 18.75 -2.48
C LEU A 45 -2.72 17.60 -3.35
N ASN A 46 -1.83 17.91 -4.29
CA ASN A 46 -1.27 16.89 -5.17
C ASN A 46 -0.30 16.00 -4.42
N GLU A 47 -0.72 14.76 -4.16
CA GLU A 47 0.11 13.80 -3.46
C GLU A 47 -0.46 12.40 -3.58
N VAL A 48 0.32 11.48 -4.14
CA VAL A 48 -0.12 10.10 -4.30
C VAL A 48 -0.36 9.45 -2.94
N LEU A 49 -1.63 9.38 -2.55
CA LEU A 49 -1.99 8.78 -1.27
C LEU A 49 -2.65 7.42 -1.47
N ALA A 50 -1.97 6.38 -1.02
CA ALA A 50 -2.49 5.02 -1.16
C ALA A 50 -3.28 4.61 0.08
N GLY A 51 -4.58 4.40 -0.11
CA GLY A 51 -5.44 4.00 1.00
C GLY A 51 -5.20 2.56 1.42
N LEU A 52 -4.50 2.38 2.54
CA LEU A 52 -4.21 1.04 3.05
C LEU A 52 -5.31 0.57 3.99
N GLU A 53 -5.80 -0.64 3.76
CA GLU A 53 -6.85 -1.21 4.59
C GLU A 53 -6.28 -2.13 5.65
N LEU A 54 -6.35 -1.68 6.91
CA LEU A 54 -5.83 -2.47 8.02
C LEU A 54 -6.69 -3.70 8.26
N GLU A 55 -6.04 -4.81 8.59
CA GLU A 55 -6.74 -6.06 8.85
C GLU A 55 -7.53 -5.99 10.16
N ASP A 56 -7.00 -5.22 11.11
CA ASP A 56 -7.65 -5.07 12.41
C ASP A 56 -8.43 -3.76 12.47
N GLU A 57 -9.64 -3.82 13.03
CA GLU A 57 -10.48 -2.64 13.16
C GLU A 57 -10.01 -1.74 14.30
N CYS A 58 -9.17 -0.77 13.98
CA CYS A 58 -8.64 0.15 14.98
C CYS A 58 -9.46 1.43 15.01
N ALA A 59 -9.98 1.78 16.19
CA ALA A 59 -10.77 2.98 16.36
C ALA A 59 -9.96 4.22 16.01
N GLY A 60 -10.49 5.03 15.08
CA GLY A 60 -9.81 6.24 14.67
C GLY A 60 -9.81 6.41 13.17
N CYS A 61 -9.84 5.30 12.44
CA CYS A 61 -9.84 5.35 10.98
C CYS A 61 -11.26 5.36 10.43
N THR A 62 -11.39 5.47 9.12
CA THR A 62 -12.70 5.50 8.48
C THR A 62 -12.98 4.18 7.76
N ASP A 63 -14.05 4.15 6.98
CA ASP A 63 -14.43 2.96 6.24
C ASP A 63 -14.10 3.11 4.75
N GLY A 64 -13.03 3.84 4.46
CA GLY A 64 -12.63 4.05 3.08
C GLY A 64 -12.93 5.45 2.60
N THR A 65 -12.83 6.42 3.50
CA THR A 65 -13.09 7.82 3.16
C THR A 65 -11.95 8.71 3.60
N PHE A 66 -11.44 9.52 2.68
CA PHE A 66 -10.34 10.43 2.98
C PHE A 66 -10.80 11.89 2.94
N ARG A 67 -10.82 12.52 4.10
CA ARG A 67 -11.25 13.91 4.20
C ARG A 67 -12.69 14.08 3.71
N GLY A 68 -13.52 13.08 3.99
CA GLY A 68 -14.90 13.14 3.58
C GLY A 68 -15.09 12.82 2.11
N THR A 69 -14.19 12.01 1.56
CA THR A 69 -14.26 11.62 0.16
C THR A 69 -14.10 10.12 -0.01
N ARG A 70 -15.20 9.44 -0.29
CA ARG A 70 -15.17 7.99 -0.47
C ARG A 70 -14.34 7.60 -1.69
N TYR A 71 -13.39 6.70 -1.50
CA TYR A 71 -12.53 6.25 -2.59
C TYR A 71 -12.81 4.79 -2.93
N PHE A 72 -12.98 3.96 -1.90
CA PHE A 72 -13.24 2.55 -2.09
C PHE A 72 -14.27 2.04 -1.08
N THR A 73 -14.58 0.76 -1.15
CA THR A 73 -15.54 0.15 -0.23
C THR A 73 -14.86 -0.86 0.68
N CYS A 74 -14.75 -0.52 1.96
CA CYS A 74 -14.12 -1.40 2.94
C CYS A 74 -14.88 -1.37 4.26
N ALA A 75 -14.50 -2.25 5.18
CA ALA A 75 -15.14 -2.33 6.48
C ALA A 75 -14.96 -1.03 7.26
N LEU A 76 -15.48 -1.01 8.49
CA LEU A 76 -15.38 0.16 9.34
C LEU A 76 -14.09 0.13 10.16
N LYS A 77 -13.44 1.28 10.27
CA LYS A 77 -12.19 1.39 11.02
C LYS A 77 -11.10 0.50 10.41
N LYS A 78 -11.05 0.47 9.09
CA LYS A 78 -10.06 -0.32 8.38
C LYS A 78 -9.60 0.38 7.11
N ALA A 79 -9.45 1.69 7.19
CA ALA A 79 -9.01 2.49 6.04
C ALA A 79 -8.06 3.60 6.48
N LEU A 80 -6.76 3.36 6.30
CA LEU A 80 -5.75 4.34 6.67
C LEU A 80 -5.06 4.89 5.43
N PHE A 81 -5.34 6.15 5.11
CA PHE A 81 -4.74 6.80 3.95
C PHE A 81 -3.38 7.38 4.29
N VAL A 82 -2.42 7.21 3.39
CA VAL A 82 -1.07 7.72 3.60
C VAL A 82 -0.34 7.92 2.28
N LYS A 83 0.79 8.62 2.33
CA LYS A 83 1.58 8.88 1.14
C LYS A 83 2.14 7.59 0.56
N LEU A 84 1.83 7.32 -0.70
CA LEU A 84 2.30 6.12 -1.38
C LEU A 84 3.83 6.07 -1.39
N LYS A 85 4.46 7.25 -1.42
CA LYS A 85 5.91 7.33 -1.43
C LYS A 85 6.50 6.77 -0.15
N SER A 86 5.74 6.83 0.93
CA SER A 86 6.20 6.32 2.22
C SER A 86 5.68 4.92 2.47
N CYS A 87 5.52 4.14 1.40
CA CYS A 87 5.03 2.78 1.50
C CYS A 87 6.09 1.77 1.06
N ARG A 88 6.03 0.57 1.60
CA ARG A 88 6.98 -0.48 1.26
C ARG A 88 6.27 -1.79 0.95
N PRO A 89 6.80 -2.58 0.00
CA PRO A 89 6.21 -3.87 -0.39
C PRO A 89 6.00 -4.79 0.82
N ASP A 90 4.79 -5.30 0.96
CA ASP A 90 4.47 -6.20 2.06
C ASP A 90 4.41 -7.65 1.59
N SER A 91 5.41 -8.43 1.98
CA SER A 91 5.47 -9.84 1.59
C SER A 91 4.96 -10.74 2.71
N ARG A 92 4.01 -10.22 3.48
CA ARG A 92 3.44 -10.97 4.60
C ARG A 92 2.66 -12.18 4.10
N PHE A 93 2.01 -12.03 2.94
CA PHE A 93 1.24 -13.11 2.35
C PHE A 93 1.84 -13.55 1.02
N ALA A 94 3.15 -13.40 0.90
CA ALA A 94 3.86 -13.78 -0.32
C ALA A 94 4.59 -15.11 -0.13
N SER A 95 4.27 -16.09 -0.97
CA SER A 95 4.89 -17.40 -0.89
C SER A 95 6.05 -17.51 -1.89
N LEU A 96 7.27 -17.62 -1.36
CA LEU A 96 8.45 -17.74 -2.19
C LEU A 96 9.20 -19.03 -1.90
N GLN A 97 9.33 -19.36 -0.62
CA GLN A 97 10.02 -20.57 -0.21
C GLN A 97 10.03 -20.70 1.32
N PRO A 98 10.63 -19.73 2.01
CA PRO A 98 10.70 -19.75 3.48
C PRO A 98 9.36 -19.43 4.13
N SER A 99 9.11 -20.04 5.29
CA SER A 99 7.85 -19.82 6.00
C SER A 99 8.05 -20.04 7.50
N GLY A 100 7.22 -19.39 8.30
CA GLY A 100 7.31 -19.52 9.74
C GLY A 100 5.99 -19.25 10.44
N PRO A 101 5.05 -20.20 10.40
CA PRO A 101 3.73 -20.04 11.04
C PRO A 101 3.85 -19.63 12.51
N SER A 102 2.85 -18.92 13.00
CA SER A 102 2.83 -18.46 14.39
C SER A 102 1.63 -19.03 15.14
N SER A 103 1.75 -19.13 16.45
CA SER A 103 0.68 -19.65 17.28
C SER A 103 0.69 -19.01 18.67
N GLY A 104 1.07 -17.73 18.72
CA GLY A 104 1.12 -17.04 19.99
C GLY A 104 2.32 -16.11 20.08
N GLY A 1 21.92 -10.79 2.79
CA GLY A 1 20.62 -10.06 2.76
C GLY A 1 19.94 -10.05 4.11
N SER A 2 20.73 -9.98 5.17
CA SER A 2 20.20 -9.95 6.53
C SER A 2 19.76 -8.54 6.92
N SER A 3 20.50 -7.54 6.42
CA SER A 3 20.20 -6.15 6.72
C SER A 3 20.93 -5.22 5.75
N GLY A 4 20.30 -4.97 4.61
CA GLY A 4 20.90 -4.09 3.62
C GLY A 4 19.91 -3.63 2.57
N SER A 5 20.30 -2.62 1.81
CA SER A 5 19.44 -2.08 0.75
C SER A 5 20.23 -1.80 -0.52
N SER A 6 19.55 -1.87 -1.65
CA SER A 6 20.19 -1.63 -2.94
C SER A 6 19.19 -1.08 -3.96
N GLY A 7 18.04 -1.74 -4.06
CA GLY A 7 17.02 -1.30 -4.99
C GLY A 7 16.07 -0.29 -4.38
N LEU A 8 14.77 -0.58 -4.47
CA LEU A 8 13.75 0.31 -3.92
C LEU A 8 13.73 1.64 -4.67
N ALA A 9 14.08 1.60 -5.95
CA ALA A 9 14.11 2.80 -6.78
C ALA A 9 13.95 2.46 -8.25
N MET A 10 12.78 2.75 -8.80
CA MET A 10 12.50 2.49 -10.20
C MET A 10 12.41 3.79 -11.00
N PRO A 11 13.03 3.83 -12.20
CA PRO A 11 13.00 5.03 -13.04
C PRO A 11 11.59 5.52 -13.30
N PRO A 12 10.64 4.62 -13.63
CA PRO A 12 9.25 4.99 -13.90
C PRO A 12 8.57 5.55 -12.65
N GLY A 13 9.11 5.22 -11.49
CA GLY A 13 8.54 5.71 -10.24
C GLY A 13 8.27 4.58 -9.26
N ASN A 14 7.95 4.95 -8.02
CA ASN A 14 7.67 3.96 -6.98
C ASN A 14 8.88 3.08 -6.73
N SER A 15 8.73 2.11 -5.83
CA SER A 15 9.80 1.19 -5.50
C SER A 15 9.85 0.02 -6.48
N HIS A 16 8.80 -0.79 -6.47
CA HIS A 16 8.72 -1.94 -7.36
C HIS A 16 7.39 -1.96 -8.10
N GLY A 17 6.29 -1.84 -7.36
CA GLY A 17 4.98 -1.84 -7.97
C GLY A 17 3.86 -1.67 -6.94
N LEU A 18 3.75 -0.47 -6.39
CA LEU A 18 2.73 -0.19 -5.40
C LEU A 18 1.47 0.38 -6.05
N GLU A 19 0.48 -0.48 -6.28
CA GLU A 19 -0.76 -0.07 -6.90
C GLU A 19 -1.96 -0.73 -6.21
N VAL A 20 -3.16 -0.37 -6.65
CA VAL A 20 -4.38 -0.92 -6.08
C VAL A 20 -4.41 -2.45 -6.21
N GLY A 21 -4.71 -3.12 -5.11
CA GLY A 21 -4.76 -4.57 -5.12
C GLY A 21 -3.52 -5.20 -4.49
N SER A 22 -2.40 -4.51 -4.58
CA SER A 22 -1.16 -5.00 -4.02
C SER A 22 -1.02 -4.61 -2.56
N LEU A 23 -0.25 -5.40 -1.80
CA LEU A 23 -0.05 -5.14 -0.39
C LEU A 23 1.14 -4.20 -0.18
N ALA A 24 1.10 -3.43 0.90
CA ALA A 24 2.16 -2.48 1.22
C ALA A 24 2.22 -2.20 2.71
N GLU A 25 3.33 -1.61 3.15
CA GLU A 25 3.51 -1.28 4.56
C GLU A 25 3.85 0.20 4.74
N VAL A 26 3.65 0.71 5.95
CA VAL A 26 3.94 2.10 6.25
C VAL A 26 4.90 2.23 7.44
N LYS A 27 5.66 3.31 7.45
CA LYS A 27 6.61 3.56 8.53
C LYS A 27 5.95 4.28 9.70
N GLU A 28 5.94 3.63 10.86
CA GLU A 28 5.33 4.22 12.05
C GLU A 28 5.69 3.40 13.29
N ASN A 29 5.09 3.76 14.42
CA ASN A 29 5.33 3.07 15.67
C ASN A 29 4.68 1.68 15.66
N PRO A 30 3.35 1.63 15.46
CA PRO A 30 2.62 0.36 15.42
C PRO A 30 2.81 -0.40 14.11
N PRO A 31 3.55 -1.53 14.15
CA PRO A 31 3.81 -2.33 12.95
C PRO A 31 2.55 -3.01 12.43
N PHE A 32 1.89 -2.37 11.46
CA PHE A 32 0.67 -2.92 10.87
C PHE A 32 0.87 -3.22 9.39
N TYR A 33 -0.12 -3.86 8.79
CA TYR A 33 -0.06 -4.22 7.38
C TYR A 33 -1.37 -3.92 6.68
N GLY A 34 -1.30 -3.18 5.57
CA GLY A 34 -2.50 -2.83 4.83
C GLY A 34 -2.30 -2.94 3.33
N VAL A 35 -3.38 -3.19 2.61
CA VAL A 35 -3.33 -3.31 1.16
C VAL A 35 -3.79 -2.03 0.48
N ILE A 36 -3.18 -1.72 -0.67
CA ILE A 36 -3.53 -0.52 -1.41
C ILE A 36 -4.96 -0.60 -1.94
N ARG A 37 -5.71 0.48 -1.79
CA ARG A 37 -7.09 0.53 -2.27
C ARG A 37 -7.28 1.64 -3.29
N TRP A 38 -7.06 2.88 -2.88
CA TRP A 38 -7.21 4.02 -3.77
C TRP A 38 -5.93 4.85 -3.82
N ILE A 39 -5.53 5.22 -5.03
CA ILE A 39 -4.32 6.01 -5.22
C ILE A 39 -4.64 7.27 -6.03
N GLY A 40 -4.67 8.41 -5.36
CA GLY A 40 -4.97 9.65 -6.03
C GLY A 40 -4.64 10.88 -5.20
N GLN A 41 -5.07 12.05 -5.67
CA GLN A 41 -4.82 13.30 -4.97
C GLN A 41 -6.11 14.09 -4.78
N PRO A 42 -6.55 14.29 -3.53
CA PRO A 42 -7.79 15.03 -3.23
C PRO A 42 -7.77 16.44 -3.81
N PRO A 43 -8.94 17.05 -3.98
CA PRO A 43 -9.06 18.41 -4.52
C PRO A 43 -8.59 19.47 -3.53
N GLY A 44 -7.30 19.75 -3.53
CA GLY A 44 -6.75 20.75 -2.62
C GLY A 44 -5.26 20.57 -2.40
N LEU A 45 -4.86 19.35 -2.08
CA LEU A 45 -3.45 19.06 -1.83
C LEU A 45 -2.95 17.98 -2.78
N ASN A 46 -2.05 18.35 -3.68
CA ASN A 46 -1.50 17.40 -4.64
C ASN A 46 -0.52 16.46 -3.93
N GLU A 47 -0.95 15.20 -3.76
CA GLU A 47 -0.11 14.20 -3.11
C GLU A 47 -0.67 12.80 -3.34
N VAL A 48 0.12 11.93 -3.94
CA VAL A 48 -0.32 10.56 -4.20
C VAL A 48 -0.51 9.81 -2.89
N LEU A 49 -1.77 9.68 -2.47
CA LEU A 49 -2.09 8.99 -1.23
C LEU A 49 -2.73 7.63 -1.52
N ALA A 50 -2.02 6.57 -1.15
CA ALA A 50 -2.53 5.22 -1.38
C ALA A 50 -3.30 4.72 -0.16
N GLY A 51 -4.60 4.50 -0.34
CA GLY A 51 -5.43 4.02 0.75
C GLY A 51 -5.05 2.62 1.20
N LEU A 52 -4.70 2.48 2.48
CA LEU A 52 -4.32 1.19 3.02
C LEU A 52 -5.35 0.69 4.03
N GLU A 53 -5.84 -0.53 3.82
CA GLU A 53 -6.82 -1.11 4.72
C GLU A 53 -6.15 -2.00 5.76
N LEU A 54 -6.18 -1.57 7.01
CA LEU A 54 -5.58 -2.33 8.10
C LEU A 54 -6.39 -3.58 8.42
N GLU A 55 -5.71 -4.73 8.44
CA GLU A 55 -6.37 -6.00 8.72
C GLU A 55 -6.98 -5.99 10.12
N ASP A 56 -6.35 -5.27 11.03
CA ASP A 56 -6.83 -5.17 12.41
C ASP A 56 -7.82 -4.02 12.57
N GLU A 57 -8.85 -4.24 13.38
CA GLU A 57 -9.86 -3.23 13.61
C GLU A 57 -9.41 -2.25 14.69
N CYS A 58 -8.92 -1.10 14.27
CA CYS A 58 -8.45 -0.07 15.21
C CYS A 58 -9.50 1.03 15.37
N ALA A 59 -9.88 1.29 16.61
CA ALA A 59 -10.87 2.33 16.91
C ALA A 59 -10.32 3.72 16.59
N GLY A 60 -11.07 4.48 15.79
CA GLY A 60 -10.64 5.81 15.43
C GLY A 60 -10.17 5.90 13.99
N CYS A 61 -10.70 5.03 13.13
CA CYS A 61 -10.33 5.02 11.73
C CYS A 61 -11.55 5.22 10.84
N THR A 62 -11.35 5.10 9.53
CA THR A 62 -12.44 5.28 8.57
C THR A 62 -12.79 3.95 7.91
N ASP A 63 -13.75 3.99 6.98
CA ASP A 63 -14.18 2.79 6.27
C ASP A 63 -14.01 2.97 4.76
N GLY A 64 -12.99 3.73 4.38
CA GLY A 64 -12.73 3.95 2.96
C GLY A 64 -13.05 5.37 2.54
N THR A 65 -12.80 6.33 3.44
CA THR A 65 -13.05 7.74 3.15
C THR A 65 -11.92 8.62 3.67
N PHE A 66 -11.47 9.55 2.85
CA PHE A 66 -10.40 10.45 3.22
C PHE A 66 -10.90 11.89 3.34
N ARG A 67 -11.00 12.37 4.57
CA ARG A 67 -11.48 13.73 4.82
C ARG A 67 -12.87 13.94 4.24
N GLY A 68 -13.73 12.95 4.43
CA GLY A 68 -15.09 13.04 3.92
C GLY A 68 -15.16 12.81 2.42
N THR A 69 -14.23 12.02 1.90
CA THR A 69 -14.20 11.72 0.47
C THR A 69 -14.08 10.22 0.24
N ARG A 70 -15.22 9.56 0.06
CA ARG A 70 -15.24 8.12 -0.18
C ARG A 70 -14.56 7.77 -1.49
N TYR A 71 -13.57 6.88 -1.43
CA TYR A 71 -12.84 6.46 -2.60
C TYR A 71 -13.11 4.98 -2.92
N PHE A 72 -13.23 4.18 -1.87
CA PHE A 72 -13.49 2.75 -2.03
C PHE A 72 -14.34 2.22 -0.88
N THR A 73 -14.83 1.01 -1.03
CA THR A 73 -15.66 0.38 0.00
C THR A 73 -14.91 -0.74 0.70
N CYS A 74 -14.56 -0.52 1.96
CA CYS A 74 -13.84 -1.52 2.74
C CYS A 74 -14.50 -1.72 4.10
N ALA A 75 -13.90 -2.55 4.93
CA ALA A 75 -14.42 -2.84 6.26
C ALA A 75 -14.48 -1.58 7.11
N LEU A 76 -15.22 -1.63 8.21
CA LEU A 76 -15.35 -0.49 9.10
C LEU A 76 -14.18 -0.41 10.06
N LYS A 77 -13.67 0.80 10.26
CA LYS A 77 -12.54 1.01 11.17
C LYS A 77 -11.31 0.25 10.68
N LYS A 78 -11.12 0.22 9.37
CA LYS A 78 -9.98 -0.47 8.78
C LYS A 78 -9.52 0.22 7.50
N ALA A 79 -9.52 1.55 7.51
CA ALA A 79 -9.10 2.33 6.36
C ALA A 79 -8.16 3.45 6.76
N LEU A 80 -6.90 3.34 6.37
CA LEU A 80 -5.90 4.34 6.69
C LEU A 80 -5.20 4.84 5.42
N PHE A 81 -5.28 6.15 5.20
CA PHE A 81 -4.66 6.76 4.03
C PHE A 81 -3.24 7.25 4.35
N VAL A 82 -2.35 7.15 3.37
CA VAL A 82 -0.97 7.58 3.56
C VAL A 82 -0.31 7.90 2.22
N LYS A 83 0.84 8.56 2.27
CA LYS A 83 1.56 8.92 1.06
C LYS A 83 2.11 7.69 0.36
N LEU A 84 1.73 7.52 -0.90
CA LEU A 84 2.19 6.38 -1.69
C LEU A 84 3.70 6.35 -1.79
N LYS A 85 4.31 7.53 -1.85
CA LYS A 85 5.76 7.63 -1.94
C LYS A 85 6.44 7.07 -0.68
N SER A 86 5.71 7.11 0.43
CA SER A 86 6.22 6.60 1.69
C SER A 86 5.68 5.22 2.00
N CYS A 87 5.47 4.43 0.95
CA CYS A 87 4.96 3.07 1.11
C CYS A 87 6.00 2.04 0.68
N ARG A 88 5.94 0.86 1.29
CA ARG A 88 6.87 -0.21 0.98
C ARG A 88 6.14 -1.48 0.57
N PRO A 89 6.52 -2.10 -0.56
CA PRO A 89 5.88 -3.33 -1.05
C PRO A 89 5.86 -4.42 0.01
N ASP A 90 4.68 -4.99 0.25
CA ASP A 90 4.53 -6.06 1.23
C ASP A 90 4.42 -7.41 0.54
N SER A 91 5.50 -8.18 0.56
CA SER A 91 5.52 -9.50 -0.07
C SER A 91 5.29 -10.59 0.97
N ARG A 92 4.60 -10.25 2.05
CA ARG A 92 4.32 -11.21 3.12
C ARG A 92 3.42 -12.33 2.61
N PHE A 93 2.58 -12.02 1.63
CA PHE A 93 1.67 -13.00 1.07
C PHE A 93 2.08 -13.40 -0.34
N ALA A 94 3.38 -13.29 -0.63
CA ALA A 94 3.89 -13.64 -1.95
C ALA A 94 4.37 -15.09 -1.98
N SER A 95 3.86 -15.85 -2.94
CA SER A 95 4.23 -17.25 -3.08
C SER A 95 5.65 -17.39 -3.66
N LEU A 96 6.50 -18.10 -2.95
CA LEU A 96 7.88 -18.31 -3.38
C LEU A 96 8.49 -19.52 -2.70
N GLN A 97 8.32 -20.69 -3.31
CA GLN A 97 8.85 -21.93 -2.76
C GLN A 97 8.27 -22.21 -1.38
N PRO A 98 7.24 -23.07 -1.30
CA PRO A 98 6.61 -23.41 -0.03
C PRO A 98 7.48 -24.32 0.84
N SER A 99 6.90 -24.86 1.89
CA SER A 99 7.62 -25.75 2.80
C SER A 99 8.79 -25.02 3.45
N GLY A 100 9.34 -25.61 4.51
CA GLY A 100 10.46 -25.00 5.20
C GLY A 100 11.74 -25.79 5.05
N PRO A 101 12.76 -25.51 5.88
CA PRO A 101 14.04 -26.21 5.81
C PRO A 101 13.88 -27.73 5.85
N SER A 102 14.62 -28.42 5.00
CA SER A 102 14.56 -29.88 4.94
C SER A 102 15.93 -30.47 4.67
N SER A 103 16.97 -29.80 5.17
CA SER A 103 18.34 -30.26 4.99
C SER A 103 19.32 -29.36 5.73
N GLY A 104 19.80 -29.83 6.88
CA GLY A 104 20.73 -29.04 7.66
C GLY A 104 21.72 -29.91 8.43
N GLY A 1 5.93 -21.83 -9.19
CA GLY A 1 5.16 -23.09 -9.32
C GLY A 1 5.08 -23.58 -10.76
N SER A 2 6.13 -23.30 -11.53
CA SER A 2 6.18 -23.70 -12.92
C SER A 2 5.05 -23.05 -13.73
N SER A 3 5.43 -22.24 -14.71
CA SER A 3 4.45 -21.56 -15.55
C SER A 3 3.57 -20.63 -14.72
N GLY A 4 3.93 -19.36 -14.66
CA GLY A 4 3.16 -18.39 -13.89
C GLY A 4 3.33 -16.98 -14.41
N SER A 5 2.64 -16.04 -13.78
CA SER A 5 2.71 -14.63 -14.19
C SER A 5 4.02 -14.00 -13.73
N SER A 6 4.40 -14.26 -12.49
CA SER A 6 5.64 -13.71 -11.94
C SER A 6 5.60 -12.19 -11.94
N GLY A 7 6.57 -11.58 -11.26
CA GLY A 7 6.63 -10.13 -11.20
C GLY A 7 7.66 -9.56 -12.15
N LEU A 8 7.50 -8.28 -12.48
CA LEU A 8 8.44 -7.61 -13.39
C LEU A 8 9.40 -6.72 -12.61
N ALA A 9 8.93 -6.18 -11.49
CA ALA A 9 9.76 -5.31 -10.66
C ALA A 9 10.17 -4.05 -11.41
N MET A 10 9.78 -2.90 -10.88
CA MET A 10 10.11 -1.62 -11.51
C MET A 10 10.85 -0.71 -10.52
N PRO A 11 12.16 -0.93 -10.35
CA PRO A 11 12.98 -0.13 -9.43
C PRO A 11 12.96 1.35 -9.79
N PRO A 12 13.15 1.70 -11.07
CA PRO A 12 13.14 3.09 -11.52
C PRO A 12 11.87 3.82 -11.12
N GLY A 13 10.80 3.04 -10.89
CA GLY A 13 9.53 3.63 -10.51
C GLY A 13 9.15 3.31 -9.07
N ASN A 14 9.07 4.34 -8.24
CA ASN A 14 8.70 4.16 -6.83
C ASN A 14 9.77 3.35 -6.11
N SER A 15 9.72 2.03 -6.28
CA SER A 15 10.68 1.14 -5.63
C SER A 15 10.53 -0.29 -6.16
N HIS A 16 9.31 -0.79 -6.16
CA HIS A 16 9.04 -2.15 -6.64
C HIS A 16 7.75 -2.19 -7.45
N GLY A 17 6.68 -1.63 -6.89
CA GLY A 17 5.40 -1.62 -7.57
C GLY A 17 4.24 -1.35 -6.64
N LEU A 18 4.18 -0.13 -6.12
CA LEU A 18 3.11 0.26 -5.20
C LEU A 18 1.89 0.75 -5.96
N GLU A 19 0.92 -0.14 -6.16
CA GLU A 19 -0.30 0.20 -6.88
C GLU A 19 -1.51 -0.46 -6.25
N VAL A 20 -2.69 -0.14 -6.76
CA VAL A 20 -3.93 -0.71 -6.23
C VAL A 20 -3.92 -2.23 -6.32
N GLY A 21 -4.31 -2.89 -5.22
CA GLY A 21 -4.32 -4.33 -5.19
C GLY A 21 -3.08 -4.92 -4.56
N SER A 22 -1.96 -4.20 -4.67
CA SER A 22 -0.70 -4.66 -4.12
C SER A 22 -0.61 -4.32 -2.63
N LEU A 23 0.19 -5.08 -1.90
CA LEU A 23 0.36 -4.87 -0.47
C LEU A 23 1.52 -3.92 -0.20
N ALA A 24 1.45 -3.18 0.90
CA ALA A 24 2.49 -2.23 1.28
C ALA A 24 2.47 -1.96 2.78
N GLU A 25 3.58 -1.46 3.29
CA GLU A 25 3.70 -1.15 4.72
C GLU A 25 3.93 0.34 4.93
N VAL A 26 3.75 0.79 6.16
CA VAL A 26 3.93 2.20 6.51
C VAL A 26 4.85 2.36 7.71
N LYS A 27 5.76 3.32 7.62
CA LYS A 27 6.70 3.58 8.71
C LYS A 27 6.00 4.25 9.88
N GLU A 28 5.44 3.45 10.78
CA GLU A 28 4.74 3.96 11.95
C GLU A 28 5.05 3.11 13.18
N ASN A 29 4.78 3.66 14.36
CA ASN A 29 5.03 2.95 15.61
C ASN A 29 4.25 1.63 15.67
N PRO A 30 2.92 1.67 15.44
CA PRO A 30 2.09 0.47 15.46
C PRO A 30 2.27 -0.39 14.21
N PRO A 31 2.87 -1.58 14.35
CA PRO A 31 3.11 -2.49 13.23
C PRO A 31 1.81 -2.99 12.61
N PHE A 32 1.32 -2.28 11.61
CA PHE A 32 0.08 -2.65 10.93
C PHE A 32 0.33 -2.91 9.45
N TYR A 33 -0.33 -3.93 8.91
CA TYR A 33 -0.19 -4.28 7.51
C TYR A 33 -1.50 -4.06 6.75
N GLY A 34 -1.38 -3.62 5.51
CA GLY A 34 -2.56 -3.37 4.69
C GLY A 34 -2.25 -3.43 3.20
N VAL A 35 -3.30 -3.30 2.39
CA VAL A 35 -3.15 -3.33 0.94
C VAL A 35 -3.61 -2.02 0.31
N ILE A 36 -2.95 -1.63 -0.77
CA ILE A 36 -3.30 -0.39 -1.47
C ILE A 36 -4.68 -0.51 -2.11
N ARG A 37 -5.48 0.55 -1.96
CA ARG A 37 -6.83 0.57 -2.52
C ARG A 37 -6.98 1.69 -3.54
N TRP A 38 -6.90 2.93 -3.08
CA TRP A 38 -7.03 4.09 -3.94
C TRP A 38 -5.78 4.96 -3.88
N ILE A 39 -5.25 5.32 -5.04
CA ILE A 39 -4.07 6.18 -5.11
C ILE A 39 -4.37 7.43 -5.92
N GLY A 40 -4.49 8.56 -5.23
CA GLY A 40 -4.79 9.81 -5.91
C GLY A 40 -4.56 11.02 -5.02
N GLN A 41 -5.03 12.17 -5.48
CA GLN A 41 -4.87 13.41 -4.74
C GLN A 41 -6.21 14.13 -4.58
N PRO A 42 -6.71 14.27 -3.34
CA PRO A 42 -8.00 14.94 -3.07
C PRO A 42 -8.02 16.36 -3.60
N PRO A 43 -9.24 16.92 -3.81
CA PRO A 43 -9.39 18.28 -4.32
C PRO A 43 -9.02 19.33 -3.28
N GLY A 44 -7.74 19.69 -3.24
CA GLY A 44 -7.28 20.68 -2.29
C GLY A 44 -5.80 20.58 -2.01
N LEU A 45 -5.34 19.37 -1.69
CA LEU A 45 -3.93 19.14 -1.40
C LEU A 45 -3.34 18.11 -2.35
N ASN A 46 -2.41 18.55 -3.21
CA ASN A 46 -1.79 17.65 -4.16
C ASN A 46 -0.80 16.72 -3.44
N GLU A 47 -1.17 15.45 -3.32
CA GLU A 47 -0.32 14.46 -2.67
C GLU A 47 -0.82 13.06 -2.95
N VAL A 48 0.03 12.23 -3.55
CA VAL A 48 -0.33 10.85 -3.85
C VAL A 48 -0.55 10.05 -2.57
N LEU A 49 -1.81 9.87 -2.20
CA LEU A 49 -2.14 9.13 -1.00
C LEU A 49 -2.77 7.78 -1.34
N ALA A 50 -2.10 6.71 -0.95
CA ALA A 50 -2.58 5.37 -1.22
C ALA A 50 -3.42 4.84 -0.06
N GLY A 51 -4.71 4.62 -0.31
CA GLY A 51 -5.59 4.13 0.72
C GLY A 51 -5.30 2.70 1.11
N LEU A 52 -4.82 2.51 2.33
CA LEU A 52 -4.48 1.17 2.81
C LEU A 52 -5.56 0.66 3.77
N GLU A 53 -5.79 -0.65 3.76
CA GLU A 53 -6.78 -1.26 4.63
C GLU A 53 -6.12 -2.16 5.66
N LEU A 54 -6.12 -1.71 6.92
CA LEU A 54 -5.52 -2.48 8.00
C LEU A 54 -6.30 -3.77 8.25
N GLU A 55 -5.57 -4.86 8.45
CA GLU A 55 -6.18 -6.15 8.70
C GLU A 55 -6.81 -6.21 10.09
N ASP A 56 -6.20 -5.49 11.03
CA ASP A 56 -6.70 -5.45 12.40
C ASP A 56 -7.65 -4.28 12.60
N GLU A 57 -8.82 -4.56 13.16
CA GLU A 57 -9.82 -3.52 13.41
C GLU A 57 -9.36 -2.56 14.50
N CYS A 58 -8.92 -1.38 14.09
CA CYS A 58 -8.45 -0.36 15.03
C CYS A 58 -9.46 0.77 15.16
N ALA A 59 -9.73 1.16 16.40
CA ALA A 59 -10.69 2.24 16.65
C ALA A 59 -10.12 3.58 16.20
N GLY A 60 -10.95 4.37 15.52
CA GLY A 60 -10.53 5.66 15.03
C GLY A 60 -10.20 5.66 13.55
N CYS A 61 -10.86 4.76 12.81
CA CYS A 61 -10.62 4.65 11.38
C CYS A 61 -11.95 4.61 10.62
N THR A 62 -11.89 4.91 9.32
CA THR A 62 -13.09 4.90 8.48
C THR A 62 -13.21 3.58 7.73
N ASP A 63 -14.24 3.48 6.90
CA ASP A 63 -14.49 2.27 6.13
C ASP A 63 -14.17 2.51 4.64
N GLY A 64 -13.18 3.34 4.38
CA GLY A 64 -12.80 3.63 3.01
C GLY A 64 -13.19 5.03 2.59
N THR A 65 -12.88 6.01 3.44
CA THR A 65 -13.21 7.39 3.15
C THR A 65 -12.10 8.33 3.62
N PHE A 66 -11.70 9.26 2.75
CA PHE A 66 -10.65 10.21 3.08
C PHE A 66 -11.17 11.64 3.02
N ARG A 67 -11.24 12.29 4.18
CA ARG A 67 -11.72 13.66 4.26
C ARG A 67 -13.15 13.76 3.74
N GLY A 68 -13.95 12.75 4.01
CA GLY A 68 -15.34 12.74 3.57
C GLY A 68 -15.46 12.48 2.07
N THR A 69 -14.50 11.74 1.52
CA THR A 69 -14.51 11.42 0.10
C THR A 69 -14.25 9.93 -0.12
N ARG A 70 -15.32 9.16 -0.23
CA ARG A 70 -15.21 7.72 -0.45
C ARG A 70 -14.54 7.42 -1.78
N TYR A 71 -13.49 6.60 -1.73
CA TYR A 71 -12.76 6.24 -2.94
C TYR A 71 -12.95 4.76 -3.27
N PHE A 72 -12.94 3.93 -2.24
CA PHE A 72 -13.11 2.49 -2.41
C PHE A 72 -14.01 1.92 -1.32
N THR A 73 -14.42 0.66 -1.51
CA THR A 73 -15.28 0.00 -0.53
C THR A 73 -14.50 -1.05 0.26
N CYS A 74 -14.35 -0.79 1.57
CA CYS A 74 -13.62 -1.70 2.44
C CYS A 74 -14.41 -1.98 3.71
N ALA A 75 -13.82 -2.75 4.62
CA ALA A 75 -14.46 -3.09 5.88
C ALA A 75 -14.62 -1.86 6.77
N LEU A 76 -15.17 -2.06 7.95
CA LEU A 76 -15.38 -0.97 8.90
C LEU A 76 -14.21 -0.85 9.87
N LYS A 77 -13.75 0.38 10.11
CA LYS A 77 -12.64 0.62 11.00
C LYS A 77 -11.37 -0.08 10.51
N LYS A 78 -11.18 -0.09 9.20
CA LYS A 78 -10.01 -0.73 8.60
C LYS A 78 -9.56 0.02 7.35
N ALA A 79 -9.58 1.35 7.41
CA ALA A 79 -9.19 2.17 6.29
C ALA A 79 -8.24 3.28 6.73
N LEU A 80 -6.97 3.17 6.34
CA LEU A 80 -5.97 4.15 6.69
C LEU A 80 -5.28 4.71 5.45
N PHE A 81 -5.37 6.03 5.28
CA PHE A 81 -4.76 6.68 4.12
C PHE A 81 -3.37 7.21 4.47
N VAL A 82 -2.42 7.03 3.55
CA VAL A 82 -1.06 7.49 3.76
C VAL A 82 -0.42 7.92 2.45
N LYS A 83 0.70 8.63 2.54
CA LYS A 83 1.42 9.10 1.37
C LYS A 83 2.08 7.95 0.63
N LEU A 84 1.76 7.80 -0.65
CA LEU A 84 2.32 6.74 -1.47
C LEU A 84 3.84 6.83 -1.51
N LYS A 85 4.35 8.07 -1.56
CA LYS A 85 5.79 8.30 -1.60
C LYS A 85 6.46 7.81 -0.32
N SER A 86 5.69 7.76 0.77
CA SER A 86 6.21 7.31 2.05
C SER A 86 5.75 5.89 2.36
N CYS A 87 5.57 5.09 1.31
CA CYS A 87 5.14 3.71 1.48
C CYS A 87 6.29 2.73 1.20
N ARG A 88 6.19 1.55 1.78
CA ARG A 88 7.23 0.53 1.61
C ARG A 88 6.63 -0.77 1.06
N PRO A 89 7.22 -1.34 0.00
CA PRO A 89 6.74 -2.58 -0.60
C PRO A 89 6.61 -3.70 0.42
N ASP A 90 5.49 -4.41 0.38
CA ASP A 90 5.24 -5.52 1.30
C ASP A 90 5.49 -6.86 0.63
N SER A 91 6.47 -7.60 1.11
CA SER A 91 6.81 -8.91 0.55
C SER A 91 6.25 -10.03 1.43
N ARG A 92 5.15 -9.74 2.12
CA ARG A 92 4.52 -10.73 2.99
C ARG A 92 3.99 -11.92 2.19
N PHE A 93 3.62 -11.66 0.93
CA PHE A 93 3.10 -12.71 0.07
C PHE A 93 4.09 -13.08 -1.02
N ALA A 94 5.38 -12.90 -0.73
CA ALA A 94 6.43 -13.21 -1.69
C ALA A 94 7.03 -14.59 -1.41
N SER A 95 7.03 -15.44 -2.44
CA SER A 95 7.57 -16.79 -2.31
C SER A 95 9.08 -16.78 -2.44
N LEU A 96 9.76 -17.34 -1.43
CA LEU A 96 11.22 -17.39 -1.44
C LEU A 96 11.82 -15.99 -1.49
N GLN A 97 11.97 -15.37 -0.32
CA GLN A 97 12.53 -14.02 -0.23
C GLN A 97 14.04 -14.05 -0.42
N PRO A 98 14.61 -13.00 -1.04
CA PRO A 98 16.05 -12.92 -1.28
C PRO A 98 16.86 -13.12 -0.01
N SER A 99 17.87 -13.96 -0.08
CA SER A 99 18.73 -14.24 1.07
C SER A 99 19.86 -15.19 0.70
N GLY A 100 20.40 -15.02 -0.50
CA GLY A 100 21.48 -15.86 -0.97
C GLY A 100 21.06 -16.79 -2.09
N PRO A 101 21.68 -17.97 -2.20
CA PRO A 101 21.34 -18.95 -3.25
C PRO A 101 19.95 -19.55 -3.07
N SER A 102 18.95 -18.89 -3.64
CA SER A 102 17.58 -19.36 -3.56
C SER A 102 17.31 -20.48 -4.55
N SER A 103 17.54 -20.21 -5.82
CA SER A 103 17.33 -21.19 -6.88
C SER A 103 18.66 -21.81 -7.32
N GLY A 104 18.57 -22.85 -8.14
CA GLY A 104 19.77 -23.51 -8.62
C GLY A 104 19.62 -24.02 -10.04
N GLY A 1 12.87 14.12 -30.18
CA GLY A 1 13.97 14.81 -29.46
C GLY A 1 13.97 14.53 -27.97
N SER A 2 13.98 13.25 -27.61
CA SER A 2 13.98 12.85 -26.21
C SER A 2 15.40 12.57 -25.74
N SER A 3 15.91 13.44 -24.87
CA SER A 3 17.25 13.29 -24.33
C SER A 3 17.37 13.94 -22.95
N GLY A 4 17.69 13.13 -21.94
CA GLY A 4 17.83 13.66 -20.60
C GLY A 4 16.61 13.36 -19.74
N SER A 5 16.39 12.07 -19.46
CA SER A 5 15.25 11.67 -18.64
C SER A 5 15.51 10.31 -18.01
N SER A 6 15.93 10.30 -16.74
CA SER A 6 16.20 9.08 -16.03
C SER A 6 16.00 9.25 -14.52
N GLY A 7 15.73 8.15 -13.83
CA GLY A 7 15.52 8.22 -12.39
C GLY A 7 16.69 7.66 -11.61
N LEU A 8 16.43 7.29 -10.35
CA LEU A 8 17.48 6.75 -9.50
C LEU A 8 17.39 5.23 -9.41
N ALA A 9 16.47 4.74 -8.59
CA ALA A 9 16.27 3.31 -8.41
C ALA A 9 14.79 2.97 -8.30
N MET A 10 14.01 3.37 -9.30
CA MET A 10 12.59 3.10 -9.32
C MET A 10 12.10 2.82 -10.74
N PRO A 11 12.30 1.58 -11.22
CA PRO A 11 11.88 1.18 -12.56
C PRO A 11 10.39 1.46 -12.83
N PRO A 12 9.51 1.11 -11.87
CA PRO A 12 8.07 1.34 -12.02
C PRO A 12 7.67 2.77 -11.68
N GLY A 13 8.44 3.40 -10.81
CA GLY A 13 8.15 4.76 -10.41
C GLY A 13 7.83 4.89 -8.93
N ASN A 14 7.28 3.82 -8.36
CA ASN A 14 6.93 3.80 -6.95
C ASN A 14 7.97 3.04 -6.13
N SER A 15 8.19 1.78 -6.48
CA SER A 15 9.16 0.95 -5.79
C SER A 15 9.38 -0.37 -6.53
N HIS A 16 8.29 -1.05 -6.84
CA HIS A 16 8.36 -2.33 -7.56
C HIS A 16 7.01 -2.67 -8.18
N GLY A 17 5.96 -2.53 -7.40
CA GLY A 17 4.62 -2.84 -7.90
C GLY A 17 3.55 -2.54 -6.88
N LEU A 18 3.71 -1.47 -6.12
CA LEU A 18 2.75 -1.08 -5.10
C LEU A 18 1.52 -0.43 -5.73
N GLU A 19 0.44 -1.19 -5.84
CA GLU A 19 -0.80 -0.69 -6.43
C GLU A 19 -2.01 -1.29 -5.73
N VAL A 20 -3.20 -0.90 -6.18
CA VAL A 20 -4.44 -1.39 -5.59
C VAL A 20 -4.54 -2.91 -5.72
N GLY A 21 -4.88 -3.57 -4.62
CA GLY A 21 -5.00 -5.02 -4.64
C GLY A 21 -3.82 -5.71 -3.96
N SER A 22 -2.64 -5.12 -4.09
CA SER A 22 -1.44 -5.67 -3.50
C SER A 22 -1.20 -5.08 -2.11
N LEU A 23 -0.78 -5.92 -1.18
CA LEU A 23 -0.51 -5.49 0.19
C LEU A 23 0.70 -4.55 0.24
N ALA A 24 0.64 -3.57 1.12
CA ALA A 24 1.73 -2.60 1.27
C ALA A 24 1.90 -2.19 2.72
N GLU A 25 3.14 -1.90 3.11
CA GLU A 25 3.43 -1.49 4.48
C GLU A 25 3.88 -0.04 4.52
N VAL A 26 3.55 0.64 5.63
CA VAL A 26 3.91 2.04 5.79
C VAL A 26 5.03 2.19 6.81
N LYS A 27 5.75 3.31 6.74
CA LYS A 27 6.85 3.59 7.66
C LYS A 27 6.42 4.54 8.76
N GLU A 28 5.65 4.04 9.71
CA GLU A 28 5.17 4.85 10.82
C GLU A 28 5.66 4.29 12.15
N ASN A 29 5.11 4.82 13.25
CA ASN A 29 5.50 4.38 14.59
C ASN A 29 4.87 3.02 14.90
N PRO A 30 3.53 2.93 14.86
CA PRO A 30 2.81 1.68 15.14
C PRO A 30 2.84 0.71 13.95
N PRO A 31 3.55 -0.42 14.07
CA PRO A 31 3.64 -1.41 13.00
C PRO A 31 2.28 -1.99 12.63
N PHE A 32 1.68 -1.44 11.58
CA PHE A 32 0.37 -1.89 11.12
C PHE A 32 0.44 -2.40 9.69
N TYR A 33 -0.43 -3.34 9.35
CA TYR A 33 -0.46 -3.91 8.01
C TYR A 33 -1.79 -3.62 7.32
N GLY A 34 -1.78 -3.65 5.99
CA GLY A 34 -2.99 -3.37 5.24
C GLY A 34 -2.81 -3.60 3.75
N VAL A 35 -3.86 -3.34 2.98
CA VAL A 35 -3.80 -3.53 1.53
C VAL A 35 -4.19 -2.24 0.80
N ILE A 36 -3.53 -1.98 -0.32
CA ILE A 36 -3.80 -0.79 -1.11
C ILE A 36 -5.21 -0.82 -1.68
N ARG A 37 -5.87 0.33 -1.68
CA ARG A 37 -7.23 0.44 -2.21
C ARG A 37 -7.33 1.53 -3.26
N TRP A 38 -7.09 2.78 -2.85
CA TRP A 38 -7.15 3.92 -3.76
C TRP A 38 -5.83 4.67 -3.78
N ILE A 39 -5.35 4.97 -4.99
CA ILE A 39 -4.11 5.70 -5.15
C ILE A 39 -4.33 6.95 -6.00
N GLY A 40 -4.31 8.11 -5.35
CA GLY A 40 -4.52 9.36 -6.06
C GLY A 40 -4.11 10.57 -5.25
N GLN A 41 -4.48 11.75 -5.75
CA GLN A 41 -4.14 13.00 -5.07
C GLN A 41 -5.40 13.85 -4.87
N PRO A 42 -5.81 14.08 -3.61
CA PRO A 42 -7.00 14.87 -3.29
C PRO A 42 -6.92 16.28 -3.87
N PRO A 43 -8.08 16.95 -4.03
CA PRO A 43 -8.13 18.31 -4.57
C PRO A 43 -7.59 19.35 -3.59
N GLY A 44 -6.28 19.57 -3.65
CA GLY A 44 -5.66 20.54 -2.77
C GLY A 44 -4.18 20.29 -2.57
N LEU A 45 -3.84 19.05 -2.22
CA LEU A 45 -2.44 18.68 -2.00
C LEU A 45 -2.03 17.55 -2.93
N ASN A 46 -1.13 17.85 -3.87
CA ASN A 46 -0.67 16.84 -4.81
C ASN A 46 0.27 15.87 -4.12
N GLU A 47 -0.21 14.65 -3.91
CA GLU A 47 0.58 13.61 -3.26
C GLU A 47 -0.07 12.24 -3.43
N VAL A 48 0.65 11.31 -4.04
CA VAL A 48 0.13 9.97 -4.25
C VAL A 48 -0.13 9.28 -2.92
N LEU A 49 -1.40 9.26 -2.51
CA LEU A 49 -1.79 8.63 -1.26
C LEU A 49 -2.50 7.31 -1.51
N ALA A 50 -1.88 6.22 -1.09
CA ALA A 50 -2.47 4.90 -1.27
C ALA A 50 -3.30 4.49 -0.07
N GLY A 51 -4.60 4.35 -0.27
CA GLY A 51 -5.49 3.97 0.81
C GLY A 51 -5.25 2.55 1.29
N LEU A 52 -4.83 2.41 2.54
CA LEU A 52 -4.56 1.10 3.12
C LEU A 52 -5.66 0.69 4.08
N GLU A 53 -6.09 -0.55 3.98
CA GLU A 53 -7.15 -1.07 4.85
C GLU A 53 -6.56 -1.96 5.95
N LEU A 54 -6.58 -1.46 7.18
CA LEU A 54 -6.05 -2.20 8.31
C LEU A 54 -6.91 -3.44 8.60
N GLU A 55 -6.25 -4.57 8.78
CA GLU A 55 -6.95 -5.83 9.06
C GLU A 55 -7.68 -5.75 10.39
N ASP A 56 -7.10 -5.02 11.34
CA ASP A 56 -7.70 -4.86 12.66
C ASP A 56 -8.49 -3.57 12.76
N GLU A 57 -9.68 -3.64 13.35
CA GLU A 57 -10.54 -2.47 13.51
C GLU A 57 -10.00 -1.54 14.59
N CYS A 58 -9.49 -0.39 14.16
CA CYS A 58 -8.94 0.59 15.10
C CYS A 58 -9.90 1.76 15.28
N ALA A 59 -10.14 2.13 16.54
CA ALA A 59 -11.03 3.24 16.85
C ALA A 59 -10.43 4.57 16.42
N GLY A 60 -11.16 5.31 15.59
CA GLY A 60 -10.68 6.60 15.12
C GLY A 60 -10.29 6.57 13.66
N CYS A 61 -10.93 5.69 12.89
CA CYS A 61 -10.64 5.56 11.47
C CYS A 61 -11.91 5.67 10.64
N THR A 62 -11.76 5.67 9.32
CA THR A 62 -12.90 5.77 8.42
C THR A 62 -13.17 4.43 7.73
N ASP A 63 -14.28 4.36 7.00
CA ASP A 63 -14.65 3.15 6.29
C ASP A 63 -14.30 3.25 4.80
N GLY A 64 -13.24 3.99 4.50
CA GLY A 64 -12.83 4.16 3.11
C GLY A 64 -13.08 5.56 2.60
N THR A 65 -12.77 6.55 3.43
CA THR A 65 -12.96 7.95 3.05
C THR A 65 -11.79 8.81 3.53
N PHE A 66 -11.13 9.48 2.59
CA PHE A 66 -10.00 10.33 2.91
C PHE A 66 -10.40 11.80 2.85
N ARG A 67 -10.27 12.50 3.98
CA ARG A 67 -10.62 13.91 4.04
C ARG A 67 -12.08 14.13 3.71
N GLY A 68 -12.92 13.15 4.05
CA GLY A 68 -14.33 13.25 3.78
C GLY A 68 -14.68 12.91 2.34
N THR A 69 -13.85 12.07 1.72
CA THR A 69 -14.07 11.66 0.33
C THR A 69 -13.89 10.15 0.19
N ARG A 70 -15.00 9.46 -0.11
CA ARG A 70 -14.97 8.01 -0.28
C ARG A 70 -14.36 7.64 -1.62
N TYR A 71 -13.36 6.75 -1.58
CA TYR A 71 -12.68 6.31 -2.79
C TYR A 71 -13.00 4.85 -3.09
N PHE A 72 -13.11 4.05 -2.04
CA PHE A 72 -13.40 2.63 -2.18
C PHE A 72 -14.39 2.16 -1.12
N THR A 73 -14.79 0.90 -1.19
CA THR A 73 -15.73 0.33 -0.23
C THR A 73 -15.05 -0.72 0.64
N CYS A 74 -14.93 -0.42 1.92
CA CYS A 74 -14.31 -1.34 2.87
C CYS A 74 -15.05 -1.35 4.20
N ALA A 75 -14.60 -2.21 5.12
CA ALA A 75 -15.22 -2.31 6.43
C ALA A 75 -15.14 -0.99 7.18
N LEU A 76 -15.69 -0.96 8.39
CA LEU A 76 -15.68 0.25 9.21
C LEU A 76 -14.48 0.26 10.15
N LYS A 77 -13.89 1.43 10.33
CA LYS A 77 -12.74 1.58 11.21
C LYS A 77 -11.56 0.74 10.71
N LYS A 78 -11.41 0.67 9.38
CA LYS A 78 -10.33 -0.10 8.77
C LYS A 78 -9.86 0.56 7.48
N ALA A 79 -9.81 1.89 7.48
CA ALA A 79 -9.37 2.63 6.30
C ALA A 79 -8.39 3.73 6.70
N LEU A 80 -7.11 3.50 6.42
CA LEU A 80 -6.07 4.47 6.73
C LEU A 80 -5.23 4.79 5.50
N PHE A 81 -5.35 6.03 5.03
CA PHE A 81 -4.60 6.47 3.85
C PHE A 81 -3.20 6.91 4.24
N VAL A 82 -2.26 6.77 3.30
CA VAL A 82 -0.88 7.16 3.53
C VAL A 82 -0.16 7.47 2.24
N LYS A 83 1.01 8.09 2.34
CA LYS A 83 1.80 8.45 1.16
C LYS A 83 2.34 7.20 0.48
N LEU A 84 1.93 7.00 -0.77
CA LEU A 84 2.38 5.85 -1.55
C LEU A 84 3.90 5.83 -1.68
N LYS A 85 4.50 7.01 -1.74
CA LYS A 85 5.95 7.13 -1.87
C LYS A 85 6.64 6.57 -0.64
N SER A 86 5.96 6.59 0.50
CA SER A 86 6.51 6.09 1.75
C SER A 86 5.94 4.71 2.09
N CYS A 87 5.62 3.94 1.05
CA CYS A 87 5.07 2.60 1.24
C CYS A 87 6.02 1.54 0.72
N ARG A 88 6.15 0.45 1.46
CA ARG A 88 7.03 -0.64 1.07
C ARG A 88 6.24 -1.89 0.72
N PRO A 89 6.71 -2.68 -0.27
CA PRO A 89 6.03 -3.90 -0.70
C PRO A 89 5.76 -4.85 0.46
N ASP A 90 4.51 -5.25 0.62
CA ASP A 90 4.13 -6.17 1.69
C ASP A 90 3.94 -7.58 1.16
N SER A 91 4.56 -8.55 1.82
CA SER A 91 4.46 -9.94 1.40
C SER A 91 3.25 -10.61 2.04
N ARG A 92 3.37 -10.94 3.33
CA ARG A 92 2.28 -11.59 4.07
C ARG A 92 1.78 -12.84 3.33
N PHE A 93 0.87 -12.65 2.38
CA PHE A 93 0.31 -13.75 1.61
C PHE A 93 1.18 -14.06 0.39
N ALA A 94 2.47 -14.29 0.63
CA ALA A 94 3.39 -14.58 -0.46
C ALA A 94 3.49 -16.08 -0.70
N SER A 95 3.41 -16.49 -1.96
CA SER A 95 3.49 -17.89 -2.33
C SER A 95 4.94 -18.30 -2.61
N LEU A 96 5.47 -19.18 -1.77
CA LEU A 96 6.84 -19.66 -1.92
C LEU A 96 6.86 -21.11 -2.39
N GLN A 97 7.56 -21.36 -3.49
CA GLN A 97 7.66 -22.70 -4.05
C GLN A 97 9.06 -23.27 -3.85
N PRO A 98 9.16 -24.54 -3.40
CA PRO A 98 10.45 -25.20 -3.18
C PRO A 98 11.36 -25.13 -4.40
N SER A 99 10.91 -25.73 -5.50
CA SER A 99 11.68 -25.74 -6.74
C SER A 99 13.00 -26.49 -6.55
N GLY A 100 13.98 -25.81 -5.97
CA GLY A 100 15.28 -26.43 -5.75
C GLY A 100 16.39 -25.74 -6.53
N PRO A 101 16.78 -26.30 -7.69
CA PRO A 101 17.84 -25.72 -8.52
C PRO A 101 17.39 -24.45 -9.23
N SER A 102 18.20 -23.40 -9.14
CA SER A 102 17.89 -22.13 -9.77
C SER A 102 19.01 -21.13 -9.57
N SER A 103 19.34 -20.85 -8.31
CA SER A 103 20.41 -19.90 -7.99
C SER A 103 21.62 -20.63 -7.41
N GLY A 104 21.47 -21.15 -6.20
CA GLY A 104 22.56 -21.86 -5.56
C GLY A 104 22.44 -23.37 -5.73
#